data_3PNQ
#
_entry.id   3PNQ
#
_cell.length_a   82.232
_cell.length_b   101.073
_cell.length_c   99.349
_cell.angle_alpha   90.000
_cell.angle_beta   89.950
_cell.angle_gamma   90.000
#
_symmetry.space_group_name_H-M   'P 1 21 1'
#
loop_
_entity.id
_entity.type
_entity.pdbx_description
1 polymer 'PTS-dependent dihydroxyacetone kinase, dihydroxyacetone-binding subunit dhaK'
2 non-polymer Dihydroxyacetone
3 water water
#
_entity_poly.entity_id   1
_entity_poly.type   'polypeptide(L)'
_entity_poly.pdbx_seq_one_letter_code
;GSKKLINDVQDVLDEQLAGLAKAHPSLTLHQDPVYVTRADAPVAGKVALLSGGGSGNEPMHCGYIGQGMLSGACPGEIFT
SPTPDKIFECAMQVDGGEGVLLIIKNYTGDILNFETATELLHDSGVKVTTVVIDDDVAVKDSLYTAGRRGVANTVLIEKL
VGAAAERGDSLDACAELGRKLNNQGHSIGIALGACTVPAAGKPSFTLADNEMEFGVGIHGEPGIDRRPFSSLDQTVDEMF
DTLLVNGSYHRTLRFWDYQQGSWQEEQQTKQPLQSGDRVIALVNNLGATPLSELYGVYNRLTTRCQQAGLTIERNLIGAY
CTSLDMTGFSITLLKVDDETLALWDAPVHTPALNWGK
;
_entity_poly.pdbx_strand_id   A,B,C,D
#
# COMPACT_ATOMS: atom_id res chain seq x y z
N ASP A 11 -14.65 -8.51 -15.99
CA ASP A 11 -13.32 -8.00 -16.45
C ASP A 11 -13.41 -6.64 -17.13
N VAL A 12 -14.42 -5.85 -16.76
CA VAL A 12 -14.64 -4.56 -17.43
C VAL A 12 -13.43 -3.64 -17.33
N LEU A 13 -12.86 -3.48 -16.12
CA LEU A 13 -11.74 -2.58 -15.86
C LEU A 13 -10.51 -2.94 -16.70
N ASP A 14 -10.22 -4.24 -16.77
CA ASP A 14 -9.17 -4.79 -17.62
C ASP A 14 -9.40 -4.50 -19.11
N GLU A 15 -10.62 -4.76 -19.59
CA GLU A 15 -10.99 -4.44 -20.98
C GLU A 15 -10.81 -2.96 -21.29
N GLN A 16 -11.18 -2.10 -20.32
CA GLN A 16 -11.05 -0.66 -20.47
C GLN A 16 -9.60 -0.24 -20.65
N LEU A 17 -8.71 -0.76 -19.80
CA LEU A 17 -7.28 -0.43 -19.89
C LEU A 17 -6.67 -1.01 -21.17
N ALA A 18 -7.08 -2.22 -21.55
CA ALA A 18 -6.67 -2.77 -22.85
C ALA A 18 -7.14 -1.90 -24.01
N GLY A 19 -8.35 -1.34 -23.91
CA GLY A 19 -8.85 -0.40 -24.90
C GLY A 19 -7.94 0.82 -25.02
N LEU A 20 -7.51 1.35 -23.88
CA LEU A 20 -6.64 2.51 -23.83
C LEU A 20 -5.28 2.24 -24.46
N ALA A 21 -4.61 1.13 -24.09
CA ALA A 21 -3.34 0.76 -24.75
C ALA A 21 -3.52 0.55 -26.26
N LYS A 22 -4.60 -0.11 -26.66
CA LYS A 22 -4.84 -0.25 -28.12
C LYS A 22 -5.05 1.08 -28.85
N ALA A 23 -5.74 2.04 -28.22
CA ALA A 23 -6.09 3.32 -28.86
C ALA A 23 -4.92 4.27 -28.92
N HIS A 24 -3.96 4.06 -28.02
CA HIS A 24 -2.85 4.97 -27.83
C HIS A 24 -1.49 4.27 -27.81
N PRO A 25 -0.94 4.00 -29.01
CA PRO A 25 0.34 3.34 -29.08
C PRO A 25 1.46 4.12 -28.38
N SER A 26 1.24 5.39 -28.06
CA SER A 26 2.22 6.16 -27.30
C SER A 26 2.23 5.85 -25.80
N LEU A 27 1.31 4.99 -25.35
CA LEU A 27 1.27 4.54 -23.97
C LEU A 27 1.64 3.06 -23.88
N THR A 28 2.30 2.69 -22.79
CA THR A 28 2.50 1.27 -22.45
C THR A 28 1.66 0.88 -21.26
N LEU A 29 0.84 -0.15 -21.44
CA LEU A 29 0.11 -0.75 -20.34
C LEU A 29 1.01 -1.81 -19.68
N HIS A 30 1.45 -1.58 -18.45
CA HIS A 30 2.19 -2.64 -17.74
C HIS A 30 1.25 -3.59 -16.99
N GLN A 31 1.66 -4.85 -16.87
CA GLN A 31 0.87 -5.87 -16.15
C GLN A 31 1.74 -6.45 -15.03
N ASP A 32 1.09 -6.75 -13.90
CA ASP A 32 1.74 -7.40 -12.76
C ASP A 32 2.91 -6.62 -12.13
N PRO A 33 2.65 -5.41 -11.58
CA PRO A 33 1.35 -4.78 -11.36
C PRO A 33 0.88 -3.89 -12.52
N VAL A 34 -0.37 -3.44 -12.44
CA VAL A 34 -0.97 -2.66 -13.49
C VAL A 34 -0.69 -1.17 -13.32
N TYR A 35 -0.07 -0.59 -14.34
CA TYR A 35 0.10 0.86 -14.38
C TYR A 35 0.33 1.30 -15.83
N VAL A 36 0.26 2.60 -16.07
CA VAL A 36 0.48 3.08 -17.43
C VAL A 36 1.63 4.08 -17.48
N THR A 37 2.46 3.97 -18.51
CA THR A 37 3.52 4.95 -18.75
C THR A 37 3.54 5.40 -20.21
N ARG A 38 4.29 6.48 -20.48
CA ARG A 38 4.68 6.83 -21.82
C ARG A 38 5.45 5.64 -22.39
N ALA A 39 5.21 5.32 -23.66
CA ALA A 39 5.92 4.23 -24.34
C ALA A 39 7.44 4.44 -24.38
N ASP A 40 7.88 5.68 -24.31
CA ASP A 40 9.32 5.95 -24.26
C ASP A 40 9.86 6.16 -22.83
N ALA A 41 9.07 5.83 -21.81
CA ALA A 41 9.57 5.86 -20.43
C ALA A 41 10.54 4.69 -20.19
N PRO A 42 11.65 4.94 -19.47
CA PRO A 42 12.02 6.19 -18.81
C PRO A 42 12.57 7.26 -19.77
N VAL A 43 12.13 8.50 -19.61
CA VAL A 43 12.62 9.56 -20.46
C VAL A 43 13.79 10.27 -19.79
N ALA A 44 14.99 9.97 -20.25
CA ALA A 44 16.18 10.47 -19.60
C ALA A 44 16.22 11.98 -19.65
N GLY A 45 16.77 12.58 -18.61
CA GLY A 45 17.15 13.99 -18.63
C GLY A 45 16.14 14.97 -18.07
N LYS A 46 14.96 14.47 -17.70
CA LYS A 46 13.86 15.29 -17.21
C LYS A 46 13.28 14.70 -15.96
N VAL A 47 12.85 15.56 -15.06
CA VAL A 47 12.01 15.15 -13.95
C VAL A 47 10.79 14.39 -14.49
N ALA A 48 10.55 13.20 -13.94
CA ALA A 48 9.34 12.45 -14.26
C ALA A 48 8.21 12.87 -13.32
N LEU A 49 6.99 12.92 -13.86
CA LEU A 49 5.77 13.27 -13.12
C LEU A 49 4.88 12.05 -13.07
N LEU A 50 4.32 11.73 -11.91
CA LEU A 50 3.49 10.54 -11.78
C LEU A 50 2.32 10.95 -10.91
N SER A 51 1.14 10.39 -11.16
CA SER A 51 -0.02 10.58 -10.31
C SER A 51 -0.85 9.31 -10.33
N GLY A 52 -2.03 9.35 -9.75
CA GLY A 52 -2.90 8.16 -9.80
C GLY A 52 -4.06 8.34 -8.86
N GLY A 53 -5.00 7.41 -8.89
CA GLY A 53 -6.18 7.49 -8.03
C GLY A 53 -7.15 6.45 -8.51
N GLY A 54 -8.35 6.47 -7.94
CA GLY A 54 -9.36 5.51 -8.35
C GLY A 54 -9.74 5.61 -9.82
N SER A 55 -10.15 4.50 -10.44
CA SER A 55 -10.85 4.59 -11.73
C SER A 55 -12.11 5.40 -11.52
N GLY A 56 -12.63 5.98 -12.60
CA GLY A 56 -13.94 6.62 -12.59
C GLY A 56 -13.88 8.13 -12.71
N ASN A 57 -12.64 8.66 -12.79
CA ASN A 57 -12.41 10.09 -12.99
C ASN A 57 -11.79 10.41 -14.34
N GLU A 58 -11.93 9.48 -15.27
CA GLU A 58 -11.32 9.59 -16.58
C GLU A 58 -11.79 10.88 -17.29
N PRO A 59 -10.86 11.58 -17.97
CA PRO A 59 -9.55 11.10 -18.41
C PRO A 59 -8.45 11.19 -17.37
N MET A 60 -8.76 11.71 -16.18
CA MET A 60 -7.84 11.70 -15.02
C MET A 60 -7.71 10.27 -14.46
N HIS A 61 -6.50 9.69 -14.46
CA HIS A 61 -5.27 10.35 -14.87
C HIS A 61 -4.64 9.87 -16.18
N CYS A 62 -5.07 8.73 -16.70
CA CYS A 62 -4.33 8.11 -17.80
C CYS A 62 -4.38 8.88 -19.13
N GLY A 63 -5.33 9.80 -19.26
CA GLY A 63 -5.44 10.63 -20.44
C GLY A 63 -4.48 11.79 -20.39
N TYR A 64 -3.81 11.97 -19.25
CA TYR A 64 -2.79 12.99 -19.09
C TYR A 64 -1.32 12.50 -19.20
N ILE A 65 -1.13 11.29 -19.72
CA ILE A 65 0.20 10.72 -19.86
C ILE A 65 0.71 11.16 -21.22
N GLY A 66 1.79 11.95 -21.21
CA GLY A 66 2.50 12.20 -22.47
C GLY A 66 3.47 13.32 -22.32
N GLN A 67 4.14 13.69 -23.41
CA GLN A 67 5.13 14.80 -23.34
C GLN A 67 4.52 16.12 -22.92
N GLY A 68 5.13 16.75 -21.90
CA GLY A 68 4.64 18.00 -21.36
C GLY A 68 3.62 17.81 -20.23
N MET A 69 3.36 16.57 -19.87
CA MET A 69 2.44 16.32 -18.75
C MET A 69 2.96 15.11 -17.96
N LEU A 70 2.12 14.10 -17.68
CA LEU A 70 2.57 12.97 -16.83
C LEU A 70 3.50 12.01 -17.55
N SER A 71 4.47 11.47 -16.84
CA SER A 71 5.25 10.36 -17.38
C SER A 71 4.57 9.00 -17.22
N GLY A 72 3.70 8.87 -16.22
CA GLY A 72 2.93 7.63 -15.97
C GLY A 72 1.80 7.85 -14.99
N ALA A 73 0.94 6.85 -14.82
CA ALA A 73 -0.19 6.97 -13.90
C ALA A 73 -0.55 5.60 -13.38
N CYS A 74 -1.16 5.57 -12.20
CA CYS A 74 -1.47 4.35 -11.48
C CYS A 74 -2.92 4.32 -11.11
N PRO A 75 -3.75 3.65 -11.92
CA PRO A 75 -5.13 3.65 -11.47
C PRO A 75 -5.43 2.59 -10.42
N GLY A 76 -6.43 2.87 -9.60
CA GLY A 76 -6.93 1.86 -8.70
C GLY A 76 -8.23 1.29 -9.21
N GLU A 77 -8.96 0.70 -8.28
CA GLU A 77 -10.31 0.24 -8.51
C GLU A 77 -11.21 1.45 -8.54
N ILE A 78 -12.48 1.22 -8.83
CA ILE A 78 -13.46 2.29 -8.87
C ILE A 78 -13.45 3.07 -7.58
N PHE A 79 -13.11 4.36 -7.71
CA PHE A 79 -12.96 5.32 -6.60
C PHE A 79 -12.00 4.93 -5.46
N THR A 80 -11.02 4.10 -5.79
CA THR A 80 -10.17 3.46 -4.79
C THR A 80 -8.70 3.65 -5.13
N SER A 81 -7.92 4.06 -4.13
CA SER A 81 -6.51 4.38 -4.31
C SER A 81 -5.73 3.24 -4.92
N PRO A 82 -4.75 3.55 -5.80
CA PRO A 82 -3.91 2.43 -6.28
C PRO A 82 -3.07 1.92 -5.11
N THR A 83 -2.86 0.61 -5.06
CA THR A 83 -2.00 -0.03 -4.05
C THR A 83 -0.54 0.40 -4.23
N PRO A 84 0.24 0.36 -3.13
CA PRO A 84 1.58 0.98 -3.21
C PRO A 84 2.57 0.30 -4.17
N ASP A 85 2.37 -0.98 -4.48
CA ASP A 85 3.20 -1.67 -5.48
C ASP A 85 3.12 -1.04 -6.88
N LYS A 86 1.93 -0.56 -7.25
CA LYS A 86 1.77 0.08 -8.56
C LYS A 86 2.59 1.37 -8.61
N ILE A 87 2.50 2.16 -7.54
CA ILE A 87 3.15 3.45 -7.45
C ILE A 87 4.65 3.27 -7.44
N PHE A 88 5.10 2.33 -6.64
CA PHE A 88 6.49 2.03 -6.53
C PHE A 88 7.07 1.58 -7.87
N GLU A 89 6.42 0.61 -8.50
CA GLU A 89 6.85 0.13 -9.81
C GLU A 89 6.75 1.19 -10.95
N CYS A 90 5.68 1.98 -10.96
CA CYS A 90 5.58 3.06 -11.96
C CYS A 90 6.70 4.06 -11.78
N ALA A 91 6.94 4.52 -10.56
CA ALA A 91 8.00 5.49 -10.30
C ALA A 91 9.36 5.01 -10.82
N MET A 92 9.69 3.76 -10.53
CA MET A 92 10.91 3.09 -11.02
C MET A 92 10.98 3.06 -12.52
N GLN A 93 9.85 2.76 -13.16
CA GLN A 93 9.77 2.71 -14.62
C GLN A 93 10.00 4.09 -15.26
N VAL A 94 9.55 5.15 -14.60
CA VAL A 94 9.57 6.51 -15.21
C VAL A 94 10.80 7.37 -14.88
N ASP A 95 11.49 7.05 -13.77
CA ASP A 95 12.65 7.82 -13.35
C ASP A 95 13.69 7.88 -14.49
N GLY A 96 14.09 9.09 -14.90
CA GLY A 96 15.11 9.26 -15.94
C GLY A 96 16.36 9.92 -15.40
N GLY A 97 16.59 9.74 -14.10
CA GLY A 97 17.82 10.16 -13.44
C GLY A 97 17.71 11.52 -12.78
N GLU A 98 16.59 12.21 -13.03
CA GLU A 98 16.41 13.54 -12.49
C GLU A 98 15.37 13.52 -11.36
N GLY A 99 14.92 12.32 -11.00
CA GLY A 99 13.97 12.17 -9.91
C GLY A 99 12.52 12.10 -10.37
N VAL A 100 11.64 11.86 -9.40
CA VAL A 100 10.22 11.62 -9.67
C VAL A 100 9.41 12.49 -8.73
N LEU A 101 8.47 13.23 -9.31
CA LEU A 101 7.58 14.06 -8.53
C LEU A 101 6.23 13.37 -8.50
N LEU A 102 5.77 13.03 -7.32
CA LEU A 102 4.46 12.38 -7.17
C LEU A 102 3.40 13.41 -6.85
N ILE A 103 2.36 13.45 -7.68
CA ILE A 103 1.24 14.36 -7.45
C ILE A 103 0.08 13.59 -6.83
N ILE A 104 -0.44 14.08 -5.71
CA ILE A 104 -1.39 13.31 -4.91
C ILE A 104 -2.61 14.14 -4.54
N LYS A 105 -3.79 13.62 -4.86
CA LYS A 105 -5.04 14.27 -4.49
C LYS A 105 -5.37 13.87 -3.09
N ASN A 106 -5.90 14.80 -2.33
CA ASN A 106 -6.11 14.62 -0.90
C ASN A 106 -7.31 13.70 -0.52
N TYR A 107 -7.05 12.40 -0.48
CA TYR A 107 -7.96 11.40 0.06
C TYR A 107 -7.14 10.52 1.03
N THR A 108 -7.73 9.98 2.10
CA THR A 108 -6.91 9.23 3.09
C THR A 108 -6.17 8.02 2.51
N GLY A 109 -6.85 7.23 1.69
CA GLY A 109 -6.23 6.10 0.97
C GLY A 109 -5.14 6.52 -0.03
N ASP A 110 -5.35 7.65 -0.70
CA ASP A 110 -4.31 8.21 -1.61
C ASP A 110 -3.08 8.69 -0.87
N ILE A 111 -3.31 9.44 0.20
CA ILE A 111 -2.24 9.90 1.09
C ILE A 111 -1.39 8.70 1.57
N LEU A 112 -2.03 7.71 2.19
CA LEU A 112 -1.31 6.55 2.78
C LEU A 112 -0.45 5.76 1.78
N ASN A 113 -1.05 5.41 0.65
CA ASN A 113 -0.42 4.53 -0.34
C ASN A 113 0.70 5.25 -1.06
N PHE A 114 0.50 6.54 -1.35
CA PHE A 114 1.56 7.38 -1.90
C PHE A 114 2.69 7.62 -0.94
N GLU A 115 2.36 7.82 0.32
CA GLU A 115 3.36 7.94 1.36
C GLU A 115 4.21 6.67 1.46
N THR A 116 3.57 5.52 1.32
CA THR A 116 4.25 4.23 1.56
C THR A 116 5.27 4.02 0.46
N ALA A 117 4.82 4.32 -0.77
CA ALA A 117 5.63 4.22 -1.96
C ALA A 117 6.74 5.26 -2.00
N THR A 118 6.46 6.51 -1.68
CA THR A 118 7.47 7.60 -1.63
C THR A 118 8.66 7.31 -0.71
N GLU A 119 8.35 6.84 0.48
CA GLU A 119 9.40 6.51 1.44
C GLU A 119 10.23 5.32 0.94
N LEU A 120 9.59 4.29 0.42
CA LEU A 120 10.34 3.10 0.01
C LEU A 120 11.21 3.43 -1.19
N LEU A 121 10.68 4.27 -2.10
CA LEU A 121 11.42 4.77 -3.28
C LEU A 121 12.71 5.54 -2.94
N HIS A 122 12.60 6.43 -1.98
CA HIS A 122 13.75 7.17 -1.46
C HIS A 122 14.82 6.18 -0.96
N ASP A 123 14.38 5.16 -0.24
CA ASP A 123 15.30 4.13 0.32
C ASP A 123 15.84 3.20 -0.76
N SER A 124 15.18 3.18 -1.90
CA SER A 124 15.67 2.37 -3.01
C SER A 124 16.50 3.20 -3.98
N GLY A 125 16.92 4.38 -3.54
CA GLY A 125 17.78 5.25 -4.35
C GLY A 125 17.13 6.18 -5.37
N VAL A 126 15.81 6.37 -5.30
CA VAL A 126 15.15 7.31 -6.22
C VAL A 126 14.95 8.66 -5.57
N LYS A 127 15.44 9.72 -6.25
CA LYS A 127 15.18 11.10 -5.83
C LYS A 127 13.69 11.40 -6.04
N VAL A 128 13.01 11.78 -4.97
CA VAL A 128 11.57 11.82 -4.98
C VAL A 128 11.06 12.91 -4.06
N THR A 129 10.04 13.63 -4.51
CA THR A 129 9.23 14.38 -3.57
C THR A 129 7.76 14.45 -4.03
N THR A 130 6.96 15.21 -3.29
CA THR A 130 5.52 15.12 -3.41
C THR A 130 4.86 16.50 -3.50
N VAL A 131 3.71 16.54 -4.19
CA VAL A 131 2.83 17.72 -4.19
C VAL A 131 1.40 17.18 -3.85
N VAL A 132 0.76 17.74 -2.82
CA VAL A 132 -0.60 17.32 -2.42
C VAL A 132 -1.63 18.35 -3.00
N ILE A 133 -2.75 17.87 -3.56
CA ILE A 133 -3.81 18.71 -4.10
C ILE A 133 -5.06 18.70 -3.21
N ASP A 134 -5.45 19.88 -2.74
CA ASP A 134 -6.63 20.07 -1.88
C ASP A 134 -7.43 21.32 -2.30
N ASP A 135 -7.91 21.30 -3.53
CA ASP A 135 -8.55 22.50 -4.11
C ASP A 135 -10.07 22.66 -3.85
N ASP A 136 -10.78 21.55 -3.60
CA ASP A 136 -12.25 21.58 -3.41
C ASP A 136 -12.59 22.43 -2.20
N VAL A 137 -13.10 23.64 -2.41
CA VAL A 137 -13.44 24.56 -1.30
C VAL A 137 -14.70 24.14 -0.49
N ALA A 138 -15.44 23.15 -0.95
CA ALA A 138 -16.78 22.93 -0.42
C ALA A 138 -16.78 22.53 1.05
N VAL A 139 -16.05 21.43 1.36
CA VAL A 139 -16.23 20.70 2.63
C VAL A 139 -14.91 20.31 3.29
N LYS A 140 -14.81 20.55 4.58
CA LYS A 140 -13.67 20.08 5.35
C LYS A 140 -13.99 18.68 5.88
N ASP A 141 -13.07 17.75 5.71
CA ASP A 141 -13.20 16.37 6.23
C ASP A 141 -14.42 15.64 5.67
N SER A 142 -14.44 15.39 4.37
CA SER A 142 -15.52 14.62 3.75
C SER A 142 -15.41 13.13 4.14
N LEU A 143 -16.07 12.22 3.42
CA LEU A 143 -16.01 10.79 3.77
C LEU A 143 -14.62 10.15 3.69
N TYR A 144 -13.83 10.59 2.71
CA TYR A 144 -12.54 9.95 2.41
C TYR A 144 -11.39 10.98 2.44
N THR A 145 -11.52 12.02 3.28
CA THR A 145 -10.53 13.12 3.22
C THR A 145 -10.35 13.73 4.57
N ALA A 146 -9.11 14.04 4.91
CA ALA A 146 -8.78 14.87 6.06
C ALA A 146 -8.34 16.22 5.50
N GLY A 147 -9.11 17.26 5.80
CA GLY A 147 -8.87 18.58 5.21
C GLY A 147 -9.74 18.72 3.97
N ARG A 148 -9.20 19.28 2.89
CA ARG A 148 -10.03 19.50 1.71
C ARG A 148 -9.77 18.49 0.58
N ARG A 149 -10.84 18.05 -0.07
CA ARG A 149 -10.76 17.10 -1.23
C ARG A 149 -9.96 17.59 -2.45
N GLY A 150 -9.27 16.70 -3.13
CA GLY A 150 -8.50 17.10 -4.29
C GLY A 150 -9.26 16.78 -5.54
N VAL A 151 -9.61 17.83 -6.30
CA VAL A 151 -10.46 17.67 -7.49
C VAL A 151 -9.83 18.22 -8.80
N ALA A 152 -10.58 18.95 -9.63
CA ALA A 152 -10.13 19.28 -10.99
C ALA A 152 -8.89 20.20 -11.16
N ASN A 153 -8.49 20.90 -10.10
CA ASN A 153 -7.25 21.67 -10.20
C ASN A 153 -6.02 20.77 -10.43
N THR A 154 -6.16 19.50 -10.11
CA THR A 154 -5.12 18.52 -10.41
C THR A 154 -4.74 18.57 -11.88
N VAL A 155 -5.75 18.63 -12.75
CA VAL A 155 -5.48 18.70 -14.17
C VAL A 155 -4.60 19.88 -14.53
N LEU A 156 -4.89 21.04 -13.96
CA LEU A 156 -4.20 22.28 -14.32
C LEU A 156 -2.77 22.30 -13.81
N ILE A 157 -2.60 21.79 -12.59
CA ILE A 157 -1.30 21.67 -12.01
C ILE A 157 -0.46 20.70 -12.79
N GLU A 158 -1.03 19.55 -13.14
CA GLU A 158 -0.29 18.51 -13.86
C GLU A 158 0.25 18.98 -15.22
N LYS A 159 -0.51 19.86 -15.89
CA LYS A 159 -0.08 20.46 -17.16
C LYS A 159 1.05 21.44 -16.90
N LEU A 160 0.80 22.37 -15.99
CA LEU A 160 1.75 23.44 -15.70
C LEU A 160 3.09 22.91 -15.15
N VAL A 161 3.01 22.02 -14.16
CA VAL A 161 4.21 21.32 -13.67
C VAL A 161 4.84 20.42 -14.74
N GLY A 162 3.99 19.78 -15.55
CA GLY A 162 4.41 19.01 -16.73
C GLY A 162 5.28 19.79 -17.71
N ALA A 163 4.89 21.04 -17.98
CA ALA A 163 5.61 21.95 -18.83
C ALA A 163 6.95 22.36 -18.23
N ALA A 164 6.96 22.64 -16.91
CA ALA A 164 8.19 22.92 -16.20
C ALA A 164 9.20 21.77 -16.24
N ALA A 165 8.73 20.54 -16.02
CA ALA A 165 9.58 19.37 -16.13
C ALA A 165 10.16 19.21 -17.53
N GLU A 166 9.29 19.35 -18.53
CA GLU A 166 9.69 19.19 -19.92
C GLU A 166 10.73 20.23 -20.38
N ARG A 167 10.63 21.43 -19.81
CA ARG A 167 11.62 22.49 -20.01
C ARG A 167 12.98 22.16 -19.39
N GLY A 168 12.97 21.33 -18.34
CA GLY A 168 14.21 20.90 -17.70
C GLY A 168 14.40 21.45 -16.30
N ASP A 169 13.36 22.05 -15.73
CA ASP A 169 13.42 22.48 -14.33
C ASP A 169 13.77 21.33 -13.39
N SER A 170 14.45 21.64 -12.28
CA SER A 170 14.86 20.61 -11.31
C SER A 170 13.63 20.06 -10.55
N LEU A 171 13.80 18.94 -9.84
CA LEU A 171 12.71 18.36 -9.05
C LEU A 171 12.19 19.34 -8.01
N ASP A 172 13.12 20.01 -7.32
CA ASP A 172 12.80 21.04 -6.35
C ASP A 172 11.97 22.17 -6.98
N ALA A 173 12.44 22.71 -8.10
CA ALA A 173 11.71 23.80 -8.76
C ALA A 173 10.29 23.36 -9.17
N CYS A 174 10.17 22.16 -9.74
CA CYS A 174 8.88 21.56 -10.11
C CYS A 174 7.91 21.38 -8.94
N ALA A 175 8.43 20.91 -7.80
CA ALA A 175 7.62 20.68 -6.59
C ALA A 175 7.19 21.98 -5.97
N GLU A 176 8.10 22.94 -5.94
CA GLU A 176 7.81 24.25 -5.40
C GLU A 176 6.71 24.91 -6.24
N LEU A 177 6.84 24.83 -7.56
CA LEU A 177 5.78 25.32 -8.46
C LEU A 177 4.44 24.61 -8.17
N GLY A 178 4.45 23.28 -8.07
CA GLY A 178 3.23 22.50 -7.81
C GLY A 178 2.54 22.95 -6.54
N ARG A 179 3.36 23.14 -5.50
CA ARG A 179 2.83 23.56 -4.22
C ARG A 179 2.24 24.97 -4.25
N LYS A 180 2.96 25.92 -4.85
CA LYS A 180 2.47 27.29 -5.00
C LYS A 180 1.12 27.30 -5.75
N LEU A 181 1.04 26.62 -6.89
CA LEU A 181 -0.21 26.53 -7.64
C LEU A 181 -1.38 25.98 -6.80
N ASN A 182 -1.13 24.92 -6.03
CA ASN A 182 -2.14 24.33 -5.14
C ASN A 182 -2.67 25.33 -4.10
N ASN A 183 -1.85 26.33 -3.76
CA ASN A 183 -2.27 27.41 -2.89
C ASN A 183 -2.99 28.59 -3.61
N GLN A 184 -3.18 28.50 -4.93
CA GLN A 184 -3.77 29.59 -5.76
C GLN A 184 -4.97 29.13 -6.56
N GLY A 185 -5.33 27.86 -6.43
CA GLY A 185 -6.37 27.25 -7.23
C GLY A 185 -7.52 26.81 -6.34
N HIS A 186 -8.73 26.97 -6.86
CA HIS A 186 -9.94 26.96 -6.07
C HIS A 186 -11.03 26.28 -6.88
N SER A 187 -11.64 25.23 -6.35
CA SER A 187 -12.68 24.51 -7.09
C SER A 187 -13.96 24.32 -6.28
N ILE A 188 -15.06 24.13 -7.00
CA ILE A 188 -16.31 23.68 -6.40
C ILE A 188 -17.14 22.98 -7.48
N GLY A 189 -17.91 21.97 -7.09
CA GLY A 189 -18.72 21.21 -8.02
C GLY A 189 -20.13 21.07 -7.55
N ILE A 190 -21.05 20.73 -8.46
CA ILE A 190 -22.45 20.53 -8.07
C ILE A 190 -22.97 19.33 -8.81
N ALA A 191 -23.98 18.69 -8.25
CA ALA A 191 -24.62 17.62 -9.00
C ALA A 191 -26.11 17.78 -8.91
N LEU A 192 -26.80 17.38 -9.99
CA LEU A 192 -28.26 17.26 -10.06
C LEU A 192 -28.72 15.78 -10.02
N GLY A 193 -27.78 14.87 -10.23
CA GLY A 193 -28.08 13.44 -10.07
C GLY A 193 -26.82 12.59 -10.16
N LEU A 207 -31.03 12.74 -5.20
CA LEU A 207 -31.68 14.04 -5.35
C LEU A 207 -33.05 13.94 -6.00
N ALA A 208 -33.95 14.82 -5.56
CA ALA A 208 -35.33 14.89 -6.05
C ALA A 208 -35.49 15.85 -7.23
N ASP A 209 -36.74 16.26 -7.50
CA ASP A 209 -37.06 17.19 -8.58
C ASP A 209 -36.33 18.52 -8.36
N ASN A 210 -35.63 18.99 -9.39
CA ASN A 210 -35.06 20.36 -9.38
C ASN A 210 -34.24 20.71 -8.13
N GLU A 211 -33.57 19.70 -7.59
CA GLU A 211 -32.76 19.87 -6.41
C GLU A 211 -31.32 19.52 -6.79
N MET A 212 -30.37 20.14 -6.12
CA MET A 212 -28.96 19.89 -6.40
C MET A 212 -28.16 19.62 -5.14
N GLU A 213 -27.22 18.69 -5.22
CA GLU A 213 -26.19 18.57 -4.21
C GLU A 213 -25.12 19.61 -4.47
N PHE A 214 -25.03 20.55 -3.56
CA PHE A 214 -24.14 21.69 -3.72
C PHE A 214 -22.83 21.45 -3.00
N GLY A 215 -21.72 21.56 -3.72
CA GLY A 215 -20.40 21.30 -3.14
C GLY A 215 -20.09 19.81 -3.12
N VAL A 216 -20.41 19.12 -4.21
CA VAL A 216 -20.24 17.68 -4.29
C VAL A 216 -18.79 17.33 -4.60
N GLY A 217 -18.42 16.09 -4.27
CA GLY A 217 -17.13 15.56 -4.61
C GLY A 217 -17.17 14.73 -5.87
N ILE A 218 -16.01 14.21 -6.24
CA ILE A 218 -15.86 13.48 -7.48
C ILE A 218 -15.90 11.97 -7.22
N HIS A 219 -16.19 11.58 -5.97
CA HIS A 219 -16.53 10.19 -5.68
C HIS A 219 -17.95 10.05 -5.14
N GLY A 220 -18.70 11.14 -5.14
CA GLY A 220 -20.11 11.09 -4.76
C GLY A 220 -20.33 11.35 -3.28
N GLU A 221 -19.29 11.91 -2.67
CA GLU A 221 -19.37 12.38 -1.31
C GLU A 221 -20.35 13.55 -1.22
N PRO A 222 -21.03 13.69 -0.06
CA PRO A 222 -21.97 14.78 0.21
C PRO A 222 -21.33 16.15 0.05
N GLY A 223 -22.15 17.13 -0.33
CA GLY A 223 -21.70 18.52 -0.41
C GLY A 223 -22.03 19.28 0.84
N ILE A 224 -21.98 20.61 0.75
CA ILE A 224 -22.46 21.51 1.80
C ILE A 224 -23.89 21.14 2.22
N ASP A 225 -24.72 20.78 1.25
CA ASP A 225 -26.14 20.42 1.47
C ASP A 225 -26.81 20.07 0.15
N ARG A 226 -28.08 19.69 0.23
CA ARG A 226 -29.00 19.74 -0.90
C ARG A 226 -29.68 21.11 -0.92
N ARG A 227 -29.78 21.72 -2.09
CA ARG A 227 -30.55 22.97 -2.22
C ARG A 227 -31.33 23.03 -3.55
N PRO A 228 -32.14 24.07 -3.76
CA PRO A 228 -32.89 24.00 -5.01
C PRO A 228 -32.06 24.48 -6.19
N PHE A 229 -32.36 23.91 -7.36
CA PHE A 229 -31.76 24.33 -8.60
C PHE A 229 -32.79 25.21 -9.30
N SER A 230 -32.49 26.49 -9.42
CA SER A 230 -33.40 27.47 -9.99
C SER A 230 -33.09 27.74 -11.46
N SER A 231 -31.80 27.97 -11.73
CA SER A 231 -31.32 28.16 -13.10
C SER A 231 -29.81 27.98 -13.11
N LEU A 232 -29.28 27.75 -14.30
CA LEU A 232 -27.84 27.59 -14.49
C LEU A 232 -27.06 28.82 -14.05
N ASP A 233 -27.58 30.00 -14.37
CA ASP A 233 -26.89 31.23 -14.03
C ASP A 233 -26.86 31.40 -12.54
N GLN A 234 -27.98 31.09 -11.88
CA GLN A 234 -28.05 31.22 -10.44
C GLN A 234 -27.10 30.22 -9.78
N THR A 235 -26.99 29.02 -10.33
CA THR A 235 -26.08 28.02 -9.81
C THR A 235 -24.62 28.51 -9.88
N VAL A 236 -24.20 29.01 -11.05
CA VAL A 236 -22.84 29.56 -11.26
C VAL A 236 -22.53 30.71 -10.29
N ASP A 237 -23.51 31.60 -10.11
CA ASP A 237 -23.41 32.69 -9.15
C ASP A 237 -23.11 32.18 -7.79
N GLU A 238 -23.80 31.12 -7.37
CA GLU A 238 -23.55 30.66 -5.99
C GLU A 238 -22.26 29.83 -5.87
N MET A 239 -21.86 29.17 -6.94
CA MET A 239 -20.59 28.46 -6.99
C MET A 239 -19.46 29.48 -6.90
N PHE A 240 -19.59 30.56 -7.67
CA PHE A 240 -18.59 31.63 -7.74
C PHE A 240 -18.43 32.33 -6.42
N ASP A 241 -19.54 32.68 -5.78
CA ASP A 241 -19.52 33.22 -4.42
C ASP A 241 -18.83 32.31 -3.40
N THR A 242 -19.06 31.00 -3.51
CA THR A 242 -18.47 30.05 -2.57
C THR A 242 -16.94 29.98 -2.78
N LEU A 243 -16.48 29.97 -4.05
CA LEU A 243 -15.03 30.08 -4.31
C LEU A 243 -14.43 31.24 -3.57
N LEU A 244 -15.13 32.39 -3.58
CA LEU A 244 -14.72 33.58 -2.85
C LEU A 244 -14.81 33.49 -1.32
N VAL A 245 -15.96 33.05 -0.81
CA VAL A 245 -16.26 32.95 0.64
C VAL A 245 -15.36 31.90 1.37
N ASN A 246 -15.13 30.74 0.76
CA ASN A 246 -14.29 29.68 1.33
C ASN A 246 -12.86 29.74 0.78
N GLY A 247 -12.53 30.89 0.18
CA GLY A 247 -11.23 31.05 -0.46
C GLY A 247 -10.08 30.89 0.51
N SER A 248 -10.08 31.66 1.59
CA SER A 248 -9.02 31.59 2.60
C SER A 248 -8.99 30.23 3.29
N TYR A 249 -7.80 29.66 3.47
CA TYR A 249 -7.71 28.33 4.06
C TYR A 249 -6.30 28.11 4.62
N HIS A 250 -6.26 27.76 5.91
CA HIS A 250 -5.00 27.39 6.56
C HIS A 250 -5.02 25.92 7.00
N ARG A 251 -3.93 25.21 6.73
CA ARG A 251 -3.85 23.78 7.05
C ARG A 251 -2.41 23.30 6.96
N THR A 252 -2.16 22.13 7.54
CA THR A 252 -0.85 21.51 7.50
C THR A 252 -0.79 20.51 6.36
N LEU A 253 0.26 20.59 5.55
CA LEU A 253 0.48 19.58 4.54
C LEU A 253 1.83 18.94 4.76
N ARG A 254 1.91 17.65 4.46
CA ARG A 254 3.15 16.87 4.55
C ARG A 254 3.78 16.69 3.18
N PHE A 255 5.10 16.88 3.11
CA PHE A 255 5.84 16.53 1.90
C PHE A 255 7.13 15.80 2.25
N TRP A 256 7.66 15.07 1.29
CA TRP A 256 8.89 14.35 1.49
C TRP A 256 10.11 15.27 1.30
N ASP A 257 10.89 15.46 2.36
CA ASP A 257 12.20 16.11 2.24
C ASP A 257 13.24 15.07 1.85
N TYR A 258 13.67 15.07 0.60
CA TYR A 258 14.62 14.04 0.18
C TYR A 258 16.06 14.29 0.65
N GLN A 259 16.33 15.48 1.18
CA GLN A 259 17.67 15.82 1.66
C GLN A 259 17.85 15.19 3.03
N GLN A 260 16.81 15.34 3.85
CA GLN A 260 16.75 14.82 5.20
C GLN A 260 16.28 13.36 5.26
N GLY A 261 15.68 12.86 4.18
CA GLY A 261 15.06 11.54 4.16
C GLY A 261 13.86 11.36 5.09
N SER A 262 12.97 12.37 5.15
CA SER A 262 11.83 12.33 6.07
C SER A 262 10.63 13.16 5.64
N TRP A 263 9.47 12.81 6.20
CA TRP A 263 8.26 13.62 6.10
C TRP A 263 8.46 14.92 6.84
N GLN A 264 8.05 16.02 6.21
CA GLN A 264 8.09 17.33 6.86
C GLN A 264 6.76 18.03 6.73
N GLU A 265 6.28 18.57 7.83
CA GLU A 265 4.99 19.24 7.86
C GLU A 265 5.19 20.72 7.60
N GLU A 266 4.30 21.31 6.82
CA GLU A 266 4.37 22.75 6.62
C GLU A 266 2.98 23.37 6.74
N GLN A 267 2.85 24.32 7.66
CA GLN A 267 1.61 25.07 7.81
C GLN A 267 1.46 26.01 6.63
N GLN A 268 0.42 25.84 5.84
CA GLN A 268 0.19 26.78 4.76
C GLN A 268 -1.20 27.38 4.58
N THR A 269 -1.18 28.56 3.97
CA THR A 269 -2.33 29.43 3.88
C THR A 269 -2.61 29.76 2.42
N LYS A 270 -3.87 29.61 2.01
CA LYS A 270 -4.30 30.10 0.71
C LYS A 270 -5.03 31.42 0.96
N GLN A 271 -4.77 32.40 0.11
CA GLN A 271 -5.57 33.62 0.07
C GLN A 271 -6.73 33.38 -0.89
N PRO A 272 -7.89 34.01 -0.63
CA PRO A 272 -8.96 33.92 -1.63
C PRO A 272 -8.60 34.64 -2.94
N LEU A 273 -9.31 34.32 -4.01
CA LEU A 273 -9.23 35.13 -5.23
C LEU A 273 -9.66 36.56 -4.96
N GLN A 274 -8.92 37.50 -5.54
CA GLN A 274 -9.32 38.91 -5.41
C GLN A 274 -9.08 39.76 -6.66
N SER A 275 -9.77 40.90 -6.70
CA SER A 275 -9.59 41.89 -7.76
C SER A 275 -8.13 42.12 -8.16
N GLY A 276 -7.87 42.06 -9.46
CA GLY A 276 -6.51 42.24 -10.00
C GLY A 276 -5.86 40.90 -10.33
N ASP A 277 -6.45 39.82 -9.80
CA ASP A 277 -6.00 38.46 -10.12
C ASP A 277 -6.32 38.13 -11.57
N ARG A 278 -5.38 37.41 -12.20
CA ARG A 278 -5.58 36.81 -13.49
C ARG A 278 -5.64 35.29 -13.26
N VAL A 279 -6.49 34.60 -14.01
CA VAL A 279 -6.79 33.19 -13.71
C VAL A 279 -6.95 32.37 -14.95
N ILE A 280 -6.70 31.07 -14.80
CA ILE A 280 -7.10 30.09 -15.77
C ILE A 280 -8.43 29.50 -15.24
N ALA A 281 -9.38 29.26 -16.14
CA ALA A 281 -10.69 28.73 -15.75
C ALA A 281 -10.89 27.37 -16.32
N LEU A 282 -11.43 26.46 -15.52
CA LEU A 282 -11.76 25.13 -15.98
C LEU A 282 -13.21 24.89 -15.61
N VAL A 283 -14.03 24.76 -16.67
CA VAL A 283 -15.43 24.41 -16.51
C VAL A 283 -15.49 22.96 -16.89
N ASN A 284 -15.73 22.15 -15.89
CA ASN A 284 -15.51 20.73 -16.02
C ASN A 284 -16.81 19.93 -15.96
N ASN A 285 -16.96 19.04 -16.92
CA ASN A 285 -18.09 18.13 -16.95
C ASN A 285 -17.94 16.93 -15.97
N LEU A 286 -18.82 16.85 -14.98
CA LEU A 286 -18.76 15.74 -14.05
C LEU A 286 -19.29 14.42 -14.61
N GLY A 287 -19.95 14.45 -15.76
CA GLY A 287 -20.11 13.22 -16.52
C GLY A 287 -21.17 13.24 -17.59
N ALA A 288 -22.34 13.76 -17.21
CA ALA A 288 -23.50 13.69 -18.07
C ALA A 288 -24.11 15.07 -18.34
N THR A 289 -23.29 16.11 -18.34
CA THR A 289 -23.76 17.45 -18.68
C THR A 289 -23.51 17.71 -20.16
N PRO A 290 -24.57 18.12 -20.90
CA PRO A 290 -24.42 18.47 -22.33
C PRO A 290 -23.38 19.57 -22.49
N LEU A 291 -22.54 19.49 -23.52
CA LEU A 291 -21.47 20.50 -23.73
C LEU A 291 -22.02 21.92 -23.91
N SER A 292 -23.15 22.05 -24.60
CA SER A 292 -23.80 23.34 -24.77
C SER A 292 -23.95 24.08 -23.44
N GLU A 293 -24.36 23.34 -22.40
CA GLU A 293 -24.59 23.87 -21.05
C GLU A 293 -23.32 24.41 -20.40
N LEU A 294 -22.19 23.75 -20.65
CA LEU A 294 -20.91 24.23 -20.13
C LEU A 294 -20.50 25.60 -20.69
N TYR A 295 -20.80 25.84 -21.96
CA TYR A 295 -20.62 27.18 -22.54
C TYR A 295 -21.54 28.18 -21.85
N GLY A 296 -22.71 27.74 -21.41
CA GLY A 296 -23.59 28.63 -20.67
C GLY A 296 -22.96 29.00 -19.34
N VAL A 297 -22.47 27.99 -18.65
CA VAL A 297 -21.72 28.20 -17.41
C VAL A 297 -20.55 29.14 -17.66
N TYR A 298 -19.74 28.85 -18.67
CA TYR A 298 -18.61 29.71 -18.96
C TYR A 298 -19.10 31.15 -19.19
N ASN A 299 -20.20 31.31 -19.93
CA ASN A 299 -20.70 32.68 -20.20
C ASN A 299 -20.93 33.46 -18.91
N ARG A 300 -21.63 32.84 -17.96
CA ARG A 300 -21.96 33.51 -16.69
C ARG A 300 -20.73 33.67 -15.81
N LEU A 301 -19.85 32.67 -15.85
CA LEU A 301 -18.59 32.70 -15.10
C LEU A 301 -17.73 33.93 -15.43
N THR A 302 -17.53 34.19 -16.73
CA THR A 302 -16.83 35.39 -17.22
C THR A 302 -17.47 36.67 -16.70
N THR A 303 -18.81 36.68 -16.66
CA THR A 303 -19.51 37.89 -16.26
C THR A 303 -19.21 38.17 -14.79
N ARG A 304 -19.30 37.13 -13.97
CA ARG A 304 -18.95 37.27 -12.56
C ARG A 304 -17.46 37.58 -12.37
N CYS A 305 -16.61 36.92 -13.13
CA CYS A 305 -15.18 37.22 -13.07
C CYS A 305 -14.89 38.68 -13.36
N GLN A 306 -15.36 39.18 -14.51
CA GLN A 306 -15.13 40.58 -14.90
C GLN A 306 -15.70 41.54 -13.86
N GLN A 307 -16.87 41.20 -13.31
CA GLN A 307 -17.49 42.03 -12.27
C GLN A 307 -16.68 42.10 -10.98
N ALA A 308 -15.93 41.05 -10.69
CA ALA A 308 -15.14 40.99 -9.48
C ALA A 308 -13.70 41.41 -9.76
N GLY A 309 -13.46 41.89 -10.99
CA GLY A 309 -12.12 42.30 -11.42
C GLY A 309 -11.12 41.18 -11.63
N LEU A 310 -11.62 39.97 -11.92
CA LEU A 310 -10.77 38.83 -12.25
C LEU A 310 -10.69 38.65 -13.74
N THR A 311 -9.47 38.53 -14.26
CA THR A 311 -9.26 38.33 -15.69
C THR A 311 -9.05 36.84 -15.98
N ILE A 312 -9.90 36.27 -16.82
CA ILE A 312 -9.69 34.94 -17.32
C ILE A 312 -8.78 34.99 -18.55
N GLU A 313 -7.57 34.43 -18.41
CA GLU A 313 -6.57 34.45 -19.48
C GLU A 313 -6.66 33.25 -20.40
N ARG A 314 -6.91 32.08 -19.82
CA ARG A 314 -7.05 30.85 -20.58
C ARG A 314 -8.20 30.09 -19.97
N ASN A 315 -8.75 29.16 -20.74
CA ASN A 315 -9.82 28.36 -20.23
C ASN A 315 -9.75 26.97 -20.84
N LEU A 316 -10.34 26.01 -20.13
CA LEU A 316 -10.57 24.67 -20.64
C LEU A 316 -12.01 24.37 -20.34
N ILE A 317 -12.73 23.87 -21.33
CA ILE A 317 -14.10 23.46 -21.09
C ILE A 317 -14.30 22.08 -21.68
N GLY A 318 -14.84 21.18 -20.86
CA GLY A 318 -15.14 19.80 -21.26
C GLY A 318 -15.01 18.84 -20.08
N ALA A 319 -14.78 17.58 -20.40
CA ALA A 319 -14.77 16.51 -19.45
C ALA A 319 -13.33 16.14 -19.06
N TYR A 320 -12.78 16.86 -18.06
CA TYR A 320 -11.37 16.70 -17.68
C TYR A 320 -11.15 15.93 -16.37
N CYS A 321 -12.15 15.97 -15.49
CA CYS A 321 -12.11 15.22 -14.23
C CYS A 321 -13.55 14.78 -13.96
N THR A 322 -13.89 13.55 -14.34
CA THR A 322 -15.29 13.14 -14.29
C THR A 322 -15.59 12.42 -12.97
N SER A 323 -16.83 12.07 -12.77
CA SER A 323 -17.16 11.14 -11.73
C SER A 323 -18.16 10.19 -12.35
N LEU A 324 -17.63 9.25 -13.14
CA LEU A 324 -18.42 8.30 -13.91
C LEU A 324 -19.50 9.00 -14.79
N ASP A 325 -20.78 8.75 -14.53
CA ASP A 325 -21.82 9.41 -15.34
C ASP A 325 -22.65 10.41 -14.52
N MET A 326 -22.02 11.04 -13.54
CA MET A 326 -22.65 12.07 -12.72
C MET A 326 -23.24 13.23 -13.53
N THR A 327 -24.46 13.61 -13.19
CA THR A 327 -25.06 14.80 -13.75
C THR A 327 -24.64 16.01 -12.90
N GLY A 328 -23.68 16.77 -13.42
CA GLY A 328 -23.26 17.99 -12.77
C GLY A 328 -21.97 18.48 -13.35
N PHE A 329 -21.42 19.53 -12.74
CA PHE A 329 -20.21 20.17 -13.25
C PHE A 329 -19.44 20.86 -12.15
N SER A 330 -18.19 21.24 -12.44
CA SER A 330 -17.39 21.92 -11.45
C SER A 330 -16.70 23.12 -12.06
N ILE A 331 -16.44 24.12 -11.22
CA ILE A 331 -15.69 25.27 -11.68
C ILE A 331 -14.39 25.34 -10.91
N THR A 332 -13.28 25.55 -11.62
CA THR A 332 -11.96 25.72 -11.00
C THR A 332 -11.36 27.03 -11.52
N LEU A 333 -10.81 27.83 -10.62
CA LEU A 333 -10.09 29.03 -11.02
C LEU A 333 -8.70 29.00 -10.41
N LEU A 334 -7.68 29.20 -11.25
CA LEU A 334 -6.30 29.12 -10.81
C LEU A 334 -5.58 30.44 -11.09
N LYS A 335 -5.20 31.14 -10.01
CA LYS A 335 -4.45 32.39 -10.18
C LYS A 335 -3.14 32.07 -10.90
N VAL A 336 -2.79 32.92 -11.86
CA VAL A 336 -1.58 32.72 -12.67
C VAL A 336 -0.89 34.07 -12.90
N ASP A 337 0.31 34.03 -13.46
CA ASP A 337 1.06 35.22 -13.86
C ASP A 337 1.64 34.98 -15.24
N ASP A 338 2.53 35.85 -15.70
CA ASP A 338 3.14 35.71 -17.04
C ASP A 338 3.94 34.43 -17.19
N GLU A 339 4.67 34.09 -16.15
CA GLU A 339 5.49 32.88 -16.15
C GLU A 339 4.65 31.61 -16.25
N THR A 340 3.59 31.50 -15.45
CA THR A 340 2.77 30.28 -15.56
C THR A 340 1.92 30.23 -16.84
N LEU A 341 1.60 31.40 -17.40
CA LEU A 341 0.93 31.46 -18.72
C LEU A 341 1.83 30.90 -19.82
N ALA A 342 3.12 31.18 -19.73
CA ALA A 342 4.08 30.60 -20.66
C ALA A 342 4.13 29.07 -20.53
N LEU A 343 4.05 28.55 -19.30
CA LEU A 343 3.99 27.10 -19.07
C LEU A 343 2.68 26.50 -19.60
N TRP A 344 1.58 27.25 -19.41
CA TRP A 344 0.28 26.85 -19.98
C TRP A 344 0.36 26.71 -21.49
N ASP A 345 1.01 27.67 -22.14
CA ASP A 345 1.03 27.72 -23.61
C ASP A 345 2.01 26.73 -24.24
N ALA A 346 2.94 26.26 -23.43
CA ALA A 346 3.91 25.22 -23.84
C ALA A 346 3.25 23.94 -24.34
N PRO A 347 3.89 23.25 -25.29
CA PRO A 347 3.33 22.06 -25.89
C PRO A 347 2.91 21.00 -24.87
N VAL A 348 1.88 20.26 -25.22
CA VAL A 348 1.43 19.12 -24.46
C VAL A 348 0.88 18.14 -25.47
N HIS A 349 1.22 16.86 -25.30
CA HIS A 349 0.79 15.83 -26.21
C HIS A 349 0.32 14.62 -25.42
N THR A 350 -0.95 14.66 -25.00
CA THR A 350 -1.58 13.55 -24.28
C THR A 350 -2.90 13.17 -24.94
N PRO A 351 -3.46 11.96 -24.64
CA PRO A 351 -4.81 11.67 -25.16
C PRO A 351 -5.85 12.78 -24.96
N ALA A 352 -5.84 13.45 -23.80
CA ALA A 352 -6.93 14.39 -23.46
C ALA A 352 -6.60 15.88 -23.64
N LEU A 353 -5.33 16.19 -23.91
CA LEU A 353 -4.86 17.57 -24.03
C LEU A 353 -3.72 17.56 -25.03
N ASN A 354 -3.93 18.22 -26.15
CA ASN A 354 -2.94 18.26 -27.22
C ASN A 354 -2.84 19.64 -27.83
N TRP A 355 -1.67 20.23 -27.67
CA TRP A 355 -1.30 21.41 -28.44
C TRP A 355 0.19 21.71 -28.57
N GLY A 356 0.51 22.66 -29.44
CA GLY A 356 1.87 23.14 -29.66
C GLY A 356 2.64 22.22 -30.59
N LYS A 357 3.86 22.62 -30.94
CA LYS A 357 4.69 21.78 -31.81
C LYS A 357 5.21 20.51 -31.10
N ASP B 11 -33.48 32.16 -24.86
CA ASP B 11 -32.49 32.97 -24.09
C ASP B 11 -31.26 32.14 -23.71
N VAL B 12 -31.47 30.87 -23.36
CA VAL B 12 -30.35 29.99 -22.97
C VAL B 12 -29.46 29.61 -24.14
N LEU B 13 -30.05 29.53 -25.35
CA LEU B 13 -29.31 29.31 -26.58
C LEU B 13 -28.32 30.44 -26.81
N ASP B 14 -28.79 31.68 -26.66
CA ASP B 14 -27.96 32.88 -26.77
C ASP B 14 -26.78 32.88 -25.76
N GLU B 15 -27.08 32.64 -24.48
CA GLU B 15 -26.03 32.50 -23.45
C GLU B 15 -24.98 31.47 -23.86
N GLN B 16 -25.41 30.33 -24.40
CA GLN B 16 -24.45 29.28 -24.75
C GLN B 16 -23.55 29.75 -25.89
N LEU B 17 -24.15 30.49 -26.82
CA LEU B 17 -23.46 30.98 -27.97
C LEU B 17 -22.50 32.09 -27.62
N ALA B 18 -22.89 32.91 -26.66
CA ALA B 18 -22.02 33.96 -26.16
C ALA B 18 -20.85 33.35 -25.38
N GLY B 19 -21.14 32.29 -24.63
CA GLY B 19 -20.09 31.48 -23.96
C GLY B 19 -19.04 30.91 -24.91
N LEU B 20 -19.48 30.32 -26.02
CA LEU B 20 -18.57 29.81 -27.03
C LEU B 20 -17.68 30.93 -27.55
N ALA B 21 -18.28 32.06 -27.95
CA ALA B 21 -17.53 33.23 -28.44
C ALA B 21 -16.52 33.76 -27.42
N LYS B 22 -16.91 33.84 -26.16
CA LYS B 22 -15.93 34.27 -25.13
C LYS B 22 -14.80 33.27 -24.89
N ALA B 23 -15.11 31.99 -24.98
CA ALA B 23 -14.12 30.93 -24.75
C ALA B 23 -13.11 30.81 -25.89
N HIS B 24 -13.53 31.18 -27.10
CA HIS B 24 -12.73 30.98 -28.31
C HIS B 24 -12.61 32.24 -29.16
N PRO B 25 -11.65 33.12 -28.79
CA PRO B 25 -11.44 34.34 -29.57
C PRO B 25 -11.06 34.11 -31.03
N SER B 26 -10.79 32.87 -31.42
CA SER B 26 -10.50 32.55 -32.82
C SER B 26 -11.76 32.33 -33.67
N LEU B 27 -12.94 32.43 -33.03
CA LEU B 27 -14.21 32.37 -33.74
C LEU B 27 -14.88 33.73 -33.64
N THR B 28 -15.79 34.01 -34.57
CA THR B 28 -16.59 35.23 -34.48
C THR B 28 -18.05 34.84 -34.43
N LEU B 29 -18.74 35.33 -33.42
CA LEU B 29 -20.18 35.18 -33.32
C LEU B 29 -20.90 36.31 -34.07
N HIS B 30 -21.54 36.00 -35.20
CA HIS B 30 -22.34 36.99 -35.91
C HIS B 30 -23.77 37.04 -35.39
N GLN B 31 -24.39 38.21 -35.50
CA GLN B 31 -25.77 38.46 -35.05
C GLN B 31 -26.56 39.06 -36.20
N ASP B 32 -27.86 38.82 -36.25
CA ASP B 32 -28.70 39.37 -37.34
C ASP B 32 -28.19 39.06 -38.76
N PRO B 33 -28.21 37.79 -39.17
CA PRO B 33 -28.67 36.62 -38.42
C PRO B 33 -27.50 35.92 -37.69
N VAL B 34 -27.81 34.93 -36.85
CA VAL B 34 -26.79 34.26 -36.04
C VAL B 34 -26.01 33.19 -36.81
N TYR B 35 -24.68 33.29 -36.77
CA TYR B 35 -23.82 32.20 -37.29
C TYR B 35 -22.41 32.39 -36.75
N VAL B 36 -21.55 31.41 -36.94
CA VAL B 36 -20.22 31.46 -36.35
C VAL B 36 -19.21 31.21 -37.47
N THR B 37 -18.16 32.02 -37.50
CA THR B 37 -17.07 31.78 -38.46
C THR B 37 -15.71 31.84 -37.76
N ARG B 38 -14.67 31.39 -38.45
CA ARG B 38 -13.32 31.69 -38.03
C ARG B 38 -13.19 33.20 -37.92
N ALA B 39 -12.42 33.67 -36.96
CA ALA B 39 -12.17 35.09 -36.79
C ALA B 39 -11.46 35.69 -38.01
N ASP B 40 -10.64 34.89 -38.70
CA ASP B 40 -9.91 35.39 -39.88
C ASP B 40 -10.62 35.19 -41.25
N ALA B 41 -11.85 34.66 -41.23
CA ALA B 41 -12.67 34.55 -42.44
C ALA B 41 -13.03 35.95 -42.94
N PRO B 42 -13.14 36.15 -44.27
CA PRO B 42 -12.87 35.21 -45.36
C PRO B 42 -11.38 34.93 -45.48
N VAL B 43 -11.03 33.64 -45.54
CA VAL B 43 -9.64 33.25 -45.80
C VAL B 43 -9.39 33.17 -47.30
N ALA B 44 -8.62 34.12 -47.82
CA ALA B 44 -8.30 34.19 -49.24
C ALA B 44 -7.51 32.98 -49.68
N GLY B 45 -7.85 32.46 -50.85
CA GLY B 45 -7.01 31.52 -51.57
C GLY B 45 -7.35 30.05 -51.40
N LYS B 46 -8.37 29.76 -50.59
CA LYS B 46 -8.68 28.39 -50.19
C LYS B 46 -10.17 28.18 -50.23
N VAL B 47 -10.59 27.01 -50.69
CA VAL B 47 -11.98 26.60 -50.58
C VAL B 47 -12.46 26.76 -49.13
N ALA B 48 -13.61 27.41 -48.96
CA ALA B 48 -14.26 27.53 -47.65
C ALA B 48 -15.22 26.37 -47.42
N LEU B 49 -15.25 25.87 -46.19
CA LEU B 49 -16.10 24.74 -45.82
C LEU B 49 -17.14 25.20 -44.83
N LEU B 50 -18.38 24.80 -45.06
CA LEU B 50 -19.45 25.26 -44.18
C LEU B 50 -20.34 24.07 -43.89
N SER B 51 -20.84 24.02 -42.67
CA SER B 51 -21.84 23.02 -42.34
C SER B 51 -22.76 23.68 -41.34
N GLY B 52 -23.67 22.91 -40.79
CA GLY B 52 -24.50 23.45 -39.72
C GLY B 52 -25.61 22.47 -39.49
N GLY B 53 -26.48 22.75 -38.54
CA GLY B 53 -27.63 21.89 -38.30
C GLY B 53 -28.22 22.29 -36.98
N GLY B 54 -29.08 21.43 -36.45
CA GLY B 54 -29.67 21.69 -35.13
C GLY B 54 -28.63 21.86 -34.04
N SER B 55 -29.00 22.54 -32.95
CA SER B 55 -28.24 22.46 -31.70
C SER B 55 -28.59 21.17 -30.97
N GLY B 56 -27.75 20.83 -29.98
CA GLY B 56 -27.92 19.56 -29.24
C GLY B 56 -27.06 18.41 -29.72
N ASN B 57 -26.19 18.68 -30.71
CA ASN B 57 -25.20 17.70 -31.17
C ASN B 57 -23.78 18.14 -30.90
N GLU B 58 -23.63 19.21 -30.12
CA GLU B 58 -22.31 19.78 -29.81
C GLU B 58 -21.29 18.69 -29.40
N PRO B 59 -20.04 18.80 -29.88
CA PRO B 59 -19.45 19.98 -30.50
C PRO B 59 -19.75 20.20 -31.98
N MET B 60 -20.49 19.28 -32.60
CA MET B 60 -20.93 19.40 -34.00
C MET B 60 -22.02 20.49 -34.10
N HIS B 61 -21.79 21.55 -34.90
CA HIS B 61 -20.64 21.71 -35.76
C HIS B 61 -19.70 22.79 -35.29
N CYS B 62 -20.17 23.64 -34.40
CA CYS B 62 -19.40 24.81 -33.99
C CYS B 62 -18.01 24.54 -33.39
N GLY B 63 -17.83 23.34 -32.83
CA GLY B 63 -16.54 22.95 -32.27
C GLY B 63 -15.51 22.59 -33.33
N TYR B 64 -15.95 22.48 -34.57
CA TYR B 64 -15.08 22.12 -35.69
C TYR B 64 -14.72 23.31 -36.61
N ILE B 65 -14.92 24.52 -36.13
CA ILE B 65 -14.56 25.72 -36.87
C ILE B 65 -13.11 26.06 -36.58
N GLY B 66 -12.28 25.96 -37.61
CA GLY B 66 -10.92 26.48 -37.52
C GLY B 66 -10.07 26.00 -38.66
N GLN B 67 -8.80 26.37 -38.67
CA GLN B 67 -7.89 25.93 -39.74
C GLN B 67 -7.82 24.42 -39.87
N GLY B 68 -7.98 23.95 -41.10
CA GLY B 68 -7.91 22.54 -41.38
C GLY B 68 -9.27 21.87 -41.27
N MET B 69 -10.29 22.65 -40.96
CA MET B 69 -11.62 22.09 -40.86
C MET B 69 -12.64 23.12 -41.38
N LEU B 70 -13.69 23.44 -40.60
CA LEU B 70 -14.77 24.29 -41.09
C LEU B 70 -14.37 25.75 -41.12
N SER B 71 -14.83 26.48 -42.14
CA SER B 71 -14.70 27.96 -42.08
C SER B 71 -15.78 28.59 -41.21
N GLY B 72 -16.96 27.98 -41.18
CA GLY B 72 -18.08 28.48 -40.39
C GLY B 72 -19.18 27.46 -40.24
N ALA B 73 -20.18 27.75 -39.42
CA ALA B 73 -21.28 26.81 -39.17
C ALA B 73 -22.54 27.57 -38.76
N CYS B 74 -23.71 27.02 -39.04
CA CYS B 74 -24.92 27.73 -38.74
C CYS B 74 -25.78 26.84 -37.89
N PRO B 75 -25.79 27.11 -36.57
CA PRO B 75 -26.68 26.44 -35.64
C PRO B 75 -28.15 26.81 -35.87
N GLY B 76 -29.03 25.81 -35.89
CA GLY B 76 -30.46 26.04 -35.80
C GLY B 76 -30.87 26.07 -34.34
N GLU B 77 -32.18 25.96 -34.08
CA GLU B 77 -32.69 25.70 -32.74
C GLU B 77 -32.48 24.21 -32.48
N ILE B 78 -32.82 23.75 -31.28
CA ILE B 78 -32.62 22.35 -30.88
C ILE B 78 -33.16 21.31 -31.85
N PHE B 79 -32.27 20.46 -32.37
CA PHE B 79 -32.57 19.46 -33.41
C PHE B 79 -33.32 20.00 -34.62
N THR B 80 -33.09 21.28 -34.94
CA THR B 80 -33.86 21.94 -36.00
C THR B 80 -32.88 22.63 -36.91
N SER B 81 -32.98 22.31 -38.20
CA SER B 81 -32.16 22.91 -39.25
C SER B 81 -32.06 24.41 -39.08
N PRO B 82 -30.87 24.97 -39.36
CA PRO B 82 -30.80 26.44 -39.43
C PRO B 82 -31.67 26.92 -40.56
N THR B 83 -32.11 28.17 -40.49
CA THR B 83 -32.89 28.79 -41.54
C THR B 83 -31.95 29.24 -42.66
N PRO B 84 -32.47 29.36 -43.92
CA PRO B 84 -31.56 29.58 -45.06
C PRO B 84 -30.86 30.96 -45.08
N ASP B 85 -31.38 31.94 -44.35
CA ASP B 85 -30.68 33.24 -44.19
C ASP B 85 -29.35 33.08 -43.44
N LYS B 86 -29.33 32.17 -42.49
CA LYS B 86 -28.05 31.90 -41.76
C LYS B 86 -26.97 31.28 -42.69
N ILE B 87 -27.38 30.32 -43.49
CA ILE B 87 -26.47 29.61 -44.40
C ILE B 87 -25.93 30.53 -45.53
N PHE B 88 -26.86 31.25 -46.18
CA PHE B 88 -26.54 32.23 -47.19
C PHE B 88 -25.54 33.24 -46.65
N GLU B 89 -25.87 33.88 -45.52
CA GLU B 89 -24.97 34.93 -45.01
C GLU B 89 -23.60 34.42 -44.55
N CYS B 90 -23.61 33.24 -43.95
CA CYS B 90 -22.38 32.56 -43.52
C CYS B 90 -21.49 32.22 -44.70
N ALA B 91 -22.09 31.63 -45.74
CA ALA B 91 -21.39 31.30 -46.98
C ALA B 91 -20.76 32.51 -47.63
N MET B 92 -21.49 33.63 -47.65
CA MET B 92 -21.00 34.92 -48.16
C MET B 92 -19.86 35.40 -47.29
N GLN B 93 -20.02 35.28 -45.97
CA GLN B 93 -18.94 35.64 -45.06
C GLN B 93 -17.65 34.85 -45.31
N VAL B 94 -17.74 33.54 -45.55
CA VAL B 94 -16.53 32.69 -45.58
C VAL B 94 -15.88 32.53 -46.97
N ASP B 95 -16.59 32.94 -48.03
CA ASP B 95 -16.06 32.80 -49.38
C ASP B 95 -14.73 33.56 -49.52
N GLY B 96 -13.68 32.87 -49.97
CA GLY B 96 -12.37 33.48 -50.11
C GLY B 96 -11.92 33.50 -51.56
N GLY B 97 -12.89 33.40 -52.47
CA GLY B 97 -12.64 33.53 -53.89
C GLY B 97 -12.49 32.21 -54.62
N GLU B 98 -12.59 31.11 -53.88
CA GLU B 98 -12.41 29.79 -54.49
C GLU B 98 -13.68 28.97 -54.40
N GLY B 99 -14.74 29.55 -53.86
CA GLY B 99 -15.98 28.79 -53.66
C GLY B 99 -16.19 28.32 -52.23
N VAL B 100 -17.40 27.80 -51.99
CA VAL B 100 -17.82 27.33 -50.66
C VAL B 100 -18.43 25.94 -50.84
N LEU B 101 -18.01 25.02 -49.97
CA LEU B 101 -18.53 23.68 -50.02
C LEU B 101 -19.44 23.49 -48.83
N LEU B 102 -20.69 23.13 -49.10
CA LEU B 102 -21.66 22.93 -48.03
C LEU B 102 -21.77 21.46 -47.70
N ILE B 103 -21.54 21.14 -46.43
CA ILE B 103 -21.69 19.77 -45.96
C ILE B 103 -23.06 19.66 -45.29
N ILE B 104 -23.86 18.70 -45.75
CA ILE B 104 -25.24 18.62 -45.27
C ILE B 104 -25.57 17.20 -44.76
N LYS B 105 -26.01 17.11 -43.50
CA LYS B 105 -26.52 15.84 -42.99
C LYS B 105 -27.87 15.51 -43.61
N ASN B 106 -28.12 14.24 -43.89
CA ASN B 106 -29.39 13.87 -44.50
C ASN B 106 -30.57 13.98 -43.54
N TYR B 107 -31.03 15.22 -43.32
CA TYR B 107 -32.35 15.47 -42.73
C TYR B 107 -33.18 16.33 -43.70
N THR B 108 -34.49 16.11 -43.68
CA THR B 108 -35.38 16.77 -44.63
C THR B 108 -35.35 18.28 -44.45
N GLY B 109 -35.33 18.75 -43.21
CA GLY B 109 -35.22 20.17 -42.93
C GLY B 109 -33.88 20.73 -43.40
N ASP B 110 -32.80 19.98 -43.17
CA ASP B 110 -31.45 20.39 -43.58
C ASP B 110 -31.29 20.40 -45.09
N ILE B 111 -31.70 19.31 -45.74
CA ILE B 111 -31.75 19.27 -47.18
C ILE B 111 -32.56 20.49 -47.72
N LEU B 112 -33.81 20.65 -47.28
CA LEU B 112 -34.68 21.75 -47.73
C LEU B 112 -33.96 23.11 -47.57
N ASN B 113 -33.53 23.44 -46.34
CA ASN B 113 -32.85 24.70 -46.09
C ASN B 113 -31.50 24.94 -46.80
N PHE B 114 -30.58 23.97 -46.81
CA PHE B 114 -29.31 24.12 -47.56
C PHE B 114 -29.50 24.20 -49.08
N GLU B 115 -30.48 23.49 -49.62
CA GLU B 115 -30.85 23.62 -51.03
C GLU B 115 -31.25 25.08 -51.40
N THR B 116 -32.12 25.66 -50.60
CA THR B 116 -32.61 27.03 -50.83
C THR B 116 -31.45 27.99 -50.89
N ALA B 117 -30.60 27.97 -49.85
CA ALA B 117 -29.41 28.83 -49.76
C ALA B 117 -28.45 28.68 -50.94
N THR B 118 -28.06 27.43 -51.23
CA THR B 118 -27.13 27.06 -52.34
C THR B 118 -27.52 27.63 -53.70
N GLU B 119 -28.77 27.36 -54.10
CA GLU B 119 -29.33 27.90 -55.35
C GLU B 119 -29.15 29.43 -55.40
N LEU B 120 -29.48 30.09 -54.29
CA LEU B 120 -29.46 31.55 -54.22
C LEU B 120 -28.03 32.11 -54.21
N LEU B 121 -27.12 31.45 -53.48
CA LEU B 121 -25.69 31.77 -53.50
C LEU B 121 -25.06 31.70 -54.92
N HIS B 122 -25.37 30.64 -55.63
CA HIS B 122 -24.95 30.49 -57.01
C HIS B 122 -25.47 31.70 -57.84
N ASP B 123 -26.75 32.02 -57.67
CA ASP B 123 -27.37 33.19 -58.35
C ASP B 123 -26.80 34.51 -57.88
N SER B 124 -26.12 34.49 -56.76
CA SER B 124 -25.51 35.72 -56.29
C SER B 124 -24.05 35.82 -56.74
N GLY B 125 -23.62 34.90 -57.59
CA GLY B 125 -22.20 34.85 -58.02
C GLY B 125 -21.19 34.10 -57.16
N VAL B 126 -21.65 33.35 -56.16
CA VAL B 126 -20.74 32.51 -55.36
C VAL B 126 -20.65 31.08 -55.92
N LYS B 127 -19.42 30.64 -56.24
CA LYS B 127 -19.17 29.26 -56.67
C LYS B 127 -19.41 28.34 -55.48
N VAL B 128 -20.32 27.38 -55.63
CA VAL B 128 -20.76 26.54 -54.53
CA VAL B 128 -20.75 26.54 -54.54
C VAL B 128 -21.12 25.15 -55.03
N THR B 129 -20.94 24.17 -54.14
CA THR B 129 -21.51 22.84 -54.31
C THR B 129 -21.63 22.16 -52.95
N THR B 130 -22.13 20.93 -52.97
CA THR B 130 -22.73 20.34 -51.77
C THR B 130 -22.26 18.88 -51.57
N VAL B 131 -22.14 18.47 -50.31
CA VAL B 131 -21.89 17.05 -49.98
C VAL B 131 -22.99 16.58 -49.01
N VAL B 132 -23.70 15.50 -49.35
CA VAL B 132 -24.69 14.94 -48.46
C VAL B 132 -24.05 13.80 -47.61
N ILE B 133 -24.34 13.81 -46.32
CA ILE B 133 -23.85 12.77 -45.43
C ILE B 133 -25.01 11.86 -45.04
N ASP B 134 -24.92 10.58 -45.40
CA ASP B 134 -25.91 9.63 -44.95
C ASP B 134 -25.27 8.31 -44.48
N ASP B 135 -24.50 8.38 -43.39
CA ASP B 135 -23.76 7.23 -42.85
C ASP B 135 -24.50 6.28 -41.88
N ASP B 136 -25.58 6.74 -41.25
CA ASP B 136 -26.30 5.86 -40.32
C ASP B 136 -26.97 4.68 -41.01
N VAL B 137 -26.48 3.47 -40.73
CA VAL B 137 -26.90 2.24 -41.43
C VAL B 137 -28.19 1.62 -40.85
N ALA B 138 -28.59 2.07 -39.68
CA ALA B 138 -29.71 1.43 -38.97
C ALA B 138 -31.03 1.42 -39.74
N VAL B 139 -31.56 2.62 -40.00
CA VAL B 139 -32.94 2.77 -40.51
C VAL B 139 -33.03 3.57 -41.78
N LYS B 140 -33.92 3.14 -42.64
CA LYS B 140 -34.22 3.89 -43.84
C LYS B 140 -35.55 4.57 -43.58
N ASP B 141 -35.59 5.88 -43.81
CA ASP B 141 -36.82 6.68 -43.80
C ASP B 141 -37.36 6.88 -42.38
N SER B 142 -36.50 7.34 -41.49
CA SER B 142 -36.80 7.59 -40.09
C SER B 142 -37.77 8.80 -39.88
N LEU B 143 -37.79 9.40 -38.71
CA LEU B 143 -38.71 10.54 -38.50
C LEU B 143 -38.50 11.65 -39.54
N TYR B 144 -37.35 12.31 -39.47
CA TYR B 144 -37.11 13.47 -40.29
C TYR B 144 -36.10 13.21 -41.44
N THR B 145 -36.18 12.09 -42.11
CA THR B 145 -35.13 11.77 -43.09
C THR B 145 -35.65 11.01 -44.28
N ALA B 146 -35.29 11.49 -45.46
CA ALA B 146 -35.52 10.69 -46.65
C ALA B 146 -34.22 9.93 -46.93
N GLY B 147 -34.27 8.61 -46.74
CA GLY B 147 -33.08 7.74 -46.80
C GLY B 147 -32.44 7.42 -45.45
N ARG B 148 -31.10 7.49 -45.41
CA ARG B 148 -30.35 7.24 -44.20
C ARG B 148 -29.98 8.50 -43.48
N ARG B 149 -29.78 8.43 -42.18
CA ARG B 149 -29.49 9.61 -41.37
C ARG B 149 -28.02 10.00 -41.44
N GLY B 150 -27.73 11.29 -41.27
CA GLY B 150 -26.36 11.78 -41.30
C GLY B 150 -25.99 11.95 -39.87
N VAL B 151 -25.02 11.15 -39.41
CA VAL B 151 -24.53 11.14 -38.02
C VAL B 151 -23.01 11.37 -37.92
N ALA B 152 -22.32 10.59 -37.11
CA ALA B 152 -20.95 10.93 -36.66
C ALA B 152 -19.86 10.93 -37.75
N ASN B 153 -20.10 10.24 -38.86
CA ASN B 153 -19.11 10.26 -39.93
C ASN B 153 -18.90 11.67 -40.49
N THR B 154 -19.90 12.54 -40.31
CA THR B 154 -19.77 13.94 -40.71
C THR B 154 -18.48 14.58 -40.13
N VAL B 155 -18.21 14.29 -38.85
CA VAL B 155 -16.98 14.73 -38.20
C VAL B 155 -15.75 14.32 -39.02
N LEU B 156 -15.70 13.06 -39.41
CA LEU B 156 -14.54 12.53 -40.09
C LEU B 156 -14.38 13.15 -41.49
N ILE B 157 -15.51 13.36 -42.17
CA ILE B 157 -15.47 13.96 -43.49
C ILE B 157 -15.09 15.42 -43.40
N GLU B 158 -15.63 16.12 -42.41
CA GLU B 158 -15.31 17.53 -42.22
C GLU B 158 -13.82 17.75 -42.02
N LYS B 159 -13.16 16.82 -41.30
CA LYS B 159 -11.72 16.93 -41.06
C LYS B 159 -10.93 16.62 -42.33
N LEU B 160 -11.28 15.53 -42.99
CA LEU B 160 -10.56 15.08 -44.17
C LEU B 160 -10.70 16.06 -45.34
N VAL B 161 -11.92 16.49 -45.59
CA VAL B 161 -12.18 17.54 -46.58
C VAL B 161 -11.61 18.87 -46.15
N GLY B 162 -11.66 19.17 -44.85
CA GLY B 162 -10.97 20.34 -44.30
C GLY B 162 -9.48 20.43 -44.62
N ALA B 163 -8.80 19.30 -44.46
CA ALA B 163 -7.38 19.15 -44.76
C ALA B 163 -7.10 19.33 -46.26
N ALA B 164 -7.91 18.69 -47.11
CA ALA B 164 -7.87 18.93 -48.56
C ALA B 164 -8.04 20.42 -48.93
N ALA B 165 -9.03 21.10 -48.34
CA ALA B 165 -9.23 22.51 -48.62
C ALA B 165 -8.03 23.37 -48.19
N GLU B 166 -7.53 23.12 -46.99
CA GLU B 166 -6.42 23.85 -46.41
C GLU B 166 -5.15 23.68 -47.24
N ARG B 167 -5.00 22.50 -47.83
CA ARG B 167 -3.93 22.17 -48.76
C ARG B 167 -4.02 22.99 -50.05
N GLY B 168 -5.23 23.36 -50.46
CA GLY B 168 -5.42 24.21 -51.64
C GLY B 168 -6.08 23.48 -52.80
N ASP B 169 -6.66 22.31 -52.51
CA ASP B 169 -7.44 21.58 -53.50
C ASP B 169 -8.65 22.39 -53.98
N SER B 170 -9.00 22.21 -55.25
CA SER B 170 -10.11 22.95 -55.88
C SER B 170 -11.43 22.53 -55.20
N LEU B 171 -12.47 23.33 -55.41
CA LEU B 171 -13.81 23.04 -54.87
C LEU B 171 -14.31 21.68 -55.35
N ASP B 172 -14.00 21.35 -56.60
CA ASP B 172 -14.42 20.09 -57.20
C ASP B 172 -13.68 18.91 -56.60
N ALA B 173 -12.39 19.07 -56.34
CA ALA B 173 -11.62 17.98 -55.74
C ALA B 173 -12.11 17.75 -54.30
N CYS B 174 -12.38 18.83 -53.57
CA CYS B 174 -12.93 18.74 -52.21
C CYS B 174 -14.29 18.03 -52.15
N ALA B 175 -15.21 18.43 -53.04
CA ALA B 175 -16.55 17.83 -53.13
C ALA B 175 -16.46 16.34 -53.47
N GLU B 176 -15.69 16.03 -54.51
CA GLU B 176 -15.50 14.65 -54.96
C GLU B 176 -14.94 13.77 -53.85
N LEU B 177 -13.95 14.29 -53.13
CA LEU B 177 -13.42 13.58 -51.98
C LEU B 177 -14.52 13.34 -50.92
N GLY B 178 -15.30 14.37 -50.62
CA GLY B 178 -16.36 14.27 -49.61
C GLY B 178 -17.42 13.25 -49.95
N ARG B 179 -17.83 13.22 -51.22
CA ARG B 179 -18.88 12.29 -51.67
C ARG B 179 -18.36 10.88 -51.68
N LYS B 180 -17.11 10.72 -52.13
CA LYS B 180 -16.47 9.42 -52.07
C LYS B 180 -16.31 8.91 -50.63
N LEU B 181 -15.79 9.74 -49.72
CA LEU B 181 -15.67 9.34 -48.34
C LEU B 181 -17.07 8.98 -47.81
N ASN B 182 -18.08 9.78 -48.20
CA ASN B 182 -19.46 9.47 -47.80
C ASN B 182 -19.89 8.08 -48.20
N ASN B 183 -19.39 7.59 -49.32
CA ASN B 183 -19.81 6.29 -49.80
C ASN B 183 -19.14 5.13 -49.10
N GLN B 184 -18.17 5.44 -48.23
CA GLN B 184 -17.30 4.42 -47.59
C GLN B 184 -17.29 4.53 -46.08
N GLY B 185 -18.12 5.40 -45.53
CA GLY B 185 -18.25 5.54 -44.08
C GLY B 185 -19.57 4.91 -43.62
N HIS B 186 -19.59 4.33 -42.40
CA HIS B 186 -20.73 3.52 -41.93
C HIS B 186 -20.82 3.70 -40.43
N SER B 187 -21.96 4.16 -39.92
CA SER B 187 -22.18 4.36 -38.46
C SER B 187 -23.43 3.62 -37.92
N ILE B 188 -23.51 3.46 -36.61
CA ILE B 188 -24.71 2.97 -35.95
C ILE B 188 -24.63 3.35 -34.49
N GLY B 189 -25.74 3.74 -33.89
CA GLY B 189 -25.76 4.17 -32.51
C GLY B 189 -26.69 3.33 -31.68
N ILE B 190 -26.48 3.32 -30.36
CA ILE B 190 -27.42 2.67 -29.45
C ILE B 190 -27.66 3.62 -28.31
N ALA B 191 -28.83 3.50 -27.69
CA ALA B 191 -29.10 4.24 -26.47
C ALA B 191 -29.57 3.31 -25.38
N LEU B 192 -29.15 3.61 -24.17
CA LEU B 192 -29.65 2.96 -22.96
C LEU B 192 -30.61 3.86 -22.18
N GLY B 193 -30.61 5.14 -22.51
CA GLY B 193 -31.54 6.08 -21.92
C GLY B 193 -31.76 7.29 -22.80
N ALA B 194 -32.96 7.86 -22.70
CA ALA B 194 -33.35 9.01 -23.51
C ALA B 194 -32.60 10.28 -23.11
N CYS B 195 -32.37 11.17 -24.08
CA CYS B 195 -31.77 12.47 -23.80
C CYS B 195 -32.78 13.42 -23.10
N LEU B 207 -37.97 2.81 -23.26
CA LEU B 207 -36.94 1.88 -22.79
C LEU B 207 -37.19 1.27 -21.40
N ALA B 208 -37.40 -0.06 -21.37
CA ALA B 208 -37.54 -0.81 -20.12
C ALA B 208 -36.19 -1.00 -19.38
N ASP B 209 -36.16 -1.91 -18.40
CA ASP B 209 -34.93 -2.17 -17.64
C ASP B 209 -33.97 -3.04 -18.44
N ASN B 210 -32.70 -2.66 -18.48
CA ASN B 210 -31.66 -3.43 -19.20
C ASN B 210 -31.99 -3.63 -20.68
N GLU B 211 -32.70 -2.65 -21.22
CA GLU B 211 -33.16 -2.66 -22.60
C GLU B 211 -32.51 -1.50 -23.34
N MET B 212 -32.06 -1.75 -24.56
CA MET B 212 -31.47 -0.68 -25.36
C MET B 212 -32.32 -0.39 -26.58
N GLU B 213 -32.39 0.89 -26.95
CA GLU B 213 -32.84 1.27 -28.29
C GLU B 213 -31.71 1.04 -29.29
N PHE B 214 -31.91 0.09 -30.19
CA PHE B 214 -30.85 -0.33 -31.10
C PHE B 214 -30.98 0.35 -32.47
N GLY B 215 -29.93 1.10 -32.83
CA GLY B 215 -29.89 1.86 -34.08
C GLY B 215 -30.56 3.21 -33.94
N VAL B 216 -30.33 3.88 -32.81
CA VAL B 216 -30.91 5.18 -32.51
C VAL B 216 -30.22 6.27 -33.31
N GLY B 217 -30.90 7.41 -33.49
CA GLY B 217 -30.39 8.54 -34.23
C GLY B 217 -30.16 9.71 -33.31
N ILE B 218 -29.51 10.74 -33.82
CA ILE B 218 -28.92 11.75 -32.95
C ILE B 218 -29.90 12.86 -32.58
N HIS B 219 -31.14 12.76 -33.02
CA HIS B 219 -32.17 13.72 -32.68
C HIS B 219 -33.33 13.04 -31.94
N GLY B 220 -33.10 11.82 -31.46
CA GLY B 220 -34.06 11.09 -30.61
C GLY B 220 -34.90 10.05 -31.35
N GLU B 221 -34.63 9.92 -32.64
CA GLU B 221 -35.39 9.02 -33.50
C GLU B 221 -35.29 7.56 -33.08
N PRO B 222 -36.40 6.80 -33.23
CA PRO B 222 -36.44 5.36 -33.05
C PRO B 222 -35.39 4.62 -33.87
N GLY B 223 -34.90 3.51 -33.31
CA GLY B 223 -33.97 2.66 -34.02
C GLY B 223 -34.66 1.48 -34.68
N ILE B 224 -33.85 0.50 -35.07
CA ILE B 224 -34.32 -0.77 -35.59
C ILE B 224 -35.41 -1.36 -34.67
N ASP B 225 -35.15 -1.36 -33.36
CA ASP B 225 -36.09 -1.83 -32.35
C ASP B 225 -35.54 -1.56 -30.93
N ARG B 226 -36.28 -2.03 -29.92
CA ARG B 226 -35.73 -2.19 -28.58
C ARG B 226 -35.32 -3.63 -28.38
N ARG B 227 -34.23 -3.85 -27.66
CA ARG B 227 -33.78 -5.20 -27.39
C ARG B 227 -33.03 -5.23 -26.06
N PRO B 228 -32.76 -6.44 -25.54
CA PRO B 228 -32.10 -6.47 -24.23
C PRO B 228 -30.66 -6.01 -24.35
N PHE B 229 -30.19 -5.34 -23.31
CA PHE B 229 -28.79 -4.98 -23.18
C PHE B 229 -28.17 -6.04 -22.30
N SER B 230 -27.31 -6.86 -22.88
CA SER B 230 -26.69 -7.97 -22.15
C SER B 230 -25.38 -7.53 -21.50
N SER B 231 -24.47 -7.04 -22.34
CA SER B 231 -23.15 -6.57 -21.90
C SER B 231 -22.60 -5.64 -22.96
N LEU B 232 -21.58 -4.86 -22.60
CA LEU B 232 -20.99 -3.91 -23.52
C LEU B 232 -20.37 -4.62 -24.70
N ASP B 233 -19.72 -5.75 -24.41
CA ASP B 233 -19.08 -6.56 -25.43
C ASP B 233 -20.08 -7.06 -26.46
N GLN B 234 -21.20 -7.59 -25.98
CA GLN B 234 -22.19 -8.15 -26.87
C GLN B 234 -22.91 -7.06 -27.68
N THR B 235 -23.19 -5.94 -27.03
CA THR B 235 -23.77 -4.79 -27.71
C THR B 235 -22.91 -4.37 -28.88
N VAL B 236 -21.59 -4.32 -28.64
CA VAL B 236 -20.62 -3.98 -29.68
C VAL B 236 -20.57 -5.03 -30.79
N ASP B 237 -20.78 -6.29 -30.44
CA ASP B 237 -20.65 -7.30 -31.45
C ASP B 237 -21.74 -7.06 -32.44
N GLU B 238 -22.94 -6.74 -31.95
CA GLU B 238 -24.08 -6.70 -32.85
C GLU B 238 -24.16 -5.38 -33.61
N MET B 239 -23.60 -4.32 -33.02
CA MET B 239 -23.39 -3.07 -33.73
C MET B 239 -22.43 -3.31 -34.86
N PHE B 240 -21.32 -3.98 -34.57
CA PHE B 240 -20.34 -4.31 -35.60
C PHE B 240 -20.93 -5.14 -36.74
N ASP B 241 -21.58 -6.24 -36.38
CA ASP B 241 -22.29 -7.08 -37.35
C ASP B 241 -23.25 -6.31 -38.25
N THR B 242 -23.99 -5.38 -37.65
CA THR B 242 -24.93 -4.60 -38.41
C THR B 242 -24.21 -3.67 -39.40
N LEU B 243 -23.07 -3.08 -39.00
CA LEU B 243 -22.26 -2.31 -39.98
C LEU B 243 -21.99 -3.11 -41.22
N LEU B 244 -21.67 -4.38 -41.03
CA LEU B 244 -21.42 -5.30 -42.13
C LEU B 244 -22.68 -5.72 -42.89
N VAL B 245 -23.73 -6.06 -42.15
CA VAL B 245 -24.96 -6.52 -42.75
C VAL B 245 -25.68 -5.40 -43.56
N ASN B 246 -25.86 -4.21 -43.00
CA ASN B 246 -26.54 -3.11 -43.70
C ASN B 246 -25.57 -2.22 -44.47
N GLY B 247 -24.37 -2.72 -44.74
CA GLY B 247 -23.31 -1.93 -45.37
C GLY B 247 -23.63 -1.54 -46.79
N SER B 248 -24.28 -2.45 -47.50
CA SER B 248 -24.62 -2.25 -48.90
C SER B 248 -25.81 -1.32 -49.01
N TYR B 249 -25.69 -0.30 -49.84
CA TYR B 249 -26.75 0.69 -49.93
C TYR B 249 -26.76 1.45 -51.25
N HIS B 250 -27.87 1.29 -51.96
CA HIS B 250 -28.14 2.01 -53.21
C HIS B 250 -29.12 3.14 -52.94
N ARG B 251 -28.85 4.34 -53.46
CA ARG B 251 -29.79 5.47 -53.33
C ARG B 251 -29.46 6.59 -54.32
N THR B 252 -30.38 7.52 -54.47
CA THR B 252 -30.13 8.67 -55.32
C THR B 252 -29.78 9.83 -54.41
N LEU B 253 -28.71 10.56 -54.70
CA LEU B 253 -28.50 11.80 -53.97
C LEU B 253 -28.51 12.97 -54.94
N ARG B 254 -28.81 14.15 -54.42
CA ARG B 254 -28.83 15.38 -55.19
C ARG B 254 -27.61 16.26 -54.88
N PHE B 255 -26.93 16.78 -55.92
CA PHE B 255 -25.82 17.72 -55.74
CA PHE B 255 -25.83 17.73 -55.72
C PHE B 255 -25.94 18.91 -56.67
N TRP B 256 -25.40 20.05 -56.27
CA TRP B 256 -25.43 21.25 -57.09
C TRP B 256 -24.32 21.25 -58.14
N ASP B 257 -24.73 21.25 -59.41
CA ASP B 257 -23.80 21.42 -60.52
C ASP B 257 -23.60 22.91 -60.78
N TYR B 258 -22.49 23.48 -60.34
CA TYR B 258 -22.29 24.91 -60.53
C TYR B 258 -22.03 25.32 -62.00
N GLN B 259 -21.65 24.35 -62.83
CA GLN B 259 -21.46 24.59 -64.26
C GLN B 259 -22.83 24.79 -64.92
N GLN B 260 -23.69 23.78 -64.79
CA GLN B 260 -25.03 23.84 -65.35
C GLN B 260 -25.92 24.83 -64.61
N GLY B 261 -25.61 25.05 -63.33
CA GLY B 261 -26.40 25.91 -62.46
C GLY B 261 -27.74 25.28 -62.16
N SER B 262 -27.71 24.01 -61.77
CA SER B 262 -28.93 23.27 -61.41
C SER B 262 -28.60 22.05 -60.54
N TRP B 263 -29.65 21.49 -59.92
CA TRP B 263 -29.59 20.23 -59.15
C TRP B 263 -29.42 19.01 -60.03
N GLN B 264 -28.47 18.15 -59.69
CA GLN B 264 -28.28 16.94 -60.46
C GLN B 264 -28.42 15.69 -59.60
N GLU B 265 -29.37 14.83 -59.97
CA GLU B 265 -29.59 13.54 -59.33
C GLU B 265 -28.44 12.62 -59.68
N GLU B 266 -27.85 11.97 -58.66
CA GLU B 266 -26.81 10.97 -58.89
C GLU B 266 -27.09 9.65 -58.20
N GLN B 267 -26.94 8.57 -58.92
CA GLN B 267 -27.10 7.27 -58.33
C GLN B 267 -25.75 6.79 -57.82
N GLN B 268 -25.67 6.54 -56.51
CA GLN B 268 -24.48 5.94 -55.89
C GLN B 268 -24.74 4.69 -55.05
N THR B 269 -23.82 3.75 -55.14
CA THR B 269 -23.87 2.56 -54.34
C THR B 269 -22.70 2.53 -53.34
N LYS B 270 -23.02 2.30 -52.08
CA LYS B 270 -21.97 2.04 -51.09
C LYS B 270 -21.76 0.52 -51.04
N GLN B 271 -20.49 0.12 -50.98
CA GLN B 271 -20.07 -1.27 -50.72
C GLN B 271 -19.85 -1.49 -49.22
N PRO B 272 -20.16 -2.72 -48.71
CA PRO B 272 -19.81 -2.99 -47.31
C PRO B 272 -18.30 -2.94 -47.11
N LEU B 273 -17.88 -2.70 -45.88
CA LEU B 273 -16.48 -2.90 -45.50
C LEU B 273 -16.15 -4.36 -45.65
N GLN B 274 -14.90 -4.65 -46.00
CA GLN B 274 -14.52 -6.04 -46.17
C GLN B 274 -13.08 -6.31 -45.82
N SER B 275 -12.79 -7.59 -45.57
CA SER B 275 -11.44 -8.03 -45.20
C SER B 275 -10.48 -7.40 -46.19
N GLY B 276 -9.42 -6.78 -45.66
CA GLY B 276 -8.44 -6.06 -46.46
C GLY B 276 -8.55 -4.54 -46.31
N ASP B 277 -9.72 -4.05 -45.90
CA ASP B 277 -9.94 -2.62 -45.78
C ASP B 277 -9.20 -2.02 -44.58
N ARG B 278 -8.72 -0.80 -44.76
CA ARG B 278 -8.10 -0.02 -43.72
C ARG B 278 -9.12 1.05 -43.29
N VAL B 279 -9.23 1.29 -41.99
CA VAL B 279 -10.30 2.16 -41.49
C VAL B 279 -9.86 3.16 -40.45
N ILE B 280 -10.55 4.29 -40.42
CA ILE B 280 -10.55 5.14 -39.27
C ILE B 280 -11.81 4.79 -38.44
N ALA B 281 -11.64 4.70 -37.12
CA ALA B 281 -12.73 4.34 -36.21
C ALA B 281 -13.04 5.47 -35.27
N LEU B 282 -14.32 5.84 -35.22
CA LEU B 282 -14.82 6.83 -34.27
C LEU B 282 -15.74 6.13 -33.28
N VAL B 283 -15.35 6.18 -32.01
CA VAL B 283 -16.22 5.70 -30.94
C VAL B 283 -16.70 6.91 -30.19
N ASN B 284 -18.00 7.14 -30.32
CA ASN B 284 -18.56 8.43 -30.05
C ASN B 284 -19.59 8.41 -28.93
N ASN B 285 -19.38 9.27 -27.94
CA ASN B 285 -20.31 9.41 -26.83
C ASN B 285 -21.57 10.20 -27.22
N LEU B 286 -22.73 9.57 -27.05
CA LEU B 286 -23.97 10.25 -27.40
C LEU B 286 -24.43 11.23 -26.31
N GLY B 287 -23.78 11.19 -25.15
CA GLY B 287 -23.94 12.29 -24.20
C GLY B 287 -23.54 12.02 -22.77
N ALA B 288 -23.87 10.82 -22.30
CA ALA B 288 -23.74 10.52 -20.89
C ALA B 288 -23.06 9.16 -20.62
N THR B 289 -22.26 8.67 -21.56
CA THR B 289 -21.51 7.44 -21.35
C THR B 289 -20.18 7.81 -20.71
N PRO B 290 -19.81 7.11 -19.60
CA PRO B 290 -18.49 7.29 -18.99
C PRO B 290 -17.39 7.00 -20.01
N LEU B 291 -16.29 7.75 -19.95
CA LEU B 291 -15.20 7.59 -20.94
C LEU B 291 -14.49 6.24 -20.85
N SER B 292 -14.31 5.75 -19.63
CA SER B 292 -13.77 4.41 -19.41
C SER B 292 -14.44 3.39 -20.30
N GLU B 293 -15.78 3.48 -20.41
CA GLU B 293 -16.59 2.51 -21.17
C GLU B 293 -16.32 2.58 -22.67
N LEU B 294 -16.06 3.78 -23.18
CA LEU B 294 -15.74 3.95 -24.61
C LEU B 294 -14.47 3.20 -24.98
N TYR B 295 -13.48 3.19 -24.09
CA TYR B 295 -12.28 2.37 -24.26
C TYR B 295 -12.63 0.89 -24.20
N GLY B 296 -13.68 0.55 -23.45
CA GLY B 296 -14.14 -0.83 -23.42
C GLY B 296 -14.77 -1.17 -24.74
N VAL B 297 -15.52 -0.22 -25.29
CA VAL B 297 -16.09 -0.36 -26.63
C VAL B 297 -14.94 -0.47 -27.67
N TYR B 298 -13.93 0.39 -27.57
CA TYR B 298 -12.82 0.34 -28.54
C TYR B 298 -12.10 -0.99 -28.46
N ASN B 299 -11.84 -1.48 -27.24
CA ASN B 299 -11.23 -2.80 -27.08
C ASN B 299 -11.92 -3.91 -27.85
N ARG B 300 -13.24 -4.02 -27.69
CA ARG B 300 -14.05 -5.03 -28.41
C ARG B 300 -14.10 -4.75 -29.92
N LEU B 301 -14.20 -3.48 -30.27
CA LEU B 301 -14.22 -3.10 -31.67
C LEU B 301 -12.95 -3.56 -32.40
N THR B 302 -11.80 -3.40 -31.75
CA THR B 302 -10.49 -3.75 -32.31
C THR B 302 -10.37 -5.25 -32.56
N THR B 303 -10.89 -6.02 -31.61
CA THR B 303 -10.87 -7.47 -31.69
C THR B 303 -11.73 -7.91 -32.89
N ARG B 304 -12.93 -7.33 -33.01
CA ARG B 304 -13.81 -7.69 -34.13
C ARG B 304 -13.26 -7.25 -35.49
N CYS B 305 -12.62 -6.09 -35.55
CA CYS B 305 -11.95 -5.65 -36.79
C CYS B 305 -10.82 -6.61 -37.18
N GLN B 306 -9.98 -6.99 -36.20
CA GLN B 306 -8.85 -7.92 -36.44
C GLN B 306 -9.38 -9.22 -37.03
N GLN B 307 -10.42 -9.77 -36.41
CA GLN B 307 -11.01 -11.03 -36.85
C GLN B 307 -11.62 -10.91 -38.27
N ALA B 308 -12.15 -9.73 -38.61
CA ALA B 308 -12.68 -9.52 -39.96
C ALA B 308 -11.63 -9.21 -41.03
N GLY B 309 -10.42 -8.81 -40.64
CA GLY B 309 -9.40 -8.41 -41.61
C GLY B 309 -9.53 -6.93 -41.92
N LEU B 310 -10.03 -6.20 -40.93
CA LEU B 310 -10.13 -4.75 -40.98
C LEU B 310 -9.03 -4.19 -40.10
N THR B 311 -8.21 -3.31 -40.67
CA THR B 311 -7.13 -2.68 -39.92
C THR B 311 -7.52 -1.25 -39.52
N ILE B 312 -7.61 -1.00 -38.23
CA ILE B 312 -7.87 0.32 -37.72
C ILE B 312 -6.57 1.12 -37.68
N GLU B 313 -6.49 2.16 -38.51
CA GLU B 313 -5.23 2.90 -38.64
C GLU B 313 -5.18 4.10 -37.72
N ARG B 314 -6.34 4.68 -37.45
CA ARG B 314 -6.48 5.86 -36.61
C ARG B 314 -7.80 5.75 -35.89
N ASN B 315 -7.92 6.46 -34.79
CA ASN B 315 -9.14 6.41 -34.03
C ASN B 315 -9.44 7.74 -33.33
N LEU B 316 -10.71 7.98 -33.03
CA LEU B 316 -11.12 9.05 -32.14
C LEU B 316 -12.06 8.43 -31.16
N ILE B 317 -11.86 8.75 -29.88
CA ILE B 317 -12.71 8.23 -28.83
C ILE B 317 -13.13 9.41 -27.98
N GLY B 318 -14.43 9.70 -27.94
CA GLY B 318 -14.95 10.74 -27.08
C GLY B 318 -16.30 11.24 -27.52
N ALA B 319 -16.64 12.44 -27.08
CA ALA B 319 -17.89 13.08 -27.38
C ALA B 319 -17.75 14.00 -28.58
N TYR B 320 -17.90 13.45 -29.77
CA TYR B 320 -17.75 14.24 -31.00
C TYR B 320 -19.07 14.60 -31.70
N CYS B 321 -20.08 13.76 -31.54
CA CYS B 321 -21.39 14.00 -32.14
C CYS B 321 -22.43 13.57 -31.14
N THR B 322 -22.89 14.50 -30.31
CA THR B 322 -23.71 14.14 -29.16
C THR B 322 -25.21 14.23 -29.48
N SER B 323 -26.04 13.79 -28.54
CA SER B 323 -27.47 14.04 -28.63
C SER B 323 -27.88 14.48 -27.22
N LEU B 324 -27.78 15.78 -26.99
CA LEU B 324 -27.87 16.37 -25.65
C LEU B 324 -27.19 15.50 -24.55
N ASP B 325 -27.99 14.90 -23.67
CA ASP B 325 -27.46 14.07 -22.58
C ASP B 325 -27.85 12.58 -22.70
N MET B 326 -28.09 12.13 -23.93
CA MET B 326 -28.44 10.75 -24.20
C MET B 326 -27.41 9.76 -23.66
N THR B 327 -27.89 8.73 -22.95
CA THR B 327 -27.00 7.64 -22.55
C THR B 327 -26.91 6.61 -23.68
N GLY B 328 -25.74 6.57 -24.31
CA GLY B 328 -25.45 5.65 -25.39
C GLY B 328 -24.21 6.12 -26.14
N PHE B 329 -23.85 5.38 -27.20
CA PHE B 329 -22.63 5.65 -27.96
C PHE B 329 -22.83 5.16 -29.39
N SER B 330 -22.01 5.63 -30.32
CA SER B 330 -22.11 5.12 -31.67
C SER B 330 -20.75 4.69 -32.14
N ILE B 331 -20.73 3.86 -33.17
CA ILE B 331 -19.48 3.48 -33.78
C ILE B 331 -19.50 3.88 -35.24
N THR B 332 -18.39 4.45 -35.72
CA THR B 332 -18.25 4.84 -37.10
C THR B 332 -16.96 4.25 -37.64
N LEU B 333 -17.04 3.55 -38.76
CA LEU B 333 -15.86 3.04 -39.45
C LEU B 333 -15.80 3.62 -40.86
N LEU B 334 -14.67 4.26 -41.16
CA LEU B 334 -14.48 4.92 -42.46
C LEU B 334 -13.29 4.31 -43.20
N LYS B 335 -13.57 3.72 -44.36
CA LYS B 335 -12.51 3.24 -45.25
C LYS B 335 -11.64 4.40 -45.72
N VAL B 336 -10.33 4.16 -45.67
CA VAL B 336 -9.30 5.13 -46.02
C VAL B 336 -8.17 4.45 -46.79
N ASP B 337 -7.33 5.27 -47.39
CA ASP B 337 -6.11 4.82 -48.05
C ASP B 337 -4.96 5.69 -47.53
N ASP B 338 -3.78 5.53 -48.14
CA ASP B 338 -2.60 6.35 -47.80
C ASP B 338 -2.83 7.85 -47.94
N GLU B 339 -3.39 8.26 -49.07
CA GLU B 339 -3.72 9.66 -49.35
C GLU B 339 -4.69 10.24 -48.31
N THR B 340 -5.69 9.46 -47.93
CA THR B 340 -6.63 9.87 -46.86
C THR B 340 -5.98 9.97 -45.46
N LEU B 341 -5.05 9.05 -45.17
CA LEU B 341 -4.34 9.07 -43.89
C LEU B 341 -3.47 10.30 -43.79
N ALA B 342 -2.84 10.66 -44.90
CA ALA B 342 -2.06 11.90 -44.95
C ALA B 342 -2.96 13.12 -44.62
N LEU B 343 -4.18 13.13 -45.15
CA LEU B 343 -5.16 14.20 -44.88
C LEU B 343 -5.62 14.16 -43.43
N TRP B 344 -5.75 12.94 -42.90
CA TRP B 344 -6.06 12.78 -41.48
C TRP B 344 -4.95 13.40 -40.62
N ASP B 345 -3.70 13.06 -40.94
CA ASP B 345 -2.56 13.43 -40.12
C ASP B 345 -2.22 14.93 -40.20
N ALA B 346 -2.68 15.58 -41.27
CA ALA B 346 -2.51 17.04 -41.47
C ALA B 346 -3.04 17.88 -40.32
N PRO B 347 -2.47 19.09 -40.10
CA PRO B 347 -2.86 19.91 -38.97
C PRO B 347 -4.34 20.27 -38.94
N VAL B 348 -4.85 20.44 -37.72
CA VAL B 348 -6.19 20.90 -37.50
C VAL B 348 -6.18 21.69 -36.20
N HIS B 349 -6.83 22.85 -36.21
CA HIS B 349 -6.91 23.71 -35.04
C HIS B 349 -8.33 24.24 -34.77
N THR B 350 -9.11 23.44 -34.04
CA THR B 350 -10.49 23.79 -33.70
C THR B 350 -10.73 23.67 -32.19
N PRO B 351 -11.84 24.24 -31.67
CA PRO B 351 -12.12 23.95 -30.25
C PRO B 351 -12.12 22.45 -29.88
N ALA B 352 -12.59 21.58 -30.78
CA ALA B 352 -12.86 20.18 -30.42
C ALA B 352 -11.83 19.16 -30.95
N LEU B 353 -10.92 19.61 -31.82
CA LEU B 353 -9.96 18.79 -32.49
C LEU B 353 -8.74 19.65 -32.80
N ASN B 354 -7.62 19.28 -32.19
CA ASN B 354 -6.40 20.06 -32.29
C ASN B 354 -5.18 19.17 -32.37
N TRP B 355 -4.50 19.22 -33.52
CA TRP B 355 -3.15 18.66 -33.65
C TRP B 355 -2.32 19.23 -34.80
N GLY B 356 -1.02 18.93 -34.77
CA GLY B 356 -0.12 19.37 -35.80
C GLY B 356 0.42 20.76 -35.55
N LYS B 357 1.37 21.17 -36.40
CA LYS B 357 1.93 22.51 -36.33
C LYS B 357 0.97 23.61 -36.84
N ASP C 11 29.20 -33.94 15.88
CA ASP C 11 29.41 -34.26 17.32
C ASP C 11 28.85 -33.15 18.18
N VAL C 12 29.07 -31.91 17.76
CA VAL C 12 28.55 -30.72 18.43
C VAL C 12 27.02 -30.77 18.57
N LEU C 13 26.36 -31.14 17.48
CA LEU C 13 24.90 -31.19 17.39
C LEU C 13 24.35 -32.28 18.30
N ASP C 14 25.09 -33.38 18.39
CA ASP C 14 24.73 -34.51 19.24
C ASP C 14 24.62 -34.06 20.70
N GLU C 15 25.55 -33.20 21.12
CA GLU C 15 25.59 -32.64 22.48
C GLU C 15 24.48 -31.58 22.73
N GLN C 16 24.31 -30.67 21.78
CA GLN C 16 23.19 -29.72 21.80
C GLN C 16 21.82 -30.44 21.95
N LEU C 17 21.61 -31.49 21.17
CA LEU C 17 20.37 -32.29 21.24
C LEU C 17 20.22 -33.06 22.56
N ALA C 18 21.27 -33.76 22.99
CA ALA C 18 21.33 -34.32 24.35
C ALA C 18 21.04 -33.26 25.40
N GLY C 19 21.57 -32.05 25.18
CA GLY C 19 21.32 -30.92 26.10
C GLY C 19 19.82 -30.64 26.23
N LEU C 20 19.15 -30.67 25.09
CA LEU C 20 17.72 -30.38 24.98
C LEU C 20 16.93 -31.44 25.71
N ALA C 21 17.23 -32.70 25.41
CA ALA C 21 16.56 -33.85 26.04
C ALA C 21 16.70 -33.79 27.57
N LYS C 22 17.86 -33.35 28.06
CA LYS C 22 18.07 -33.28 29.52
C LYS C 22 17.39 -32.08 30.14
N ALA C 23 17.35 -30.96 29.41
CA ALA C 23 16.64 -29.77 29.88
C ALA C 23 15.13 -29.98 29.94
N HIS C 24 14.62 -30.86 29.10
CA HIS C 24 13.17 -30.95 28.93
C HIS C 24 12.64 -32.38 28.95
N PRO C 25 12.38 -32.90 30.16
CA PRO C 25 11.84 -34.24 30.33
C PRO C 25 10.50 -34.46 29.58
N SER C 26 9.83 -33.40 29.15
CA SER C 26 8.61 -33.52 28.33
C SER C 26 8.87 -33.87 26.85
N LEU C 27 10.14 -33.88 26.46
CA LEU C 27 10.54 -34.31 25.12
C LEU C 27 11.26 -35.65 25.20
N THR C 28 11.13 -36.44 24.15
CA THR C 28 11.92 -37.65 24.04
C THR C 28 12.73 -37.52 22.78
N LEU C 29 14.04 -37.64 22.96
CA LEU C 29 15.01 -37.64 21.87
C LEU C 29 15.20 -39.06 21.35
N HIS C 30 14.74 -39.32 20.13
CA HIS C 30 14.89 -40.62 19.49
CA HIS C 30 14.87 -40.63 19.46
C HIS C 30 16.19 -40.70 18.69
N GLN C 31 16.74 -41.90 18.55
CA GLN C 31 18.04 -42.11 17.88
C GLN C 31 17.91 -43.15 16.79
N ASP C 32 18.69 -43.02 15.72
CA ASP C 32 18.74 -44.05 14.70
C ASP C 32 17.34 -44.38 14.07
N PRO C 33 16.65 -43.38 13.49
CA PRO C 33 17.11 -42.05 13.17
C PRO C 33 16.82 -41.07 14.28
N VAL C 34 17.44 -39.91 14.19
CA VAL C 34 17.25 -38.90 15.19
C VAL C 34 16.02 -38.02 14.84
N TYR C 35 15.20 -37.77 15.86
CA TYR C 35 14.12 -36.78 15.82
C TYR C 35 13.61 -36.64 17.24
N VAL C 36 12.81 -35.60 17.44
CA VAL C 36 12.29 -35.30 18.75
C VAL C 36 10.75 -35.33 18.77
N THR C 37 10.18 -35.83 19.87
CA THR C 37 8.70 -35.86 20.03
C THR C 37 8.28 -35.49 21.46
N ARG C 38 7.03 -35.10 21.63
CA ARG C 38 6.47 -35.00 22.96
C ARG C 38 6.60 -36.36 23.66
N ALA C 39 7.02 -36.33 24.93
CA ALA C 39 7.13 -37.54 25.73
C ALA C 39 5.85 -38.39 25.79
N ASP C 40 4.68 -37.77 25.75
CA ASP C 40 3.43 -38.53 25.75
C ASP C 40 2.87 -38.94 24.37
N ALA C 41 3.62 -38.70 23.31
CA ALA C 41 3.20 -39.11 21.95
C ALA C 41 3.34 -40.62 21.83
N PRO C 42 2.45 -41.27 21.06
CA PRO C 42 1.29 -40.74 20.34
C PRO C 42 0.19 -40.23 21.27
N VAL C 43 -0.35 -39.04 20.99
CA VAL C 43 -1.48 -38.54 21.75
C VAL C 43 -2.78 -38.94 21.06
N ALA C 44 -3.47 -39.93 21.63
CA ALA C 44 -4.64 -40.51 20.99
C ALA C 44 -5.76 -39.51 20.87
N GLY C 45 -6.41 -39.48 19.71
CA GLY C 45 -7.61 -38.67 19.49
C GLY C 45 -7.41 -37.24 18.99
N LYS C 46 -6.17 -36.88 18.64
CA LYS C 46 -5.90 -35.50 18.23
C LYS C 46 -5.03 -35.54 16.99
N VAL C 47 -5.29 -34.63 16.05
CA VAL C 47 -4.40 -34.46 14.90
C VAL C 47 -2.99 -34.17 15.44
N ALA C 48 -1.99 -34.89 14.94
CA ALA C 48 -0.59 -34.63 15.32
C ALA C 48 0.06 -33.66 14.34
N LEU C 49 0.75 -32.64 14.87
CA LEU C 49 1.47 -31.70 14.01
C LEU C 49 2.93 -32.04 13.97
N LEU C 50 3.53 -32.02 12.79
CA LEU C 50 4.97 -32.25 12.66
C LEU C 50 5.60 -31.17 11.78
N SER C 51 6.72 -30.64 12.23
CA SER C 51 7.56 -29.83 11.37
C SER C 51 9.01 -30.27 11.50
N GLY C 52 9.94 -29.53 10.92
CA GLY C 52 11.33 -29.93 10.96
C GLY C 52 12.07 -29.06 10.00
N GLY C 53 13.39 -29.04 10.08
CA GLY C 53 14.19 -28.14 9.26
C GLY C 53 15.66 -28.23 9.60
N GLY C 54 16.47 -27.49 8.86
CA GLY C 54 17.87 -27.33 9.23
C GLY C 54 18.00 -26.90 10.67
N SER C 55 19.07 -27.35 11.32
CA SER C 55 19.42 -26.80 12.63
C SER C 55 19.98 -25.41 12.35
N GLY C 56 20.18 -24.61 13.38
CA GLY C 56 20.67 -23.25 13.20
C GLY C 56 19.59 -22.17 13.30
N ASN C 57 18.33 -22.57 13.48
CA ASN C 57 17.24 -21.58 13.64
C ASN C 57 16.53 -21.66 14.98
N GLU C 58 17.15 -22.37 15.93
CA GLU C 58 16.56 -22.63 17.24
C GLU C 58 16.01 -21.34 17.82
N PRO C 59 14.84 -21.41 18.49
CA PRO C 59 14.16 -22.63 18.90
C PRO C 59 13.21 -23.27 17.87
N MET C 60 13.19 -22.74 16.65
CA MET C 60 12.49 -23.38 15.55
C MET C 60 13.31 -24.60 15.07
N HIS C 61 12.79 -25.82 15.18
CA HIS C 61 11.44 -26.15 15.63
C HIS C 61 11.34 -26.87 16.97
N CYS C 62 12.46 -27.40 17.47
CA CYS C 62 12.40 -28.26 18.67
C CYS C 62 11.84 -27.59 19.93
N GLY C 63 12.04 -26.28 20.08
CA GLY C 63 11.43 -25.52 21.20
C GLY C 63 9.90 -25.38 21.17
N TYR C 64 9.28 -25.85 20.10
CA TYR C 64 7.82 -25.69 19.89
C TYR C 64 7.05 -27.01 20.01
N ILE C 65 7.72 -28.02 20.57
CA ILE C 65 7.14 -29.32 20.78
C ILE C 65 6.47 -29.33 22.16
N GLY C 66 5.21 -29.71 22.18
CA GLY C 66 4.40 -29.64 23.41
C GLY C 66 2.92 -29.45 23.10
N GLN C 67 2.12 -29.53 24.15
CA GLN C 67 0.68 -29.43 24.06
C GLN C 67 0.28 -28.08 23.49
N GLY C 68 -0.58 -28.07 22.47
CA GLY C 68 -1.01 -26.81 21.84
C GLY C 68 -0.08 -26.32 20.74
N MET C 69 0.89 -27.15 20.37
CA MET C 69 1.79 -26.81 19.27
C MET C 69 2.27 -28.12 18.61
N LEU C 70 3.57 -28.31 18.44
CA LEU C 70 4.04 -29.50 17.72
C LEU C 70 4.02 -30.79 18.55
N SER C 71 3.75 -31.90 17.87
CA SER C 71 3.85 -33.22 18.47
C SER C 71 5.28 -33.76 18.29
N GLY C 72 5.96 -33.31 17.24
CA GLY C 72 7.33 -33.73 16.93
C GLY C 72 8.04 -32.80 15.95
N ALA C 73 9.37 -32.85 15.96
CA ALA C 73 10.18 -32.06 15.03
C ALA C 73 11.33 -32.93 14.57
N CYS C 74 11.71 -32.75 13.29
CA CYS C 74 12.80 -33.48 12.71
C CYS C 74 13.90 -32.46 12.41
N PRO C 75 14.93 -32.39 13.27
CA PRO C 75 16.04 -31.52 12.91
C PRO C 75 16.98 -32.14 11.86
N GLY C 76 17.60 -31.31 11.04
CA GLY C 76 18.66 -31.79 10.16
C GLY C 76 20.00 -31.19 10.57
N GLU C 77 20.99 -31.34 9.69
CA GLU C 77 22.27 -30.66 9.87
C GLU C 77 22.05 -29.17 9.70
N ILE C 78 23.08 -28.41 10.05
CA ILE C 78 23.06 -26.95 9.93
C ILE C 78 22.54 -26.48 8.58
N PHE C 79 21.46 -25.70 8.63
CA PHE C 79 20.78 -25.11 7.48
C PHE C 79 20.41 -26.17 6.42
N THR C 80 20.23 -27.42 6.85
CA THR C 80 20.01 -28.51 5.91
C THR C 80 18.78 -29.33 6.27
N SER C 81 17.91 -29.56 5.30
CA SER C 81 16.69 -30.35 5.51
C SER C 81 16.91 -31.70 6.21
N PRO C 82 16.01 -32.07 7.13
CA PRO C 82 16.06 -33.45 7.60
C PRO C 82 15.87 -34.43 6.48
N THR C 83 16.44 -35.63 6.63
CA THR C 83 16.24 -36.63 5.63
C THR C 83 14.83 -37.23 5.78
N PRO C 84 14.30 -37.78 4.68
CA PRO C 84 12.92 -38.25 4.73
C PRO C 84 12.68 -39.38 5.73
N ASP C 85 13.72 -40.14 6.08
CA ASP C 85 13.63 -41.20 7.08
C ASP C 85 13.19 -40.68 8.45
N LYS C 86 13.82 -39.58 8.90
CA LYS C 86 13.46 -38.87 10.13
C LYS C 86 11.97 -38.47 10.13
N ILE C 87 11.54 -37.85 9.04
CA ILE C 87 10.17 -37.35 8.86
C ILE C 87 9.17 -38.53 8.87
N PHE C 88 9.54 -39.57 8.14
CA PHE C 88 8.74 -40.76 8.07
C PHE C 88 8.60 -41.39 9.46
N GLU C 89 9.72 -41.63 10.14
CA GLU C 89 9.65 -42.31 11.44
C GLU C 89 9.04 -41.41 12.50
N CYS C 90 9.33 -40.11 12.46
CA CYS C 90 8.66 -39.17 13.38
C CYS C 90 7.13 -39.15 13.23
N ALA C 91 6.61 -39.05 12.00
CA ALA C 91 5.16 -39.07 11.80
C ALA C 91 4.51 -40.39 12.28
N MET C 92 5.18 -41.50 12.04
CA MET C 92 4.74 -42.80 12.56
C MET C 92 4.64 -42.77 14.06
N GLN C 93 5.68 -42.27 14.72
CA GLN C 93 5.68 -42.15 16.17
C GLN C 93 4.55 -41.31 16.76
N VAL C 94 4.19 -40.20 16.09
CA VAL C 94 3.23 -39.26 16.72
C VAL C 94 1.76 -39.46 16.35
N ASP C 95 1.50 -40.24 15.30
CA ASP C 95 0.15 -40.43 14.82
C ASP C 95 -0.73 -40.98 15.94
N GLY C 96 -1.80 -40.26 16.27
CA GLY C 96 -2.70 -40.73 17.31
C GLY C 96 -4.02 -41.23 16.76
N GLY C 97 -4.05 -41.55 15.47
CA GLY C 97 -5.24 -42.11 14.84
C GLY C 97 -6.10 -41.12 14.09
N GLU C 98 -5.77 -39.83 14.20
CA GLU C 98 -6.52 -38.78 13.50
C GLU C 98 -5.68 -38.16 12.39
N GLY C 99 -4.53 -38.77 12.12
CA GLY C 99 -3.66 -38.29 11.06
C GLY C 99 -2.61 -37.29 11.50
N VAL C 100 -1.68 -37.01 10.60
CA VAL C 100 -0.54 -36.17 10.87
C VAL C 100 -0.53 -34.99 9.87
N LEU C 101 -0.33 -33.79 10.40
CA LEU C 101 -0.21 -32.61 9.57
C LEU C 101 1.25 -32.17 9.53
N LEU C 102 1.80 -32.22 8.34
CA LEU C 102 3.19 -31.78 8.11
C LEU C 102 3.18 -30.33 7.67
N ILE C 103 3.79 -29.49 8.48
CA ILE C 103 4.05 -28.09 8.16
C ILE C 103 5.45 -27.98 7.56
N ILE C 104 5.54 -27.44 6.34
CA ILE C 104 6.80 -27.43 5.54
C ILE C 104 7.25 -26.00 5.14
N LYS C 105 8.49 -25.61 5.43
CA LYS C 105 8.96 -24.28 5.05
C LYS C 105 9.38 -24.39 3.61
N ASN C 106 9.14 -23.35 2.83
CA ASN C 106 9.48 -23.43 1.42
C ASN C 106 10.96 -23.29 1.02
N TYR C 107 11.68 -24.41 0.99
CA TYR C 107 13.09 -24.49 0.56
C TYR C 107 13.15 -25.74 -0.28
N THR C 108 13.93 -25.74 -1.36
CA THR C 108 13.97 -26.86 -2.28
C THR C 108 14.23 -28.20 -1.55
N GLY C 109 15.08 -28.17 -0.55
CA GLY C 109 15.40 -29.37 0.26
C GLY C 109 14.23 -29.90 1.09
N ASP C 110 13.53 -29.00 1.77
CA ASP C 110 12.43 -29.39 2.66
C ASP C 110 11.29 -29.92 1.84
N ILE C 111 10.95 -29.16 0.79
CA ILE C 111 9.96 -29.59 -0.20
C ILE C 111 10.26 -30.99 -0.72
N LEU C 112 11.47 -31.23 -1.23
CA LEU C 112 11.84 -32.59 -1.69
C LEU C 112 11.66 -33.63 -0.58
N ASN C 113 12.31 -33.40 0.55
CA ASN C 113 12.31 -34.37 1.62
C ASN C 113 10.95 -34.66 2.29
N PHE C 114 10.17 -33.60 2.50
CA PHE C 114 8.83 -33.78 3.02
C PHE C 114 7.84 -34.44 2.07
N GLU C 115 8.02 -34.24 0.76
CA GLU C 115 7.15 -34.92 -0.25
C GLU C 115 7.38 -36.43 -0.36
N THR C 116 8.64 -36.84 -0.35
CA THR C 116 9.05 -38.28 -0.25
C THR C 116 8.38 -38.96 0.93
N ALA C 117 8.45 -38.32 2.08
CA ALA C 117 7.95 -38.85 3.34
C ALA C 117 6.42 -38.97 3.37
N THR C 118 5.73 -37.88 3.05
CA THR C 118 4.28 -37.85 2.99
C THR C 118 3.71 -38.98 2.12
N GLU C 119 4.23 -39.04 0.90
CA GLU C 119 3.82 -40.00 -0.10
C GLU C 119 3.94 -41.40 0.50
N LEU C 120 5.05 -41.65 1.20
CA LEU C 120 5.33 -42.97 1.75
C LEU C 120 4.49 -43.21 2.98
N LEU C 121 4.25 -42.13 3.73
CA LEU C 121 3.35 -42.18 4.88
C LEU C 121 1.96 -42.60 4.48
N HIS C 122 1.44 -42.01 3.40
CA HIS C 122 0.12 -42.32 2.89
C HIS C 122 0.02 -43.79 2.49
N ASP C 123 0.98 -44.26 1.70
CA ASP C 123 0.97 -45.67 1.29
C ASP C 123 1.17 -46.65 2.46
N SER C 124 1.70 -46.16 3.58
CA SER C 124 1.88 -47.02 4.75
C SER C 124 0.64 -47.02 5.66
N GLY C 125 -0.40 -46.29 5.25
CA GLY C 125 -1.67 -46.28 6.00
C GLY C 125 -1.93 -45.07 6.89
N VAL C 126 -1.01 -44.11 6.89
CA VAL C 126 -1.17 -42.93 7.75
C VAL C 126 -1.94 -41.86 6.97
N LYS C 127 -2.93 -41.26 7.66
CA LYS C 127 -3.66 -40.14 7.09
C LYS C 127 -2.82 -38.90 7.27
N VAL C 128 -2.50 -38.25 6.16
CA VAL C 128 -1.54 -37.16 6.19
C VAL C 128 -1.96 -36.10 5.18
N THR C 129 -1.68 -34.85 5.49
CA THR C 129 -1.59 -33.83 4.46
C THR C 129 -0.59 -32.77 4.92
N THR C 130 -0.51 -31.69 4.14
CA THR C 130 0.64 -30.79 4.18
C THR C 130 0.17 -29.34 4.17
N VAL C 131 0.97 -28.46 4.77
CA VAL C 131 0.88 -27.00 4.62
C VAL C 131 2.29 -26.51 4.26
N VAL C 132 2.39 -25.63 3.26
CA VAL C 132 3.66 -24.97 2.89
C VAL C 132 3.66 -23.55 3.41
N ILE C 133 4.77 -23.10 4.04
CA ILE C 133 4.94 -21.70 4.47
C ILE C 133 5.84 -20.97 3.44
N ASP C 134 5.40 -19.81 2.95
CA ASP C 134 6.22 -18.98 2.01
C ASP C 134 6.08 -17.46 2.28
N ASP C 135 6.27 -17.09 3.54
CA ASP C 135 5.95 -15.75 4.02
C ASP C 135 6.99 -14.64 3.78
N ASP C 136 8.23 -14.97 3.49
CA ASP C 136 9.27 -13.96 3.29
C ASP C 136 8.87 -13.22 2.03
N VAL C 137 8.64 -11.92 2.14
CA VAL C 137 8.12 -11.15 1.00
C VAL C 137 9.28 -10.60 0.17
N ALA C 138 10.52 -10.84 0.61
CA ALA C 138 11.64 -10.06 0.12
C ALA C 138 12.16 -10.48 -1.25
N VAL C 139 12.26 -11.78 -1.49
CA VAL C 139 12.96 -12.26 -2.69
C VAL C 139 12.24 -13.43 -3.32
N LYS C 140 11.84 -13.27 -4.57
CA LYS C 140 11.36 -14.39 -5.36
C LYS C 140 12.57 -15.14 -5.94
N ASP C 141 12.61 -16.45 -5.69
CA ASP C 141 13.69 -17.36 -6.17
C ASP C 141 15.11 -17.14 -5.63
N SER C 142 15.25 -17.20 -4.30
CA SER C 142 16.54 -17.10 -3.63
C SER C 142 17.49 -18.29 -3.87
N LEU C 143 18.51 -18.41 -3.02
CA LEU C 143 19.51 -19.48 -3.17
C LEU C 143 18.99 -20.92 -3.00
N TYR C 144 18.04 -21.13 -2.08
CA TYR C 144 17.52 -22.49 -1.84
C TYR C 144 16.00 -22.62 -1.90
N THR C 145 15.38 -21.79 -2.74
CA THR C 145 13.93 -21.68 -2.75
C THR C 145 13.38 -21.45 -4.17
N ALA C 146 12.34 -22.20 -4.52
CA ALA C 146 11.55 -21.88 -5.68
C ALA C 146 10.33 -21.09 -5.15
N GLY C 147 10.27 -19.80 -5.48
CA GLY C 147 9.27 -18.90 -4.93
C GLY C 147 9.80 -18.05 -3.77
N ARG C 148 8.99 -17.95 -2.71
CA ARG C 148 9.34 -17.19 -1.52
C ARG C 148 9.56 -18.13 -0.32
N ARG C 149 10.48 -17.71 0.56
CA ARG C 149 11.12 -18.51 1.58
C ARG C 149 10.22 -18.57 2.75
N GLY C 150 10.32 -19.69 3.47
CA GLY C 150 9.63 -19.92 4.74
C GLY C 150 10.43 -19.44 5.94
N VAL C 151 9.90 -18.45 6.65
CA VAL C 151 10.62 -17.83 7.73
C VAL C 151 9.73 -17.78 9.00
N ALA C 152 9.86 -16.77 9.81
CA ALA C 152 9.22 -16.69 11.11
C ALA C 152 7.70 -16.85 11.24
N ASN C 153 6.92 -16.73 10.16
CA ASN C 153 5.47 -16.88 10.30
C ASN C 153 5.10 -18.34 10.55
N THR C 154 6.04 -19.22 10.20
CA THR C 154 6.00 -20.62 10.60
C THR C 154 5.65 -20.82 12.08
N VAL C 155 6.33 -20.08 12.95
CA VAL C 155 6.08 -20.14 14.38
C VAL C 155 4.61 -19.80 14.68
N LEU C 156 4.16 -18.65 14.15
CA LEU C 156 2.79 -18.21 14.42
C LEU C 156 1.78 -19.25 13.95
N ILE C 157 2.02 -19.85 12.79
CA ILE C 157 1.14 -20.86 12.26
C ILE C 157 1.17 -22.16 13.07
N GLU C 158 2.36 -22.60 13.49
CA GLU C 158 2.44 -23.77 14.32
C GLU C 158 1.60 -23.60 15.59
N LYS C 159 1.62 -22.39 16.17
CA LYS C 159 0.83 -22.11 17.38
C LYS C 159 -0.70 -22.15 17.14
N LEU C 160 -1.16 -21.42 16.13
CA LEU C 160 -2.59 -21.40 15.79
C LEU C 160 -3.09 -22.74 15.33
N VAL C 161 -2.35 -23.41 14.44
CA VAL C 161 -2.74 -24.74 14.02
C VAL C 161 -2.57 -25.78 15.15
N GLY C 162 -1.54 -25.60 15.99
CA GLY C 162 -1.41 -26.38 17.22
C GLY C 162 -2.63 -26.29 18.15
N ALA C 163 -3.16 -25.07 18.30
CA ALA C 163 -4.31 -24.83 19.16
C ALA C 163 -5.57 -25.51 18.58
N ALA C 164 -5.73 -25.44 17.25
CA ALA C 164 -6.85 -26.13 16.58
C ALA C 164 -6.79 -27.65 16.72
N ALA C 165 -5.59 -28.23 16.57
CA ALA C 165 -5.41 -29.67 16.74
C ALA C 165 -5.72 -30.10 18.17
N GLU C 166 -5.14 -29.38 19.12
CA GLU C 166 -5.36 -29.62 20.54
C GLU C 166 -6.87 -29.60 20.87
N ARG C 167 -7.60 -28.67 20.27
CA ARG C 167 -9.03 -28.47 20.51
C ARG C 167 -9.88 -29.65 20.03
N GLY C 168 -9.41 -30.34 18.99
CA GLY C 168 -10.10 -31.50 18.44
C GLY C 168 -10.45 -31.36 16.97
N ASP C 169 -10.00 -30.28 16.33
CA ASP C 169 -10.32 -30.08 14.91
C ASP C 169 -9.69 -31.16 14.07
N SER C 170 -10.41 -31.54 13.02
CA SER C 170 -10.01 -32.59 12.09
C SER C 170 -8.76 -32.18 11.31
N LEU C 171 -8.12 -33.14 10.66
CA LEU C 171 -6.95 -32.89 9.84
C LEU C 171 -7.29 -31.84 8.77
N ASP C 172 -8.44 -32.02 8.10
CA ASP C 172 -8.88 -31.10 7.04
C ASP C 172 -9.00 -29.69 7.57
N ALA C 173 -9.66 -29.53 8.72
CA ALA C 173 -9.81 -28.20 9.31
C ALA C 173 -8.46 -27.61 9.68
N CYS C 174 -7.56 -28.47 10.15
CA CYS C 174 -6.24 -28.02 10.59
C CYS C 174 -5.43 -27.57 9.39
N ALA C 175 -5.47 -28.36 8.32
CA ALA C 175 -4.76 -28.07 7.08
C ALA C 175 -5.29 -26.77 6.44
N GLU C 176 -6.61 -26.66 6.30
CA GLU C 176 -7.25 -25.47 5.69
C GLU C 176 -6.91 -24.19 6.46
N LEU C 177 -7.02 -24.23 7.78
CA LEU C 177 -6.55 -23.12 8.56
C LEU C 177 -5.07 -22.76 8.31
N GLY C 178 -4.17 -23.73 8.31
CA GLY C 178 -2.75 -23.40 8.08
C GLY C 178 -2.52 -22.74 6.74
N ARG C 179 -3.19 -23.29 5.72
CA ARG C 179 -3.14 -22.76 4.35
C ARG C 179 -3.66 -21.34 4.22
N LYS C 180 -4.76 -21.04 4.93
CA LYS C 180 -5.34 -19.70 4.98
C LYS C 180 -4.41 -18.71 5.70
N LEU C 181 -3.95 -19.09 6.88
CA LEU C 181 -2.99 -18.25 7.61
C LEU C 181 -1.75 -18.01 6.75
N ASN C 182 -1.30 -19.02 6.02
CA ASN C 182 -0.13 -18.84 5.19
C ASN C 182 -0.37 -17.74 4.14
N ASN C 183 -1.60 -17.65 3.64
CA ASN C 183 -1.98 -16.61 2.68
C ASN C 183 -2.23 -15.23 3.26
N GLN C 184 -2.10 -15.10 4.58
CA GLN C 184 -2.43 -13.86 5.29
C GLN C 184 -1.27 -13.32 6.10
N GLY C 185 -0.10 -13.97 6.01
CA GLY C 185 1.02 -13.55 6.83
C GLY C 185 2.19 -13.06 6.01
N HIS C 186 2.94 -12.11 6.55
CA HIS C 186 3.93 -11.41 5.73
C HIS C 186 5.18 -11.15 6.55
N SER C 187 6.36 -11.50 6.03
CA SER C 187 7.58 -11.27 6.82
C SER C 187 8.70 -10.64 6.00
N ILE C 188 9.54 -9.87 6.69
CA ILE C 188 10.80 -9.41 6.13
C ILE C 188 11.86 -9.32 7.23
N GLY C 189 13.10 -9.70 6.92
CA GLY C 189 14.20 -9.64 7.87
C GLY C 189 15.33 -8.78 7.34
N ILE C 190 16.10 -8.20 8.25
CA ILE C 190 17.33 -7.46 7.87
C ILE C 190 18.53 -7.94 8.69
N ALA C 191 19.71 -7.96 8.07
CA ALA C 191 20.94 -8.27 8.81
C ALA C 191 21.90 -7.09 8.82
N LEU C 192 22.33 -6.67 10.01
CA LEU C 192 23.48 -5.75 10.15
C LEU C 192 24.81 -6.52 10.28
N GLY C 193 24.73 -7.85 10.35
CA GLY C 193 25.90 -8.73 10.42
C GLY C 193 25.61 -10.15 9.92
N ALA C 194 26.66 -10.88 9.52
CA ALA C 194 26.50 -12.27 9.07
C ALA C 194 26.72 -13.30 10.18
N LEU C 207 29.67 -6.76 4.34
CA LEU C 207 29.13 -5.73 5.22
C LEU C 207 30.16 -4.63 5.53
N ALA C 208 29.75 -3.37 5.39
CA ALA C 208 30.55 -2.23 5.88
C ALA C 208 29.77 -1.60 7.01
N ASP C 209 30.42 -0.81 7.87
CA ASP C 209 29.70 -0.17 8.97
C ASP C 209 28.57 0.67 8.38
N ASN C 210 27.40 0.57 9.00
CA ASN C 210 26.24 1.38 8.64
C ASN C 210 25.58 0.93 7.33
N GLU C 211 25.91 -0.28 6.91
CA GLU C 211 25.29 -0.94 5.78
C GLU C 211 24.50 -2.15 6.33
N MET C 212 23.38 -2.48 5.70
CA MET C 212 22.61 -3.67 6.09
C MET C 212 22.30 -4.48 4.88
N GLU C 213 22.09 -5.78 5.06
CA GLU C 213 21.55 -6.61 3.99
C GLU C 213 20.04 -6.58 4.16
N PHE C 214 19.36 -6.00 3.16
CA PHE C 214 17.93 -5.80 3.22
C PHE C 214 17.13 -6.97 2.62
N GLY C 215 16.25 -7.56 3.41
CA GLY C 215 15.52 -8.74 2.95
C GLY C 215 16.30 -10.05 3.02
N VAL C 216 17.05 -10.21 4.10
CA VAL C 216 17.88 -11.41 4.30
C VAL C 216 17.02 -12.66 4.57
N GLY C 217 17.50 -13.82 4.13
CA GLY C 217 16.89 -15.09 4.52
C GLY C 217 17.58 -15.69 5.74
N ILE C 218 16.85 -16.52 6.47
CA ILE C 218 17.27 -17.14 7.73
C ILE C 218 18.35 -18.23 7.63
N HIS C 219 18.87 -18.44 6.42
CA HIS C 219 20.06 -19.27 6.26
C HIS C 219 21.29 -18.51 5.74
N GLY C 220 21.21 -17.20 5.62
CA GLY C 220 22.33 -16.46 5.02
C GLY C 220 22.07 -15.90 3.63
N GLU C 221 21.03 -16.40 2.95
CA GLU C 221 20.71 -15.92 1.59
C GLU C 221 20.72 -14.38 1.47
N PRO C 222 21.19 -13.86 0.32
CA PRO C 222 21.27 -12.41 0.29
C PRO C 222 19.88 -11.83 0.09
N GLY C 223 19.76 -10.53 0.29
CA GLY C 223 18.46 -9.91 0.26
C GLY C 223 18.11 -9.26 -1.06
N ILE C 224 17.38 -8.15 -0.95
CA ILE C 224 16.96 -7.38 -2.10
C ILE C 224 18.21 -6.63 -2.54
N ASP C 225 18.90 -6.01 -1.58
CA ASP C 225 20.17 -5.36 -1.83
C ASP C 225 20.94 -5.18 -0.53
N ARG C 226 22.10 -4.53 -0.62
CA ARG C 226 22.76 -3.90 0.51
C ARG C 226 22.43 -2.43 0.42
N ARG C 227 22.17 -1.82 1.57
CA ARG C 227 21.82 -0.40 1.61
C ARG C 227 22.24 0.16 2.96
N PRO C 228 22.28 1.49 3.09
CA PRO C 228 22.71 2.07 4.36
C PRO C 228 21.72 1.82 5.47
N PHE C 229 22.24 1.63 6.69
CA PHE C 229 21.43 1.61 7.88
C PHE C 229 21.59 3.01 8.45
N SER C 230 20.48 3.73 8.52
CA SER C 230 20.52 5.11 8.99
C SER C 230 20.11 5.22 10.45
N SER C 231 19.03 4.53 10.79
CA SER C 231 18.54 4.45 12.16
C SER C 231 17.65 3.22 12.26
N LEU C 232 17.32 2.85 13.48
CA LEU C 232 16.38 1.74 13.72
C LEU C 232 14.99 2.07 13.18
N ASP C 233 14.52 3.28 13.46
CA ASP C 233 13.18 3.74 13.04
C ASP C 233 12.98 3.71 11.52
N GLN C 234 13.97 4.22 10.79
CA GLN C 234 13.94 4.27 9.33
C GLN C 234 14.05 2.89 8.73
N THR C 235 14.77 2.02 9.44
CA THR C 235 14.86 0.63 9.03
C THR C 235 13.50 -0.04 9.17
N VAL C 236 12.84 0.13 10.32
CA VAL C 236 11.49 -0.39 10.50
C VAL C 236 10.52 0.15 9.40
N ASP C 237 10.55 1.48 9.15
CA ASP C 237 9.70 2.07 8.09
C ASP C 237 9.75 1.37 6.73
N GLU C 238 10.96 1.15 6.21
CA GLU C 238 11.10 0.54 4.90
C GLU C 238 10.80 -0.94 4.89
N MET C 239 11.04 -1.61 6.01
CA MET C 239 10.57 -2.98 6.22
C MET C 239 9.03 -3.04 6.15
N PHE C 240 8.41 -2.18 6.95
CA PHE C 240 6.95 -2.05 6.96
C PHE C 240 6.44 -1.71 5.54
N ASP C 241 7.08 -0.77 4.88
CA ASP C 241 6.61 -0.41 3.52
C ASP C 241 6.79 -1.58 2.60
N THR C 242 7.83 -2.38 2.87
CA THR C 242 8.11 -3.50 1.99
C THR C 242 7.10 -4.63 2.20
N LEU C 243 6.59 -4.78 3.41
CA LEU C 243 5.49 -5.73 3.63
C LEU C 243 4.24 -5.34 2.83
N LEU C 244 3.95 -4.04 2.76
CA LEU C 244 2.77 -3.56 2.05
C LEU C 244 2.95 -3.70 0.55
N VAL C 245 4.07 -3.16 0.05
CA VAL C 245 4.37 -3.19 -1.39
C VAL C 245 4.55 -4.56 -1.98
N ASN C 246 5.14 -5.47 -1.21
CA ASN C 246 5.39 -6.84 -1.70
C ASN C 246 4.29 -7.83 -1.32
N GLY C 247 3.25 -7.30 -0.65
CA GLY C 247 2.20 -8.10 -0.06
C GLY C 247 1.41 -8.96 -1.00
N SER C 248 1.07 -8.41 -2.18
CA SER C 248 0.34 -9.16 -3.22
C SER C 248 1.23 -10.22 -3.89
N TYR C 249 0.75 -11.47 -3.94
CA TYR C 249 1.60 -12.59 -4.39
C TYR C 249 0.72 -13.67 -4.98
N HIS C 250 1.02 -14.03 -6.21
CA HIS C 250 0.32 -15.13 -6.88
C HIS C 250 1.32 -16.22 -7.20
N ARG C 251 1.01 -17.46 -6.82
CA ARG C 251 1.94 -18.56 -7.04
C ARG C 251 1.20 -19.88 -6.95
N THR C 252 1.79 -20.92 -7.52
CA THR C 252 1.24 -22.26 -7.38
C THR C 252 1.85 -22.96 -6.16
N LEU C 253 1.03 -23.67 -5.39
CA LEU C 253 1.48 -24.50 -4.27
C LEU C 253 0.96 -25.93 -4.36
N ARG C 254 1.76 -26.85 -3.84
CA ARG C 254 1.48 -28.26 -3.97
C ARG C 254 1.05 -28.83 -2.60
N PHE C 255 -0.06 -29.57 -2.55
CA PHE C 255 -0.51 -30.20 -1.29
C PHE C 255 -0.89 -31.65 -1.48
N TRP C 256 -0.77 -32.44 -0.43
CA TRP C 256 -1.17 -33.83 -0.51
C TRP C 256 -2.70 -34.03 -0.33
N ASP C 257 -3.33 -34.63 -1.32
CA ASP C 257 -4.75 -35.01 -1.22
C ASP C 257 -4.83 -36.46 -0.78
N TYR C 258 -5.15 -36.68 0.50
CA TYR C 258 -5.16 -38.06 1.02
C TYR C 258 -6.35 -38.89 0.54
N GLN C 259 -7.38 -38.24 0.01
CA GLN C 259 -8.51 -39.01 -0.50
C GLN C 259 -8.31 -39.50 -1.93
N GLN C 260 -7.55 -38.74 -2.71
CA GLN C 260 -7.18 -39.16 -4.07
C GLN C 260 -5.82 -39.86 -4.03
N GLY C 261 -5.06 -39.61 -2.96
CA GLY C 261 -3.74 -40.20 -2.75
C GLY C 261 -2.73 -39.68 -3.75
N SER C 262 -2.65 -38.36 -3.89
CA SER C 262 -1.84 -37.72 -4.92
C SER C 262 -1.61 -36.23 -4.64
N TRP C 263 -0.56 -35.69 -5.25
CA TRP C 263 -0.25 -34.27 -5.19
C TRP C 263 -1.26 -33.43 -5.98
N GLN C 264 -1.82 -32.43 -5.33
CA GLN C 264 -2.70 -31.51 -6.02
C GLN C 264 -2.08 -30.15 -5.93
N GLU C 265 -2.03 -29.46 -7.07
CA GLU C 265 -1.47 -28.13 -7.11
C GLU C 265 -2.61 -27.14 -6.99
N GLU C 266 -2.33 -26.04 -6.29
CA GLU C 266 -3.35 -25.06 -5.98
C GLU C 266 -2.81 -23.65 -6.22
N GLN C 267 -3.45 -22.94 -7.15
CA GLN C 267 -3.10 -21.58 -7.48
C GLN C 267 -3.62 -20.69 -6.37
N GLN C 268 -2.72 -19.97 -5.72
CA GLN C 268 -3.17 -19.04 -4.69
C GLN C 268 -2.53 -17.70 -4.63
N THR C 269 -3.34 -16.80 -4.09
CA THR C 269 -3.10 -15.39 -4.09
C THR C 269 -3.19 -14.84 -2.69
N LYS C 270 -2.14 -14.12 -2.32
CA LYS C 270 -2.15 -13.38 -1.09
C LYS C 270 -2.52 -11.96 -1.45
N GLN C 271 -3.32 -11.35 -0.59
CA GLN C 271 -3.61 -9.93 -0.66
C GLN C 271 -2.70 -9.28 0.36
N PRO C 272 -2.14 -8.10 0.04
CA PRO C 272 -1.43 -7.34 1.05
C PRO C 272 -2.31 -6.97 2.23
N LEU C 273 -1.68 -6.51 3.31
CA LEU C 273 -2.38 -5.98 4.46
C LEU C 273 -2.98 -4.63 4.10
N GLN C 274 -4.13 -4.32 4.70
CA GLN C 274 -4.81 -3.06 4.43
C GLN C 274 -5.59 -2.54 5.64
N SER C 275 -6.00 -1.27 5.54
CA SER C 275 -6.71 -0.54 6.61
C SER C 275 -7.96 -1.29 7.06
N GLY C 276 -8.10 -1.46 8.38
CA GLY C 276 -9.18 -2.26 8.95
C GLY C 276 -8.72 -3.66 9.36
N ASP C 277 -7.56 -4.09 8.86
CA ASP C 277 -6.99 -5.38 9.24
C ASP C 277 -6.48 -5.34 10.67
N ARG C 278 -6.69 -6.47 11.37
CA ARG C 278 -6.16 -6.68 12.70
C ARG C 278 -5.07 -7.77 12.60
N VAL C 279 -4.04 -7.67 13.44
CA VAL C 279 -2.87 -8.50 13.25
C VAL C 279 -2.20 -8.95 14.56
N ILE C 280 -1.49 -10.06 14.46
CA ILE C 280 -0.51 -10.43 15.43
C ILE C 280 0.82 -10.00 14.81
N ALA C 281 1.64 -9.27 15.58
CA ALA C 281 3.01 -8.91 15.21
C ALA C 281 4.06 -9.77 15.91
N LEU C 282 4.99 -10.32 15.14
CA LEU C 282 6.19 -10.98 15.72
C LEU C 282 7.45 -10.20 15.37
N VAL C 283 8.07 -9.62 16.38
CA VAL C 283 9.33 -8.94 16.23
C VAL C 283 10.41 -9.91 16.69
N ASN C 284 11.10 -10.47 15.72
CA ASN C 284 11.93 -11.63 15.95
C ASN C 284 13.45 -11.35 15.91
N ASN C 285 14.18 -11.76 16.95
CA ASN C 285 15.63 -11.68 16.94
C ASN C 285 16.27 -12.75 16.06
N LEU C 286 17.00 -12.34 15.04
CA LEU C 286 17.73 -13.30 14.22
C LEU C 286 19.02 -13.83 14.88
N GLY C 287 19.36 -13.30 16.05
CA GLY C 287 20.35 -13.96 16.92
C GLY C 287 21.16 -13.11 17.89
N ALA C 288 21.53 -11.91 17.45
CA ALA C 288 22.48 -11.09 18.21
C ALA C 288 21.99 -9.65 18.39
N THR C 289 20.70 -9.42 18.23
CA THR C 289 20.16 -8.08 18.45
C THR C 289 19.73 -7.97 19.91
N PRO C 290 20.15 -6.90 20.61
CA PRO C 290 19.75 -6.65 21.99
C PRO C 290 18.23 -6.54 22.12
N LEU C 291 17.65 -7.07 23.20
CA LEU C 291 16.17 -7.11 23.37
C LEU C 291 15.64 -5.71 23.58
N SER C 292 16.48 -4.85 24.17
CA SER C 292 16.20 -3.44 24.21
C SER C 292 15.87 -2.95 22.79
N GLU C 293 16.68 -3.34 21.82
CA GLU C 293 16.46 -2.84 20.45
C GLU C 293 15.16 -3.36 19.82
N LEU C 294 14.81 -4.61 20.13
CA LEU C 294 13.55 -5.17 19.64
C LEU C 294 12.33 -4.41 20.15
N TYR C 295 12.45 -3.83 21.34
CA TYR C 295 11.37 -3.01 21.89
C TYR C 295 11.28 -1.66 21.18
N GLY C 296 12.41 -1.17 20.67
CA GLY C 296 12.46 0.05 19.90
C GLY C 296 11.80 -0.22 18.55
N VAL C 297 12.06 -1.40 18.01
CA VAL C 297 11.42 -1.85 16.79
C VAL C 297 9.90 -1.93 16.98
N TYR C 298 9.46 -2.62 18.03
CA TYR C 298 8.02 -2.72 18.29
C TYR C 298 7.38 -1.34 18.39
N ASN C 299 7.99 -0.42 19.12
CA ASN C 299 7.45 0.94 19.24
C ASN C 299 7.11 1.61 17.91
N ARG C 300 8.07 1.57 16.98
CA ARG C 300 7.99 2.16 15.66
C ARG C 300 6.95 1.42 14.84
N LEU C 301 7.00 0.10 14.88
CA LEU C 301 6.04 -0.71 14.16
C LEU C 301 4.59 -0.45 14.60
N THR C 302 4.33 -0.20 15.87
CA THR C 302 2.94 0.06 16.26
C THR C 302 2.48 1.42 15.71
N THR C 303 3.37 2.42 15.73
CA THR C 303 3.10 3.75 15.17
C THR C 303 2.70 3.65 13.69
N ARG C 304 3.43 2.84 12.90
CA ARG C 304 3.14 2.67 11.48
C ARG C 304 1.88 1.86 11.18
N CYS C 305 1.61 0.82 11.98
CA CYS C 305 0.35 0.08 11.85
C CYS C 305 -0.84 1.03 12.07
N GLN C 306 -0.77 1.78 13.16
CA GLN C 306 -1.81 2.72 13.57
C GLN C 306 -2.12 3.66 12.42
N GLN C 307 -1.06 4.31 11.91
CA GLN C 307 -1.15 5.24 10.81
C GLN C 307 -1.68 4.61 9.52
N ALA C 308 -1.30 3.36 9.26
CA ALA C 308 -1.91 2.61 8.17
C ALA C 308 -3.29 1.97 8.51
N GLY C 309 -3.86 2.24 9.67
CA GLY C 309 -5.11 1.55 10.05
C GLY C 309 -5.07 0.03 10.32
N LEU C 310 -3.90 -0.49 10.67
CA LEU C 310 -3.76 -1.93 11.05
C LEU C 310 -3.81 -2.04 12.56
N THR C 311 -4.67 -2.90 13.10
CA THR C 311 -4.69 -3.05 14.57
C THR C 311 -3.83 -4.24 15.05
N ILE C 312 -2.80 -3.95 15.85
CA ILE C 312 -2.02 -5.04 16.44
C ILE C 312 -2.73 -5.58 17.66
N GLU C 313 -3.22 -6.80 17.56
CA GLU C 313 -4.03 -7.40 18.63
C GLU C 313 -3.20 -8.18 19.64
N ARG C 314 -2.22 -8.94 19.16
CA ARG C 314 -1.25 -9.67 19.98
C ARG C 314 0.16 -9.44 19.41
N ASN C 315 1.16 -9.65 20.26
CA ASN C 315 2.55 -9.52 19.85
C ASN C 315 3.46 -10.60 20.49
N LEU C 316 4.60 -10.89 19.85
CA LEU C 316 5.66 -11.72 20.40
C LEU C 316 6.92 -10.96 20.08
N ILE C 317 7.77 -10.77 21.08
CA ILE C 317 9.03 -10.09 20.90
C ILE C 317 10.14 -10.92 21.56
N GLY C 318 11.15 -11.28 20.77
CA GLY C 318 12.27 -12.10 21.23
C GLY C 318 12.82 -13.01 20.14
N ALA C 319 13.56 -14.05 20.53
CA ALA C 319 14.21 -14.96 19.56
C ALA C 319 13.41 -16.22 19.27
N TYR C 320 12.71 -16.22 18.14
CA TYR C 320 11.71 -17.26 17.86
C TYR C 320 12.07 -18.06 16.63
N CYS C 321 12.96 -17.47 15.81
CA CYS C 321 13.39 -18.06 14.56
C CYS C 321 14.69 -17.35 14.22
N THR C 322 15.81 -17.98 14.54
CA THR C 322 17.09 -17.29 14.55
C THR C 322 17.93 -17.74 13.35
N SER C 323 19.10 -17.17 13.16
CA SER C 323 19.99 -17.60 12.08
C SER C 323 21.37 -17.67 12.67
N LEU C 324 21.62 -18.77 13.37
CA LEU C 324 22.71 -18.88 14.35
C LEU C 324 22.81 -17.63 15.23
N ASP C 325 23.95 -16.94 15.11
CA ASP C 325 24.24 -15.70 15.83
C ASP C 325 24.19 -14.41 14.97
N MET C 326 23.45 -14.45 13.85
CA MET C 326 23.29 -13.29 12.94
C MET C 326 22.79 -12.05 13.67
N THR C 327 23.36 -10.90 13.32
CA THR C 327 22.91 -9.61 13.84
C THR C 327 21.79 -9.05 12.92
N GLY C 328 20.57 -9.09 13.42
CA GLY C 328 19.42 -8.73 12.62
C GLY C 328 18.12 -9.15 13.29
N PHE C 329 17.02 -8.71 12.70
CA PHE C 329 15.73 -8.98 13.24
C PHE C 329 14.79 -9.12 12.05
N SER C 330 13.62 -9.69 12.29
CA SER C 330 12.56 -9.72 11.29
C SER C 330 11.26 -9.19 11.88
N ILE C 331 10.33 -8.80 11.00
CA ILE C 331 9.02 -8.39 11.44
C ILE C 331 8.06 -9.26 10.69
N THR C 332 7.09 -9.82 11.39
CA THR C 332 6.10 -10.67 10.76
C THR C 332 4.74 -10.09 11.16
N LEU C 333 3.87 -9.85 10.19
CA LEU C 333 2.53 -9.42 10.53
C LEU C 333 1.54 -10.44 9.97
N LEU C 334 0.67 -10.96 10.82
CA LEU C 334 -0.27 -11.99 10.39
C LEU C 334 -1.67 -11.51 10.66
N LYS C 335 -2.45 -11.38 9.58
CA LYS C 335 -3.85 -10.98 9.68
C LYS C 335 -4.62 -12.07 10.43
N VAL C 336 -5.46 -11.65 11.38
CA VAL C 336 -6.31 -12.55 12.16
C VAL C 336 -7.74 -12.03 12.34
N ASP C 337 -8.64 -12.93 12.76
CA ASP C 337 -9.98 -12.57 13.21
C ASP C 337 -10.20 -12.96 14.68
N ASP C 338 -11.44 -12.78 15.14
CA ASP C 338 -11.87 -13.27 16.45
C ASP C 338 -11.51 -14.74 16.70
N GLU C 339 -11.87 -15.62 15.77
CA GLU C 339 -11.68 -17.06 15.93
C GLU C 339 -10.21 -17.45 16.07
N THR C 340 -9.36 -16.75 15.30
CA THR C 340 -7.93 -16.99 15.31
C THR C 340 -7.29 -16.43 16.60
N LEU C 341 -7.80 -15.30 17.08
CA LEU C 341 -7.32 -14.75 18.36
C LEU C 341 -7.57 -15.66 19.58
N ALA C 342 -8.73 -16.32 19.59
CA ALA C 342 -9.04 -17.36 20.55
C ALA C 342 -8.04 -18.53 20.47
N LEU C 343 -7.72 -18.95 19.25
CA LEU C 343 -6.67 -19.94 19.02
C LEU C 343 -5.31 -19.46 19.52
N TRP C 344 -5.06 -18.16 19.40
CA TRP C 344 -3.83 -17.58 19.91
C TRP C 344 -3.81 -17.67 21.42
N ASP C 345 -4.91 -17.25 22.05
CA ASP C 345 -4.96 -17.22 23.51
C ASP C 345 -5.03 -18.59 24.17
N ALA C 346 -5.39 -19.62 23.42
CA ALA C 346 -5.42 -21.00 23.94
C ALA C 346 -4.08 -21.44 24.53
N PRO C 347 -4.13 -22.29 25.57
CA PRO C 347 -2.90 -22.82 26.18
C PRO C 347 -1.89 -23.37 25.19
N VAL C 348 -0.63 -23.11 25.49
CA VAL C 348 0.48 -23.73 24.82
C VAL C 348 1.55 -24.02 25.89
N HIS C 349 2.15 -25.21 25.82
CA HIS C 349 3.21 -25.60 26.77
C HIS C 349 4.41 -26.24 26.05
N THR C 350 5.40 -25.41 25.72
CA THR C 350 6.57 -25.82 24.95
C THR C 350 7.79 -25.16 25.59
N PRO C 351 9.02 -25.65 25.31
CA PRO C 351 10.20 -24.93 25.76
C PRO C 351 10.20 -23.42 25.46
N ALA C 352 9.77 -23.01 24.27
CA ALA C 352 9.87 -21.59 23.90
C ALA C 352 8.62 -20.75 24.09
N LEU C 353 7.45 -21.39 24.04
CA LEU C 353 6.17 -20.69 24.26
C LEU C 353 5.34 -21.39 25.34
N ASN C 354 4.99 -20.64 26.37
CA ASN C 354 4.22 -21.21 27.45
C ASN C 354 3.22 -20.23 28.01
N TRP C 355 1.94 -20.55 27.91
CA TRP C 355 0.89 -19.81 28.63
C TRP C 355 -0.39 -20.62 28.78
N GLY C 356 -1.31 -20.13 29.61
CA GLY C 356 -2.58 -20.82 29.85
C GLY C 356 -2.40 -21.96 30.84
N LYS C 357 -3.51 -22.60 31.19
CA LYS C 357 -3.49 -23.69 32.17
C LYS C 357 -2.93 -24.99 31.57
N ASP D 11 16.84 9.75 23.27
CA ASP D 11 15.49 9.37 22.76
C ASP D 11 15.41 7.86 22.63
N VAL D 12 16.55 7.26 22.33
CA VAL D 12 16.63 5.83 22.05
C VAL D 12 16.14 4.97 23.22
N LEU D 13 16.53 5.34 24.44
CA LEU D 13 16.01 4.72 25.64
C LEU D 13 14.49 4.88 25.68
N ASP D 14 14.03 6.12 25.52
CA ASP D 14 12.60 6.48 25.60
C ASP D 14 11.75 5.58 24.71
N GLU D 15 12.23 5.36 23.48
CA GLU D 15 11.56 4.55 22.46
C GLU D 15 11.41 3.07 22.83
N GLN D 16 12.51 2.49 23.32
CA GLN D 16 12.51 1.13 23.83
C GLN D 16 11.53 1.00 25.02
N LEU D 17 11.53 1.98 25.92
CA LEU D 17 10.57 2.01 27.05
C LEU D 17 9.12 2.15 26.60
N ALA D 18 8.87 3.09 25.67
CA ALA D 18 7.57 3.21 24.98
C ALA D 18 7.14 1.90 24.29
N GLY D 19 8.09 1.23 23.64
CA GLY D 19 7.86 -0.09 23.01
C GLY D 19 7.47 -1.18 24.01
N LEU D 20 8.12 -1.16 25.16
CA LEU D 20 7.79 -2.07 26.26
C LEU D 20 6.35 -1.85 26.71
N ALA D 21 6.02 -0.59 26.99
CA ALA D 21 4.69 -0.20 27.47
C ALA D 21 3.59 -0.57 26.48
N LYS D 22 3.88 -0.41 25.19
CA LYS D 22 2.93 -0.79 24.12
C LYS D 22 2.75 -2.31 24.00
N ALA D 23 3.87 -3.05 24.07
CA ALA D 23 3.82 -4.51 24.01
C ALA D 23 3.09 -5.17 25.18
N HIS D 24 3.18 -4.55 26.36
CA HIS D 24 2.66 -5.16 27.59
C HIS D 24 1.73 -4.23 28.34
N PRO D 25 0.41 -4.29 28.04
CA PRO D 25 -0.53 -3.47 28.79
C PRO D 25 -0.66 -3.89 30.26
N SER D 26 -0.06 -5.00 30.65
CA SER D 26 0.01 -5.34 32.09
C SER D 26 1.01 -4.45 32.85
N LEU D 27 1.78 -3.66 32.12
CA LEU D 27 2.74 -2.75 32.74
C LEU D 27 2.30 -1.31 32.58
N THR D 28 2.72 -0.47 33.52
CA THR D 28 2.47 0.97 33.41
C THR D 28 3.79 1.71 33.39
N LEU D 29 4.04 2.44 32.33
CA LEU D 29 5.24 3.25 32.19
C LEU D 29 4.95 4.62 32.78
N HIS D 30 5.64 4.93 33.88
CA HIS D 30 5.47 6.20 34.57
C HIS D 30 6.51 7.20 34.05
N GLN D 31 6.14 8.49 34.06
CA GLN D 31 7.01 9.57 33.56
C GLN D 31 7.16 10.63 34.64
N ASP D 32 8.32 11.26 34.71
CA ASP D 32 8.62 12.36 35.66
C ASP D 32 8.37 11.93 37.14
N PRO D 33 9.17 10.96 37.63
CA PRO D 33 10.29 10.39 36.90
C PRO D 33 9.92 9.05 36.26
N VAL D 34 10.85 8.48 35.49
CA VAL D 34 10.59 7.24 34.79
C VAL D 34 10.75 6.03 35.70
N TYR D 35 9.86 5.07 35.50
CA TYR D 35 9.90 3.79 36.16
C TYR D 35 8.69 3.03 35.69
N VAL D 36 8.71 1.74 35.94
CA VAL D 36 7.68 0.86 35.46
C VAL D 36 7.08 0.07 36.62
N THR D 37 5.76 -0.11 36.57
CA THR D 37 5.07 -0.96 37.55
C THR D 37 4.07 -1.90 36.90
N ARG D 38 3.60 -2.88 37.67
CA ARG D 38 2.45 -3.64 37.30
C ARG D 38 1.29 -2.65 37.13
N ALA D 39 0.44 -2.88 36.14
CA ALA D 39 -0.73 -2.03 35.93
C ALA D 39 -1.68 -2.02 37.12
N ASP D 40 -1.74 -3.14 37.85
CA ASP D 40 -2.63 -3.23 39.02
C ASP D 40 -2.00 -2.80 40.35
N ALA D 41 -0.75 -2.33 40.31
CA ALA D 41 -0.07 -1.75 41.48
C ALA D 41 -0.72 -0.44 41.91
N PRO D 42 -0.90 -0.22 43.23
CA PRO D 42 -0.52 -1.05 44.39
C PRO D 42 -1.43 -2.25 44.62
N VAL D 43 -0.84 -3.42 44.83
CA VAL D 43 -1.60 -4.62 45.11
C VAL D 43 -1.77 -4.77 46.61
N ALA D 44 -2.99 -4.55 47.06
CA ALA D 44 -3.34 -4.58 48.48
C ALA D 44 -3.09 -5.95 49.10
N GLY D 45 -2.46 -5.95 50.28
CA GLY D 45 -2.34 -7.16 51.10
C GLY D 45 -1.15 -8.06 50.83
N LYS D 46 -0.22 -7.62 50.00
CA LYS D 46 0.95 -8.42 49.64
C LYS D 46 2.19 -7.55 49.71
N VAL D 47 3.29 -8.15 50.14
CA VAL D 47 4.59 -7.50 50.12
C VAL D 47 4.91 -7.15 48.66
N ALA D 48 5.41 -5.94 48.43
CA ALA D 48 5.71 -5.50 47.07
C ALA D 48 7.21 -5.65 46.86
N LEU D 49 7.61 -6.16 45.69
CA LEU D 49 9.02 -6.36 45.38
C LEU D 49 9.49 -5.32 44.42
N LEU D 50 10.64 -4.72 44.70
CA LEU D 50 11.21 -3.73 43.76
C LEU D 50 12.71 -3.96 43.46
N SER D 51 13.07 -3.96 42.18
CA SER D 51 14.47 -3.87 41.82
C SER D 51 14.71 -2.77 40.77
N GLY D 52 15.89 -2.75 40.15
CA GLY D 52 16.26 -1.62 39.33
C GLY D 52 17.73 -1.77 39.04
N GLY D 53 18.21 -1.14 37.99
CA GLY D 53 19.60 -1.28 37.59
C GLY D 53 19.75 -0.48 36.31
N GLY D 54 20.97 -0.33 35.83
CA GLY D 54 21.21 0.32 34.55
C GLY D 54 20.57 -0.45 33.43
N SER D 55 20.15 0.26 32.38
CA SER D 55 19.70 -0.43 31.19
C SER D 55 20.90 -1.16 30.59
N GLY D 56 20.68 -2.06 29.62
CA GLY D 56 21.75 -2.84 29.00
C GLY D 56 21.81 -4.33 29.36
N ASN D 57 20.90 -4.77 30.24
CA ASN D 57 20.85 -6.15 30.72
C ASN D 57 19.49 -6.80 30.49
N GLU D 58 18.67 -6.17 29.65
CA GLU D 58 17.33 -6.65 29.36
C GLU D 58 17.36 -8.16 29.09
N PRO D 59 16.37 -8.91 29.62
CA PRO D 59 15.13 -8.45 30.26
C PRO D 59 15.19 -8.10 31.77
N MET D 60 16.36 -8.13 32.38
CA MET D 60 16.52 -7.66 33.74
C MET D 60 16.56 -6.11 33.72
N HIS D 61 15.63 -5.42 34.38
CA HIS D 61 14.62 -5.98 35.27
C HIS D 61 13.16 -5.87 34.80
N CYS D 62 12.87 -4.95 33.88
CA CYS D 62 11.47 -4.69 33.46
C CYS D 62 10.73 -5.92 32.92
N GLY D 63 11.47 -6.83 32.30
CA GLY D 63 10.90 -8.12 31.85
C GLY D 63 10.35 -9.00 32.97
N TYR D 64 10.70 -8.68 34.21
CA TYR D 64 10.30 -9.48 35.39
C TYR D 64 9.20 -8.85 36.26
N ILE D 65 8.50 -7.84 35.75
CA ILE D 65 7.40 -7.16 36.45
C ILE D 65 6.10 -7.91 36.20
N GLY D 66 5.39 -8.27 37.27
CA GLY D 66 4.16 -9.03 37.10
C GLY D 66 3.86 -9.97 38.27
N GLN D 67 2.71 -10.63 38.19
CA GLN D 67 2.25 -11.47 39.27
C GLN D 67 3.25 -12.56 39.53
N GLY D 68 3.71 -12.65 40.76
CA GLY D 68 4.63 -13.70 41.16
C GLY D 68 6.09 -13.32 41.03
N MET D 69 6.35 -12.04 40.72
CA MET D 69 7.72 -11.56 40.62
C MET D 69 7.77 -10.11 41.06
N LEU D 70 8.38 -9.23 40.26
CA LEU D 70 8.49 -7.83 40.67
C LEU D 70 7.18 -7.07 40.57
N SER D 71 6.97 -6.12 41.48
CA SER D 71 5.86 -5.18 41.43
C SER D 71 6.24 -3.95 40.62
N GLY D 72 7.53 -3.64 40.60
CA GLY D 72 8.03 -2.55 39.77
C GLY D 72 9.54 -2.66 39.61
N ALA D 73 10.07 -1.84 38.70
CA ALA D 73 11.50 -1.77 38.43
C ALA D 73 11.83 -0.34 38.06
N CYS D 74 13.04 0.08 38.44
CA CYS D 74 13.58 1.37 38.06
C CYS D 74 14.78 1.22 37.10
N PRO D 75 14.57 1.48 35.81
CA PRO D 75 15.74 1.45 34.93
C PRO D 75 16.55 2.75 34.98
N GLY D 76 17.86 2.62 34.73
CA GLY D 76 18.74 3.78 34.66
C GLY D 76 19.28 3.94 33.25
N GLU D 77 20.23 4.85 33.08
CA GLU D 77 20.97 4.97 31.83
C GLU D 77 21.78 3.70 31.64
N ILE D 78 22.44 3.58 30.50
CA ILE D 78 23.20 2.38 30.20
C ILE D 78 24.25 2.09 31.28
N PHE D 79 24.21 0.87 31.80
CA PHE D 79 25.13 0.36 32.83
C PHE D 79 25.25 1.33 34.01
N THR D 80 24.22 2.17 34.18
CA THR D 80 24.22 3.18 35.25
C THR D 80 23.03 3.01 36.20
N SER D 81 23.27 3.19 37.49
CA SER D 81 22.21 3.00 38.50
C SER D 81 21.08 4.00 38.36
N PRO D 82 19.83 3.54 38.58
CA PRO D 82 18.75 4.51 38.69
C PRO D 82 19.05 5.52 39.79
N THR D 83 18.62 6.76 39.55
CA THR D 83 18.74 7.86 40.49
C THR D 83 17.75 7.60 41.61
N PRO D 84 18.06 8.07 42.82
CA PRO D 84 17.22 7.61 43.93
C PRO D 84 15.76 8.11 43.93
N ASP D 85 15.45 9.18 43.19
CA ASP D 85 14.08 9.66 43.02
C ASP D 85 13.16 8.61 42.38
N LYS D 86 13.65 7.91 41.35
CA LYS D 86 12.94 6.82 40.67
C LYS D 86 12.47 5.73 41.67
N ILE D 87 13.44 5.29 42.47
CA ILE D 87 13.27 4.21 43.45
C ILE D 87 12.28 4.65 44.53
N PHE D 88 12.46 5.88 45.00
CA PHE D 88 11.58 6.43 46.02
C PHE D 88 10.14 6.42 45.53
N GLU D 89 9.91 7.01 44.35
CA GLU D 89 8.55 7.10 43.79
C GLU D 89 7.95 5.77 43.36
N CYS D 90 8.79 4.89 42.84
CA CYS D 90 8.32 3.57 42.44
C CYS D 90 7.93 2.75 43.67
N ALA D 91 8.73 2.85 44.74
CA ALA D 91 8.38 2.15 45.95
C ALA D 91 7.06 2.65 46.52
N MET D 92 6.90 3.98 46.56
CA MET D 92 5.66 4.62 47.01
C MET D 92 4.44 4.18 46.20
N GLN D 93 4.61 4.04 44.88
CA GLN D 93 3.53 3.55 44.02
C GLN D 93 3.15 2.08 44.21
N VAL D 94 4.11 1.21 44.53
CA VAL D 94 3.81 -0.22 44.63
C VAL D 94 3.44 -0.74 46.00
N ASP D 95 3.66 0.09 47.02
CA ASP D 95 3.39 -0.31 48.40
C ASP D 95 1.90 -0.60 48.59
N GLY D 96 1.58 -1.87 48.86
CA GLY D 96 0.20 -2.26 49.10
C GLY D 96 -0.18 -2.34 50.56
N GLY D 97 0.66 -1.79 51.43
CA GLY D 97 0.39 -1.77 52.87
C GLY D 97 1.09 -2.83 53.69
N GLU D 98 1.90 -3.67 53.05
CA GLU D 98 2.65 -4.71 53.77
C GLU D 98 4.15 -4.52 53.62
N GLY D 99 4.54 -3.37 53.07
CA GLY D 99 5.95 -3.06 52.95
C GLY D 99 6.53 -3.36 51.60
N VAL D 100 7.69 -2.77 51.36
CA VAL D 100 8.37 -2.93 50.08
C VAL D 100 9.77 -3.57 50.30
N LEU D 101 10.08 -4.58 49.51
CA LEU D 101 11.38 -5.24 49.59
C LEU D 101 12.21 -4.82 48.37
N LEU D 102 13.33 -4.19 48.65
CA LEU D 102 14.26 -3.72 47.62
C LEU D 102 15.38 -4.71 47.37
N ILE D 103 15.44 -5.20 46.14
CA ILE D 103 16.48 -6.09 45.67
C ILE D 103 17.57 -5.28 44.92
N ILE D 104 18.75 -5.19 45.55
CA ILE D 104 19.90 -4.41 45.04
C ILE D 104 21.06 -5.31 44.59
N LYS D 105 21.53 -5.15 43.36
CA LYS D 105 22.73 -5.90 42.92
C LYS D 105 23.96 -5.17 43.44
N ASN D 106 24.99 -5.94 43.83
CA ASN D 106 26.21 -5.36 44.43
C ASN D 106 27.10 -4.57 43.43
N TYR D 107 26.69 -3.33 43.16
CA TYR D 107 27.48 -2.30 42.46
C TYR D 107 27.40 -1.06 43.28
N THR D 108 28.47 -0.26 43.25
CA THR D 108 28.55 0.85 44.20
C THR D 108 27.54 1.98 44.00
N GLY D 109 27.19 2.22 42.74
CA GLY D 109 26.10 3.17 42.42
C GLY D 109 24.74 2.65 42.88
N ASP D 110 24.54 1.34 42.76
CA ASP D 110 23.25 0.71 43.12
C ASP D 110 23.03 0.77 44.61
N ILE D 111 24.02 0.26 45.36
CA ILE D 111 24.07 0.33 46.81
C ILE D 111 23.78 1.77 47.26
N LEU D 112 24.54 2.72 46.71
CA LEU D 112 24.40 4.12 47.03
C LEU D 112 22.98 4.65 46.84
N ASN D 113 22.46 4.48 45.64
CA ASN D 113 21.17 5.06 45.28
C ASN D 113 20.00 4.35 45.99
N PHE D 114 20.06 3.02 46.12
CA PHE D 114 19.02 2.29 46.88
C PHE D 114 19.08 2.56 48.39
N GLU D 115 20.27 2.78 48.94
CA GLU D 115 20.40 3.18 50.37
C GLU D 115 19.84 4.55 50.68
N THR D 116 20.06 5.49 49.77
CA THR D 116 19.39 6.79 49.84
C THR D 116 17.90 6.65 49.87
N ALA D 117 17.35 5.95 48.89
CA ALA D 117 15.91 5.90 48.73
C ALA D 117 15.29 5.17 49.92
N THR D 118 15.81 3.99 50.25
CA THR D 118 15.37 3.20 51.41
C THR D 118 15.23 4.03 52.69
N GLU D 119 16.28 4.76 53.01
CA GLU D 119 16.33 5.58 54.19
C GLU D 119 15.20 6.61 54.13
N LEU D 120 15.00 7.16 52.94
CA LEU D 120 14.01 8.21 52.78
C LEU D 120 12.63 7.60 52.85
N LEU D 121 12.51 6.39 52.30
CA LEU D 121 11.26 5.64 52.35
C LEU D 121 10.81 5.35 53.77
N HIS D 122 11.75 4.89 54.61
CA HIS D 122 11.46 4.62 56.02
C HIS D 122 10.95 5.87 56.67
N ASP D 123 11.69 6.96 56.45
CA ASP D 123 11.32 8.25 57.06
C ASP D 123 9.98 8.84 56.58
N SER D 124 9.49 8.39 55.43
CA SER D 124 8.22 8.85 54.91
C SER D 124 7.05 7.97 55.31
N GLY D 125 7.31 6.93 56.09
CA GLY D 125 6.27 6.02 56.60
C GLY D 125 6.16 4.64 55.94
N VAL D 126 7.08 4.33 55.04
CA VAL D 126 7.03 3.07 54.32
C VAL D 126 7.86 2.01 55.05
N LYS D 127 7.24 0.84 55.23
CA LYS D 127 7.90 -0.36 55.76
C LYS D 127 8.81 -0.95 54.68
N VAL D 128 10.12 -0.91 54.91
CA VAL D 128 11.06 -1.25 53.85
C VAL D 128 12.22 -2.09 54.40
N THR D 129 12.71 -3.05 53.61
CA THR D 129 14.06 -3.56 53.84
C THR D 129 14.69 -4.03 52.52
N THR D 130 15.86 -4.65 52.62
CA THR D 130 16.73 -4.84 51.45
C THR D 130 17.40 -6.19 51.48
N VAL D 131 17.64 -6.70 50.28
CA VAL D 131 18.39 -7.90 50.03
C VAL D 131 19.41 -7.44 48.98
N VAL D 132 20.67 -7.80 49.18
CA VAL D 132 21.74 -7.49 48.26
C VAL D 132 22.18 -8.76 47.57
N ILE D 133 22.35 -8.68 46.24
CA ILE D 133 22.81 -9.81 45.46
C ILE D 133 24.32 -9.64 45.13
N ASP D 134 25.12 -10.69 45.40
CA ASP D 134 26.59 -10.67 45.12
C ASP D 134 27.10 -12.05 44.69
N ASP D 135 26.51 -12.60 43.63
CA ASP D 135 26.65 -14.03 43.30
C ASP D 135 27.88 -14.37 42.44
N ASP D 136 28.42 -13.38 41.77
CA ASP D 136 29.53 -13.58 40.83
C ASP D 136 30.78 -13.97 41.60
N VAL D 137 31.29 -15.19 41.39
CA VAL D 137 32.45 -15.68 42.09
C VAL D 137 33.79 -15.24 41.50
N ALA D 138 33.78 -14.65 40.30
CA ALA D 138 35.04 -14.45 39.57
C ALA D 138 36.04 -13.52 40.26
N VAL D 139 35.64 -12.30 40.60
CA VAL D 139 36.56 -11.32 41.16
C VAL D 139 36.02 -10.67 42.44
N LYS D 140 36.96 -10.17 43.23
CA LYS D 140 36.68 -9.39 44.41
C LYS D 140 37.21 -8.02 44.08
N ASP D 141 36.40 -6.98 44.31
CA ASP D 141 36.78 -5.60 43.99
C ASP D 141 37.02 -5.32 42.50
N SER D 142 35.93 -5.44 41.74
CA SER D 142 35.88 -5.09 40.31
C SER D 142 35.92 -3.58 40.09
N LEU D 143 35.45 -3.15 38.90
CA LEU D 143 35.52 -1.76 38.50
C LEU D 143 34.51 -0.92 39.26
N TYR D 144 33.28 -1.44 39.37
CA TYR D 144 32.16 -0.69 39.93
C TYR D 144 31.54 -1.38 41.14
N THR D 145 32.36 -2.13 41.89
CA THR D 145 31.86 -3.01 42.94
C THR D 145 32.84 -3.08 44.11
N ALA D 146 32.31 -3.06 45.34
CA ALA D 146 33.05 -3.48 46.53
C ALA D 146 32.56 -4.89 46.91
N GLY D 147 33.45 -5.87 46.77
CA GLY D 147 33.10 -7.27 47.02
C GLY D 147 32.82 -8.00 45.70
N ARG D 148 31.77 -8.83 45.69
CA ARG D 148 31.39 -9.57 44.49
C ARG D 148 30.16 -8.94 43.75
N ARG D 149 30.19 -8.99 42.43
CA ARG D 149 29.18 -8.41 41.52
C ARG D 149 27.86 -9.20 41.53
N GLY D 150 26.75 -8.44 41.51
CA GLY D 150 25.39 -9.00 41.33
C GLY D 150 25.04 -9.26 39.87
N VAL D 151 24.83 -10.53 39.52
CA VAL D 151 24.61 -10.97 38.14
C VAL D 151 23.39 -11.87 38.06
N ALA D 152 23.40 -12.86 37.20
CA ALA D 152 22.18 -13.60 36.89
C ALA D 152 21.36 -14.24 38.06
N ASN D 153 21.95 -14.50 39.25
CA ASN D 153 21.20 -15.19 40.31
C ASN D 153 20.15 -14.24 40.85
N THR D 154 20.32 -12.96 40.53
CA THR D 154 19.30 -11.97 40.83
C THR D 154 17.98 -12.43 40.29
N VAL D 155 17.99 -12.97 39.06
CA VAL D 155 16.76 -13.38 38.39
C VAL D 155 16.09 -14.47 39.22
N LEU D 156 16.86 -15.48 39.61
CA LEU D 156 16.26 -16.60 40.31
C LEU D 156 15.70 -16.17 41.66
N ILE D 157 16.41 -15.26 42.31
CA ILE D 157 16.01 -14.76 43.60
C ILE D 157 14.73 -13.91 43.47
N GLU D 158 14.63 -13.13 42.40
CA GLU D 158 13.43 -12.33 42.18
C GLU D 158 12.20 -13.22 41.97
N LYS D 159 12.37 -14.33 41.27
CA LYS D 159 11.28 -15.32 41.09
C LYS D 159 10.80 -16.02 42.39
N LEU D 160 11.76 -16.56 43.15
CA LEU D 160 11.51 -17.22 44.44
C LEU D 160 10.95 -16.28 45.52
N VAL D 161 11.57 -15.11 45.67
CA VAL D 161 11.06 -14.12 46.61
C VAL D 161 9.70 -13.57 46.15
N GLY D 162 9.55 -13.38 44.83
CA GLY D 162 8.28 -13.03 44.19
C GLY D 162 7.16 -14.01 44.51
N ALA D 163 7.49 -15.30 44.48
CA ALA D 163 6.53 -16.36 44.77
C ALA D 163 6.12 -16.31 46.26
N ALA D 164 7.08 -16.03 47.13
CA ALA D 164 6.83 -15.93 48.55
C ALA D 164 5.95 -14.75 48.87
N ALA D 165 6.22 -13.62 48.22
CA ALA D 165 5.40 -12.44 48.44
C ALA D 165 3.97 -12.65 47.94
N GLU D 166 3.85 -13.26 46.76
CA GLU D 166 2.55 -13.53 46.16
C GLU D 166 1.72 -14.49 47.05
N ARG D 167 2.40 -15.43 47.72
CA ARG D 167 1.76 -16.38 48.64
C ARG D 167 1.21 -15.68 49.88
N GLY D 168 1.79 -14.52 50.22
CA GLY D 168 1.40 -13.78 51.42
C GLY D 168 2.41 -13.82 52.55
N ASP D 169 3.64 -14.26 52.27
CA ASP D 169 4.68 -14.21 53.30
C ASP D 169 4.97 -12.76 53.70
N SER D 170 5.38 -12.58 54.95
CA SER D 170 5.62 -11.25 55.52
C SER D 170 6.92 -10.66 54.94
N LEU D 171 7.14 -9.37 55.12
CA LEU D 171 8.35 -8.71 54.60
C LEU D 171 9.64 -9.35 55.16
N ASP D 172 9.65 -9.58 56.47
CA ASP D 172 10.73 -10.29 57.15
C ASP D 172 10.97 -11.65 56.54
N ALA D 173 9.88 -12.39 56.32
CA ALA D 173 10.02 -13.70 55.73
C ALA D 173 10.61 -13.58 54.33
N CYS D 174 10.20 -12.55 53.59
CA CYS D 174 10.62 -12.37 52.21
C CYS D 174 12.08 -11.94 52.14
N ALA D 175 12.48 -11.05 53.04
CA ALA D 175 13.87 -10.58 53.18
C ALA D 175 14.83 -11.72 53.63
N GLU D 176 14.42 -12.49 54.65
CA GLU D 176 15.26 -13.61 55.11
C GLU D 176 15.46 -14.64 54.00
N LEU D 177 14.38 -15.06 53.37
CA LEU D 177 14.50 -15.94 52.22
C LEU D 177 15.53 -15.42 51.20
N GLY D 178 15.32 -14.21 50.68
CA GLY D 178 16.18 -13.68 49.61
C GLY D 178 17.63 -13.64 50.04
N ARG D 179 17.85 -13.22 51.30
CA ARG D 179 19.17 -13.23 51.94
C ARG D 179 19.84 -14.60 52.06
N LYS D 180 19.06 -15.60 52.47
CA LYS D 180 19.50 -17.00 52.49
C LYS D 180 19.87 -17.50 51.09
N LEU D 181 18.98 -17.27 50.10
CA LEU D 181 19.27 -17.62 48.71
C LEU D 181 20.52 -16.92 48.17
N ASN D 182 20.69 -15.66 48.54
CA ASN D 182 21.89 -14.99 48.08
C ASN D 182 23.18 -15.71 48.55
N ASN D 183 23.11 -16.35 49.72
CA ASN D 183 24.24 -17.11 50.28
C ASN D 183 24.47 -18.48 49.71
N GLN D 184 23.51 -18.92 48.90
CA GLN D 184 23.50 -20.26 48.34
C GLN D 184 23.61 -20.28 46.81
N GLY D 185 23.83 -19.12 46.20
CA GLY D 185 23.83 -19.04 44.73
C GLY D 185 25.19 -18.61 44.16
N HIS D 186 25.60 -19.18 43.03
CA HIS D 186 26.96 -19.01 42.53
C HIS D 186 27.00 -18.79 41.02
N SER D 187 27.63 -17.71 40.55
CA SER D 187 27.68 -17.47 39.09
C SER D 187 29.06 -17.11 38.53
N ILE D 188 29.28 -17.53 37.30
CA ILE D 188 30.47 -17.13 36.55
C ILE D 188 30.08 -16.88 35.09
N GLY D 189 30.72 -15.91 34.44
CA GLY D 189 30.49 -15.63 33.02
C GLY D 189 31.78 -15.59 32.22
N ILE D 190 31.67 -15.92 30.94
CA ILE D 190 32.77 -15.74 29.97
C ILE D 190 32.25 -14.97 28.74
N ALA D 191 33.11 -14.10 28.20
CA ALA D 191 32.83 -13.39 26.97
C ALA D 191 33.87 -13.82 25.94
N LEU D 192 33.38 -14.19 24.75
CA LEU D 192 34.27 -14.44 23.62
C LEU D 192 34.36 -13.24 22.69
N GLY D 193 33.50 -12.25 22.90
CA GLY D 193 33.56 -10.97 22.17
C GLY D 193 32.94 -9.84 22.97
N LEU D 207 40.00 -8.75 22.62
CA LEU D 207 40.26 -10.18 22.53
C LEU D 207 40.90 -10.60 21.20
N ALA D 208 41.78 -11.59 21.28
CA ALA D 208 42.40 -12.17 20.09
C ALA D 208 41.60 -13.38 19.59
N ASP D 209 42.13 -14.05 18.57
CA ASP D 209 41.48 -15.23 17.98
C ASP D 209 41.51 -16.41 18.97
N ASN D 210 40.32 -16.94 19.28
CA ASN D 210 40.16 -18.08 20.19
C ASN D 210 40.60 -17.79 21.63
N GLU D 211 40.41 -16.54 22.05
CA GLU D 211 40.73 -16.10 23.39
C GLU D 211 39.43 -15.63 24.04
N MET D 212 39.21 -15.98 25.30
CA MET D 212 38.02 -15.49 26.02
C MET D 212 38.40 -14.69 27.23
N GLU D 213 37.48 -13.84 27.66
CA GLU D 213 37.63 -13.17 28.93
C GLU D 213 36.92 -14.02 29.98
N PHE D 214 37.71 -14.64 30.85
CA PHE D 214 37.21 -15.58 31.89
C PHE D 214 36.79 -14.90 33.20
N GLY D 215 35.53 -15.09 33.59
CA GLY D 215 34.97 -14.36 34.71
C GLY D 215 34.54 -12.91 34.45
N VAL D 216 33.96 -12.66 33.28
CA VAL D 216 33.52 -11.30 32.91
C VAL D 216 32.30 -10.87 33.73
N GLY D 217 32.12 -9.56 33.89
CA GLY D 217 30.92 -9.00 34.55
C GLY D 217 29.93 -8.48 33.50
N ILE D 218 28.68 -8.26 33.91
CA ILE D 218 27.59 -7.93 32.99
C ILE D 218 27.54 -6.48 32.52
N HIS D 219 28.56 -5.71 32.89
CA HIS D 219 28.74 -4.33 32.40
C HIS D 219 30.02 -4.13 31.59
N GLY D 220 30.62 -5.22 31.10
CA GLY D 220 31.90 -5.12 30.39
C GLY D 220 33.13 -5.23 31.28
N GLU D 221 32.94 -5.27 32.60
CA GLU D 221 34.09 -5.41 33.52
C GLU D 221 35.03 -6.57 33.13
N PRO D 222 36.36 -6.37 33.35
CA PRO D 222 37.29 -7.47 33.10
C PRO D 222 37.06 -8.65 34.03
N GLY D 223 37.58 -9.80 33.64
CA GLY D 223 37.48 -10.99 34.46
C GLY D 223 38.73 -11.28 35.26
N ILE D 224 38.88 -12.58 35.57
CA ILE D 224 40.05 -13.14 36.22
C ILE D 224 41.26 -12.95 35.30
N ASP D 225 41.11 -13.39 34.06
CA ASP D 225 42.10 -13.18 33.02
C ASP D 225 41.51 -13.31 31.61
N ARG D 226 42.37 -13.20 30.61
CA ARG D 226 42.10 -13.68 29.25
C ARG D 226 42.83 -15.00 29.12
N ARG D 227 42.19 -16.00 28.53
CA ARG D 227 42.82 -17.31 28.37
C ARG D 227 42.29 -17.95 27.09
N PRO D 228 42.90 -19.07 26.66
CA PRO D 228 42.45 -19.63 25.40
C PRO D 228 41.06 -20.24 25.52
N PHE D 229 40.33 -20.26 24.41
CA PHE D 229 39.12 -21.02 24.29
C PHE D 229 39.41 -22.20 23.37
N SER D 230 39.23 -23.40 23.89
CA SER D 230 39.55 -24.65 23.18
C SER D 230 38.28 -25.29 22.63
N SER D 231 37.30 -25.46 23.50
CA SER D 231 36.00 -25.98 23.12
C SER D 231 34.97 -25.51 24.13
N LEU D 232 33.69 -25.63 23.77
CA LEU D 232 32.62 -25.31 24.68
C LEU D 232 32.69 -26.19 25.92
N ASP D 233 32.86 -27.50 25.69
CA ASP D 233 33.02 -28.46 26.78
C ASP D 233 34.07 -28.05 27.84
N GLN D 234 35.25 -27.63 27.40
CA GLN D 234 36.35 -27.35 28.33
C GLN D 234 36.14 -26.03 29.02
N THR D 235 35.47 -25.12 28.32
CA THR D 235 35.17 -23.84 28.86
C THR D 235 34.18 -23.98 30.04
N VAL D 236 33.14 -24.79 29.84
CA VAL D 236 32.17 -25.12 30.89
C VAL D 236 32.84 -25.83 32.08
N ASP D 237 33.70 -26.81 31.81
CA ASP D 237 34.48 -27.47 32.87
C ASP D 237 35.18 -26.48 33.80
N GLU D 238 35.90 -25.52 33.20
CA GLU D 238 36.61 -24.56 34.02
C GLU D 238 35.70 -23.56 34.73
N MET D 239 34.58 -23.23 34.10
CA MET D 239 33.58 -22.40 34.78
C MET D 239 33.03 -23.16 35.99
N PHE D 240 32.71 -24.43 35.77
CA PHE D 240 32.15 -25.29 36.81
C PHE D 240 33.12 -25.43 37.99
N ASP D 241 34.37 -25.74 37.68
CA ASP D 241 35.47 -25.76 38.69
C ASP D 241 35.59 -24.48 39.46
N THR D 242 35.39 -23.35 38.79
CA THR D 242 35.53 -22.09 39.47
C THR D 242 34.35 -21.82 40.40
N LEU D 243 33.14 -22.18 39.98
CA LEU D 243 32.05 -22.12 40.94
C LEU D 243 32.50 -22.80 42.24
N LEU D 244 33.12 -23.99 42.09
CA LEU D 244 33.52 -24.79 43.25
C LEU D 244 34.71 -24.18 43.97
N VAL D 245 35.81 -23.92 43.25
CA VAL D 245 36.99 -23.33 43.88
C VAL D 245 36.74 -22.01 44.61
N ASN D 246 35.89 -21.16 44.03
CA ASN D 246 35.56 -19.84 44.59
C ASN D 246 34.26 -19.83 45.42
N GLY D 247 33.70 -21.00 45.64
CA GLY D 247 32.44 -21.14 46.32
C GLY D 247 32.42 -20.55 47.71
N SER D 248 33.56 -20.62 48.38
CA SER D 248 33.70 -20.13 49.75
C SER D 248 33.95 -18.63 49.81
N TYR D 249 33.09 -17.95 50.55
CA TYR D 249 33.18 -16.49 50.60
C TYR D 249 32.63 -15.94 51.92
N HIS D 250 33.43 -15.09 52.57
CA HIS D 250 33.00 -14.36 53.77
C HIS D 250 33.05 -12.84 53.51
N ARG D 251 32.05 -12.11 54.00
CA ARG D 251 32.01 -10.64 53.81
C ARG D 251 30.90 -10.04 54.63
N THR D 252 30.92 -8.72 54.69
CA THR D 252 29.94 -7.94 55.41
C THR D 252 28.92 -7.37 54.43
N LEU D 253 27.64 -7.60 54.73
CA LEU D 253 26.60 -6.97 53.95
C LEU D 253 25.83 -6.04 54.86
N ARG D 254 25.24 -5.03 54.26
CA ARG D 254 24.51 -4.01 54.98
C ARG D 254 23.03 -4.18 54.62
N PHE D 255 22.14 -4.18 55.61
CA PHE D 255 20.70 -4.25 55.34
C PHE D 255 19.98 -3.24 56.19
N TRP D 256 18.80 -2.79 55.74
CA TRP D 256 17.99 -1.88 56.52
C TRP D 256 17.21 -2.62 57.64
N ASP D 257 17.37 -2.13 58.87
CA ASP D 257 16.61 -2.62 60.02
C ASP D 257 15.46 -1.66 60.19
N TYR D 258 14.26 -2.05 59.78
CA TYR D 258 13.16 -1.10 59.85
C TYR D 258 12.62 -0.92 61.27
N GLN D 259 12.95 -1.87 62.15
CA GLN D 259 12.55 -1.76 63.54
C GLN D 259 13.41 -0.77 64.32
N GLN D 260 14.71 -0.76 64.07
CA GLN D 260 15.62 0.23 64.68
C GLN D 260 15.63 1.53 63.89
N GLY D 261 15.25 1.47 62.60
CA GLY D 261 15.41 2.60 61.70
C GLY D 261 16.87 2.88 61.39
N SER D 262 17.62 1.85 61.03
CA SER D 262 19.05 2.02 60.77
C SER D 262 19.65 0.95 59.89
N TRP D 263 20.78 1.30 59.30
CA TRP D 263 21.63 0.35 58.62
C TRP D 263 22.22 -0.61 59.62
N GLN D 264 22.20 -1.87 59.26
CA GLN D 264 22.72 -2.89 60.14
C GLN D 264 23.65 -3.73 59.32
N GLU D 265 24.87 -3.89 59.80
CA GLU D 265 25.84 -4.73 59.11
C GLU D 265 25.72 -6.15 59.62
N GLU D 266 25.98 -7.13 58.76
CA GLU D 266 25.94 -8.51 59.19
C GLU D 266 27.01 -9.32 58.48
N GLN D 267 27.82 -10.03 59.26
CA GLN D 267 28.82 -10.91 58.68
C GLN D 267 28.13 -12.15 58.14
N GLN D 268 28.36 -12.46 56.86
CA GLN D 268 27.85 -13.71 56.34
C GLN D 268 28.81 -14.47 55.47
N THR D 269 28.74 -15.79 55.60
CA THR D 269 29.62 -16.68 54.90
C THR D 269 28.81 -17.52 53.92
N LYS D 270 29.37 -17.72 52.74
CA LYS D 270 28.78 -18.64 51.79
C LYS D 270 29.60 -19.91 51.87
N GLN D 271 28.91 -21.04 51.85
CA GLN D 271 29.57 -22.32 51.71
C GLN D 271 29.60 -22.65 50.24
N PRO D 272 30.65 -23.35 49.76
CA PRO D 272 30.58 -23.88 48.39
C PRO D 272 29.44 -24.90 48.21
N LEU D 273 29.14 -25.21 46.96
CA LEU D 273 28.29 -26.32 46.62
C LEU D 273 29.05 -27.62 46.87
N GLN D 274 28.32 -28.65 47.30
CA GLN D 274 28.95 -29.91 47.64
C GLN D 274 28.00 -31.08 47.41
N SER D 275 28.61 -32.27 47.34
CA SER D 275 27.91 -33.49 47.02
C SER D 275 26.65 -33.57 47.87
N GLY D 276 25.56 -34.03 47.28
CA GLY D 276 24.29 -34.07 47.99
C GLY D 276 23.41 -32.83 47.83
N ASP D 277 23.96 -31.71 47.35
CA ASP D 277 23.17 -30.49 47.11
C ASP D 277 22.19 -30.68 45.94
N ARG D 278 20.99 -30.12 46.05
CA ARG D 278 20.09 -30.03 44.88
C ARG D 278 20.07 -28.59 44.41
N VAL D 279 20.01 -28.39 43.09
CA VAL D 279 20.14 -27.04 42.55
C VAL D 279 19.18 -26.67 41.43
N ILE D 280 19.00 -25.37 41.29
CA ILE D 280 18.44 -24.78 40.09
C ILE D 280 19.62 -24.22 39.27
N ALA D 281 19.65 -24.50 37.97
CA ALA D 281 20.70 -24.05 37.06
C ALA D 281 20.16 -23.05 36.06
N LEU D 282 20.86 -21.93 35.92
CA LEU D 282 20.58 -21.03 34.85
C LEU D 282 21.77 -20.95 33.90
N VAL D 283 21.54 -21.37 32.66
CA VAL D 283 22.45 -21.16 31.56
C VAL D 283 21.98 -19.93 30.79
N ASN D 284 22.74 -18.87 30.95
CA ASN D 284 22.30 -17.54 30.60
C ASN D 284 23.10 -16.95 29.40
N ASN D 285 22.36 -16.54 28.36
CA ASN D 285 22.96 -15.87 27.21
C ASN D 285 23.33 -14.45 27.55
N LEU D 286 24.63 -14.14 27.52
CA LEU D 286 25.03 -12.73 27.74
C LEU D 286 24.80 -11.85 26.50
N GLY D 287 24.33 -12.43 25.40
CA GLY D 287 23.73 -11.59 24.36
C GLY D 287 23.67 -12.03 22.91
N ALA D 288 24.71 -12.73 22.46
CA ALA D 288 24.83 -13.18 21.08
C ALA D 288 25.30 -14.64 20.98
N THR D 289 25.05 -15.44 22.01
CA THR D 289 25.34 -16.87 21.91
C THR D 289 24.10 -17.54 21.30
N PRO D 290 24.29 -18.35 20.25
CA PRO D 290 23.19 -19.13 19.67
C PRO D 290 22.56 -20.06 20.71
N LEU D 291 21.24 -20.24 20.65
CA LEU D 291 20.52 -21.06 21.66
C LEU D 291 20.95 -22.51 21.63
N SER D 292 21.30 -22.99 20.44
CA SER D 292 21.86 -24.31 20.27
C SER D 292 23.09 -24.51 21.17
N GLU D 293 23.98 -23.53 21.16
CA GLU D 293 25.17 -23.59 22.02
C GLU D 293 24.89 -23.65 23.52
N LEU D 294 23.89 -22.89 23.98
CA LEU D 294 23.46 -22.99 25.38
C LEU D 294 22.95 -24.39 25.76
N TYR D 295 22.43 -25.11 24.78
CA TYR D 295 21.95 -26.46 25.04
C TYR D 295 23.14 -27.39 25.19
N GLY D 296 24.20 -27.06 24.46
CA GLY D 296 25.47 -27.79 24.54
C GLY D 296 26.16 -27.49 25.85
N VAL D 297 26.06 -26.25 26.30
CA VAL D 297 26.55 -25.88 27.62
C VAL D 297 25.79 -26.68 28.71
N TYR D 298 24.46 -26.66 28.60
CA TYR D 298 23.63 -27.41 29.53
C TYR D 298 23.97 -28.92 29.53
N ASN D 299 24.20 -29.51 28.36
CA ASN D 299 24.68 -30.90 28.29
C ASN D 299 25.90 -31.20 29.21
N ARG D 300 26.91 -30.33 29.18
CA ARG D 300 28.14 -30.57 29.90
C ARG D 300 27.95 -30.22 31.35
N LEU D 301 27.15 -29.20 31.60
CA LEU D 301 26.91 -28.80 32.97
C LEU D 301 26.24 -29.95 33.76
N THR D 302 25.31 -30.63 33.11
CA THR D 302 24.58 -31.72 33.74
C THR D 302 25.55 -32.86 34.05
N THR D 303 26.43 -33.18 33.09
CA THR D 303 27.44 -34.21 33.26
C THR D 303 28.32 -33.93 34.45
N ARG D 304 28.75 -32.67 34.62
CA ARG D 304 29.67 -32.29 35.68
C ARG D 304 28.98 -32.21 37.03
N CYS D 305 27.74 -31.72 37.02
CA CYS D 305 26.94 -31.74 38.23
C CYS D 305 26.76 -33.21 38.69
N GLN D 306 26.39 -34.10 37.78
CA GLN D 306 26.17 -35.50 38.19
C GLN D 306 27.46 -36.12 38.76
N GLN D 307 28.59 -35.81 38.12
CA GLN D 307 29.89 -36.28 38.55
C GLN D 307 30.23 -35.79 39.94
N ALA D 308 29.68 -34.64 40.31
CA ALA D 308 29.96 -34.00 41.59
C ALA D 308 28.97 -34.40 42.68
N GLY D 309 27.97 -35.20 42.33
CA GLY D 309 26.85 -35.43 43.26
C GLY D 309 25.90 -34.26 43.46
N LEU D 310 25.83 -33.37 42.46
CA LEU D 310 24.87 -32.25 42.46
C LEU D 310 23.65 -32.60 41.62
N THR D 311 22.46 -32.46 42.19
CA THR D 311 21.24 -32.75 41.41
C THR D 311 20.62 -31.48 40.82
N ILE D 312 20.53 -31.39 39.51
CA ILE D 312 19.84 -30.25 38.89
C ILE D 312 18.33 -30.53 38.84
N GLU D 313 17.58 -29.85 39.71
CA GLU D 313 16.14 -30.11 39.81
C GLU D 313 15.31 -29.31 38.80
N ARG D 314 15.70 -28.06 38.55
CA ARG D 314 15.07 -27.16 37.58
C ARG D 314 16.14 -26.43 36.79
N ASN D 315 15.78 -26.01 35.59
CA ASN D 315 16.68 -25.20 34.78
C ASN D 315 15.95 -24.05 34.06
N LEU D 316 16.72 -23.01 33.71
CA LEU D 316 16.31 -21.97 32.76
C LEU D 316 17.44 -21.85 31.75
N ILE D 317 17.09 -21.88 30.46
CA ILE D 317 18.07 -21.74 29.38
C ILE D 317 17.59 -20.64 28.41
N GLY D 318 18.39 -19.58 28.30
CA GLY D 318 18.10 -18.49 27.36
C GLY D 318 18.70 -17.18 27.84
N ALA D 319 18.16 -16.06 27.36
CA ALA D 319 18.67 -14.72 27.69
C ALA D 319 17.91 -14.08 28.85
N TYR D 320 18.49 -14.13 30.05
CA TYR D 320 17.77 -13.71 31.25
C TYR D 320 18.46 -12.57 31.92
N CYS D 321 19.75 -12.43 31.61
CA CYS D 321 20.56 -11.34 32.14
C CYS D 321 21.69 -11.08 31.16
N THR D 322 21.52 -10.04 30.34
CA THR D 322 22.38 -9.87 29.16
C THR D 322 23.35 -8.73 29.40
N SER D 323 24.29 -8.55 28.47
CA SER D 323 25.26 -7.46 28.52
C SER D 323 25.34 -6.91 27.10
N LEU D 324 24.38 -6.04 26.80
CA LEU D 324 24.04 -5.67 25.42
C LEU D 324 24.05 -6.82 24.38
N ASP D 325 24.95 -6.74 23.39
CA ASP D 325 25.13 -7.81 22.42
C ASP D 325 26.46 -8.57 22.62
N MET D 326 26.96 -8.54 23.86
CA MET D 326 28.18 -9.27 24.22
C MET D 326 28.01 -10.73 23.85
N THR D 327 29.03 -11.29 23.21
CA THR D 327 29.07 -12.71 22.89
C THR D 327 29.67 -13.46 24.09
N GLY D 328 28.83 -14.20 24.77
CA GLY D 328 29.25 -14.94 25.94
C GLY D 328 28.06 -15.50 26.70
N PHE D 329 28.35 -16.28 27.73
CA PHE D 329 27.29 -16.85 28.53
C PHE D 329 27.76 -16.93 29.98
N SER D 330 26.82 -17.15 30.86
CA SER D 330 27.13 -17.31 32.25
C SER D 330 26.40 -18.56 32.76
N ILE D 331 26.91 -19.09 33.86
CA ILE D 331 26.30 -20.25 34.49
C ILE D 331 26.01 -19.85 35.91
N THR D 332 24.81 -20.18 36.39
CA THR D 332 24.43 -19.95 37.79
C THR D 332 23.88 -21.23 38.42
N LEU D 333 24.33 -21.56 39.63
CA LEU D 333 23.74 -22.68 40.32
C LEU D 333 23.27 -22.23 41.68
N LEU D 334 22.06 -22.63 42.03
CA LEU D 334 21.41 -22.15 43.24
C LEU D 334 20.90 -23.36 43.98
N LYS D 335 21.36 -23.49 45.23
CA LYS D 335 20.97 -24.57 46.14
C LYS D 335 19.54 -24.34 46.58
N VAL D 336 18.74 -25.40 46.51
CA VAL D 336 17.30 -25.39 46.79
C VAL D 336 16.95 -26.56 47.69
N ASP D 337 15.87 -26.42 48.46
CA ASP D 337 15.23 -27.56 49.06
C ASP D 337 13.80 -27.68 48.50
N ASP D 338 12.98 -28.57 49.06
CA ASP D 338 11.59 -28.77 48.62
C ASP D 338 10.74 -27.51 48.69
N GLU D 339 10.92 -26.76 49.77
CA GLU D 339 10.25 -25.48 50.00
C GLU D 339 10.53 -24.47 48.87
N THR D 340 11.79 -24.38 48.45
CA THR D 340 12.19 -23.45 47.41
C THR D 340 11.68 -23.90 46.04
N LEU D 341 11.67 -25.21 45.81
CA LEU D 341 11.16 -25.81 44.59
C LEU D 341 9.69 -25.53 44.41
N ALA D 342 8.94 -25.58 45.51
CA ALA D 342 7.52 -25.20 45.48
C ALA D 342 7.38 -23.72 45.12
N LEU D 343 8.29 -22.88 45.62
CA LEU D 343 8.31 -21.47 45.21
C LEU D 343 8.72 -21.26 43.76
N TRP D 344 9.60 -22.13 43.26
CA TRP D 344 10.01 -22.06 41.86
C TRP D 344 8.83 -22.34 40.99
N ASP D 345 8.11 -23.41 41.34
CA ASP D 345 7.06 -23.91 40.48
C ASP D 345 5.84 -22.98 40.48
N ALA D 346 5.76 -22.10 41.48
CA ALA D 346 4.60 -21.21 41.65
C ALA D 346 4.31 -20.36 40.41
N PRO D 347 3.04 -19.99 40.22
CA PRO D 347 2.74 -19.15 39.04
C PRO D 347 3.61 -17.88 38.94
N VAL D 348 4.00 -17.55 37.71
CA VAL D 348 4.63 -16.28 37.42
C VAL D 348 4.12 -15.78 36.05
N HIS D 349 3.74 -14.51 36.00
CA HIS D 349 3.24 -13.91 34.77
C HIS D 349 3.95 -12.59 34.46
N THR D 350 5.05 -12.68 33.73
CA THR D 350 5.86 -11.50 33.39
C THR D 350 6.19 -11.56 31.90
N PRO D 351 6.70 -10.46 31.32
CA PRO D 351 7.14 -10.56 29.92
C PRO D 351 8.20 -11.66 29.66
N ALA D 352 9.15 -11.86 30.55
CA ALA D 352 10.24 -12.82 30.29
C ALA D 352 10.02 -14.22 30.86
N LEU D 353 9.18 -14.30 31.89
CA LEU D 353 8.89 -15.58 32.58
C LEU D 353 7.40 -15.80 32.81
N ASN D 354 6.87 -16.88 32.29
CA ASN D 354 5.44 -17.12 32.38
C ASN D 354 5.10 -18.58 32.52
N TRP D 355 4.52 -18.93 33.67
CA TRP D 355 3.91 -20.26 33.87
C TRP D 355 2.90 -20.32 35.00
N GLY D 356 2.12 -21.40 35.03
CA GLY D 356 1.16 -21.64 36.10
C GLY D 356 -0.19 -21.04 35.84
N LYS D 357 -1.13 -21.31 36.74
CA LYS D 357 -2.47 -20.71 36.72
C LYS D 357 -2.38 -19.20 36.97
#